data_1J5U
# 
_entry.id   1J5U 
# 
_audit_conform.dict_name       mmcif_pdbx.dic 
_audit_conform.dict_version    5.398 
_audit_conform.dict_location   http://mmcif.pdb.org/dictionaries/ascii/mmcif_pdbx.dic 
# 
loop_
_database_2.database_id 
_database_2.database_code 
_database_2.pdbx_database_accession 
_database_2.pdbx_DOI 
PDB   1J5U         pdb_00001j5u 10.2210/pdb1j5u/pdb 
RCSB  RCSB001649   ?            ?                   
WWPDB D_1000001649 ?            ?                   
# 
loop_
_pdbx_audit_revision_history.ordinal 
_pdbx_audit_revision_history.data_content_type 
_pdbx_audit_revision_history.major_revision 
_pdbx_audit_revision_history.minor_revision 
_pdbx_audit_revision_history.revision_date 
1 'Structure model' 1 0 2002-07-31 
2 'Structure model' 1 1 2008-04-26 
3 'Structure model' 1 2 2011-07-13 
4 'Structure model' 1 3 2017-10-04 
5 'Structure model' 1 4 2018-07-18 
6 'Structure model' 1 5 2023-12-27 
7 'Structure model' 1 6 2024-11-13 
# 
_pdbx_audit_revision_details.ordinal             1 
_pdbx_audit_revision_details.revision_ordinal    1 
_pdbx_audit_revision_details.data_content_type   'Structure model' 
_pdbx_audit_revision_details.provider            repository 
_pdbx_audit_revision_details.type                'Initial release' 
_pdbx_audit_revision_details.description         ? 
_pdbx_audit_revision_details.details             ? 
# 
loop_
_pdbx_audit_revision_group.ordinal 
_pdbx_audit_revision_group.revision_ordinal 
_pdbx_audit_revision_group.data_content_type 
_pdbx_audit_revision_group.group 
1 2 'Structure model' 'Version format compliance' 
2 3 'Structure model' 'Version format compliance' 
3 4 'Structure model' 'Refinement description'    
4 5 'Structure model' 'Data collection'           
5 5 'Structure model' 'Database references'       
6 6 'Structure model' 'Data collection'           
7 6 'Structure model' 'Database references'       
8 6 'Structure model' 'Derived calculations'      
9 7 'Structure model' 'Structure summary'         
# 
loop_
_pdbx_audit_revision_category.ordinal 
_pdbx_audit_revision_category.revision_ordinal 
_pdbx_audit_revision_category.data_content_type 
_pdbx_audit_revision_category.category 
1  4 'Structure model' software                  
2  5 'Structure model' pdbx_database_related     
3  6 'Structure model' chem_comp_atom            
4  6 'Structure model' chem_comp_bond            
5  6 'Structure model' database_2                
6  6 'Structure model' pdbx_struct_conn_angle    
7  6 'Structure model' struct_conn               
8  6 'Structure model' struct_site               
9  7 'Structure model' pdbx_entry_details        
10 7 'Structure model' pdbx_modification_feature 
# 
loop_
_pdbx_audit_revision_item.ordinal 
_pdbx_audit_revision_item.revision_ordinal 
_pdbx_audit_revision_item.data_content_type 
_pdbx_audit_revision_item.item 
1  6 'Structure model' '_database_2.pdbx_DOI'                        
2  6 'Structure model' '_database_2.pdbx_database_accession'         
3  6 'Structure model' '_pdbx_struct_conn_angle.ptnr1_auth_comp_id'  
4  6 'Structure model' '_pdbx_struct_conn_angle.ptnr1_auth_seq_id'   
5  6 'Structure model' '_pdbx_struct_conn_angle.ptnr1_label_asym_id' 
6  6 'Structure model' '_pdbx_struct_conn_angle.ptnr1_label_atom_id' 
7  6 'Structure model' '_pdbx_struct_conn_angle.ptnr1_label_comp_id' 
8  6 'Structure model' '_pdbx_struct_conn_angle.ptnr1_label_seq_id'  
9  6 'Structure model' '_pdbx_struct_conn_angle.ptnr3_auth_comp_id'  
10 6 'Structure model' '_pdbx_struct_conn_angle.ptnr3_auth_seq_id'   
11 6 'Structure model' '_pdbx_struct_conn_angle.ptnr3_label_asym_id' 
12 6 'Structure model' '_pdbx_struct_conn_angle.ptnr3_label_atom_id' 
13 6 'Structure model' '_pdbx_struct_conn_angle.ptnr3_label_comp_id' 
14 6 'Structure model' '_pdbx_struct_conn_angle.ptnr3_label_seq_id'  
15 6 'Structure model' '_pdbx_struct_conn_angle.value'               
16 6 'Structure model' '_struct_conn.pdbx_dist_value'                
17 6 'Structure model' '_struct_conn.pdbx_leaving_atom_flag'         
18 6 'Structure model' '_struct_conn.ptnr1_auth_comp_id'             
19 6 'Structure model' '_struct_conn.ptnr1_auth_seq_id'              
20 6 'Structure model' '_struct_conn.ptnr1_label_asym_id'            
21 6 'Structure model' '_struct_conn.ptnr1_label_atom_id'            
22 6 'Structure model' '_struct_conn.ptnr1_label_comp_id'            
23 6 'Structure model' '_struct_conn.ptnr1_label_seq_id'             
24 6 'Structure model' '_struct_conn.ptnr2_auth_comp_id'             
25 6 'Structure model' '_struct_conn.ptnr2_auth_seq_id'              
26 6 'Structure model' '_struct_conn.ptnr2_label_asym_id'            
27 6 'Structure model' '_struct_conn.ptnr2_label_atom_id'            
28 6 'Structure model' '_struct_conn.ptnr2_label_comp_id'            
29 6 'Structure model' '_struct_conn.ptnr2_label_seq_id'             
30 6 'Structure model' '_struct_site.pdbx_auth_asym_id'              
31 6 'Structure model' '_struct_site.pdbx_auth_comp_id'              
32 6 'Structure model' '_struct_site.pdbx_auth_seq_id'               
# 
_pdbx_database_status.entry_id                        1J5U 
_pdbx_database_status.status_code                     REL 
_pdbx_database_status.deposit_site                    RCSB 
_pdbx_database_status.process_site                    RCSB 
_pdbx_database_status.recvd_initial_deposition_date   2002-07-03 
_pdbx_database_status.SG_entry                        Y 
_pdbx_database_status.status_code_sf                  REL 
_pdbx_database_status.pdb_format_compatible           Y 
_pdbx_database_status.status_code_mr                  ? 
_pdbx_database_status.status_code_cs                  ? 
_pdbx_database_status.methods_development_category    ? 
_pdbx_database_status.status_code_nmr_data            ? 
# 
_pdbx_database_related.db_name        TargetDB 
_pdbx_database_related.db_id          282950 
_pdbx_database_related.details        . 
_pdbx_database_related.content_type   unspecified 
# 
_audit_author.name           'Joint Center for Structural Genomics (JCSG)' 
_audit_author.pdbx_ordinal   1 
# 
_citation.id                        primary 
_citation.title                     
'Crystal structure of archease, possible chaperone (TM1083) from Thermotoga maritima at 2.0 A resolution' 
_citation.journal_abbrev            'To be published' 
_citation.journal_volume            ? 
_citation.page_first                ? 
_citation.page_last                 ? 
_citation.year                      ? 
_citation.journal_id_ASTM           ? 
_citation.country                   ? 
_citation.journal_id_ISSN           ? 
_citation.journal_id_CSD            0353 
_citation.book_publisher            ? 
_citation.pdbx_database_id_PubMed   ? 
_citation.pdbx_database_id_DOI      ? 
# 
_citation_author.citation_id        primary 
_citation_author.name               'Joint Center for Structural Genomics (JCSG)' 
_citation_author.ordinal            1 
_citation_author.identifier_ORCID   ? 
# 
loop_
_entity.id 
_entity.type 
_entity.src_method 
_entity.pdbx_description 
_entity.formula_weight 
_entity.pdbx_number_of_molecules 
_entity.pdbx_ec 
_entity.pdbx_mutation 
_entity.pdbx_fragment 
_entity.details 
1 polymer     man 'archease, possible chaperone' 16289.958 1   ? ? ? ? 
2 non-polymer syn 'CALCIUM ION'                  40.078    1   ? ? ? ? 
3 water       nat water                          18.015    118 ? ? ? ? 
# 
_entity_poly.entity_id                      1 
_entity_poly.type                           'polypeptide(L)' 
_entity_poly.nstd_linkage                   no 
_entity_poly.nstd_monomer                   yes 
_entity_poly.pdbx_seq_one_letter_code       
;(MSE)GSDKIHHHHHH(MSE)RKPIEHTADIAYEISGNSYEELLEEARNILLEEEGIVLDTEEKEK(MSE)YPLEETEDA
FFDTVNDWILEISKGWAPWRIKREGNELKVTFRKIRKKEGTEIKALTYHLLKFERDGDVLKTKVVFDT
;
_entity_poly.pdbx_seq_one_letter_code_can   
;MGSDKIHHHHHHMRKPIEHTADIAYEISGNSYEELLEEARNILLEEEGIVLDTEEKEKMYPLEETEDAFFDTVNDWILEI
SKGWAPWRIKREGNELKVTFRKIRKKEGTEIKALTYHLLKFERDGDVLKTKVVFDT
;
_entity_poly.pdbx_strand_id                 A 
_entity_poly.pdbx_target_identifier         282950 
# 
loop_
_pdbx_entity_nonpoly.entity_id 
_pdbx_entity_nonpoly.name 
_pdbx_entity_nonpoly.comp_id 
2 'CALCIUM ION' CA  
3 water         HOH 
# 
loop_
_entity_poly_seq.entity_id 
_entity_poly_seq.num 
_entity_poly_seq.mon_id 
_entity_poly_seq.hetero 
1 1   MSE n 
1 2   GLY n 
1 3   SER n 
1 4   ASP n 
1 5   LYS n 
1 6   ILE n 
1 7   HIS n 
1 8   HIS n 
1 9   HIS n 
1 10  HIS n 
1 11  HIS n 
1 12  HIS n 
1 13  MSE n 
1 14  ARG n 
1 15  LYS n 
1 16  PRO n 
1 17  ILE n 
1 18  GLU n 
1 19  HIS n 
1 20  THR n 
1 21  ALA n 
1 22  ASP n 
1 23  ILE n 
1 24  ALA n 
1 25  TYR n 
1 26  GLU n 
1 27  ILE n 
1 28  SER n 
1 29  GLY n 
1 30  ASN n 
1 31  SER n 
1 32  TYR n 
1 33  GLU n 
1 34  GLU n 
1 35  LEU n 
1 36  LEU n 
1 37  GLU n 
1 38  GLU n 
1 39  ALA n 
1 40  ARG n 
1 41  ASN n 
1 42  ILE n 
1 43  LEU n 
1 44  LEU n 
1 45  GLU n 
1 46  GLU n 
1 47  GLU n 
1 48  GLY n 
1 49  ILE n 
1 50  VAL n 
1 51  LEU n 
1 52  ASP n 
1 53  THR n 
1 54  GLU n 
1 55  GLU n 
1 56  LYS n 
1 57  GLU n 
1 58  LYS n 
1 59  MSE n 
1 60  TYR n 
1 61  PRO n 
1 62  LEU n 
1 63  GLU n 
1 64  GLU n 
1 65  THR n 
1 66  GLU n 
1 67  ASP n 
1 68  ALA n 
1 69  PHE n 
1 70  PHE n 
1 71  ASP n 
1 72  THR n 
1 73  VAL n 
1 74  ASN n 
1 75  ASP n 
1 76  TRP n 
1 77  ILE n 
1 78  LEU n 
1 79  GLU n 
1 80  ILE n 
1 81  SER n 
1 82  LYS n 
1 83  GLY n 
1 84  TRP n 
1 85  ALA n 
1 86  PRO n 
1 87  TRP n 
1 88  ARG n 
1 89  ILE n 
1 90  LYS n 
1 91  ARG n 
1 92  GLU n 
1 93  GLY n 
1 94  ASN n 
1 95  GLU n 
1 96  LEU n 
1 97  LYS n 
1 98  VAL n 
1 99  THR n 
1 100 PHE n 
1 101 ARG n 
1 102 LYS n 
1 103 ILE n 
1 104 ARG n 
1 105 LYS n 
1 106 LYS n 
1 107 GLU n 
1 108 GLY n 
1 109 THR n 
1 110 GLU n 
1 111 ILE n 
1 112 LYS n 
1 113 ALA n 
1 114 LEU n 
1 115 THR n 
1 116 TYR n 
1 117 HIS n 
1 118 LEU n 
1 119 LEU n 
1 120 LYS n 
1 121 PHE n 
1 122 GLU n 
1 123 ARG n 
1 124 ASP n 
1 125 GLY n 
1 126 ASP n 
1 127 VAL n 
1 128 LEU n 
1 129 LYS n 
1 130 THR n 
1 131 LYS n 
1 132 VAL n 
1 133 VAL n 
1 134 PHE n 
1 135 ASP n 
1 136 THR n 
# 
_entity_src_gen.entity_id                          1 
_entity_src_gen.pdbx_src_id                        1 
_entity_src_gen.pdbx_alt_source_flag               sample 
_entity_src_gen.pdbx_seq_type                      ? 
_entity_src_gen.pdbx_beg_seq_num                   ? 
_entity_src_gen.pdbx_end_seq_num                   ? 
_entity_src_gen.gene_src_common_name               ? 
_entity_src_gen.gene_src_genus                     Thermotoga 
_entity_src_gen.pdbx_gene_src_gene                 TM1083 
_entity_src_gen.gene_src_species                   ? 
_entity_src_gen.gene_src_strain                    ? 
_entity_src_gen.gene_src_tissue                    ? 
_entity_src_gen.gene_src_tissue_fraction           ? 
_entity_src_gen.gene_src_details                   ? 
_entity_src_gen.pdbx_gene_src_fragment             ? 
_entity_src_gen.pdbx_gene_src_scientific_name      'Thermotoga maritima' 
_entity_src_gen.pdbx_gene_src_ncbi_taxonomy_id     2336 
_entity_src_gen.pdbx_gene_src_variant              ? 
_entity_src_gen.pdbx_gene_src_cell_line            ? 
_entity_src_gen.pdbx_gene_src_atcc                 ? 
_entity_src_gen.pdbx_gene_src_organ                ? 
_entity_src_gen.pdbx_gene_src_organelle            ? 
_entity_src_gen.pdbx_gene_src_cell                 ? 
_entity_src_gen.pdbx_gene_src_cellular_location    ? 
_entity_src_gen.host_org_common_name               ? 
_entity_src_gen.pdbx_host_org_scientific_name      'Escherichia coli' 
_entity_src_gen.pdbx_host_org_ncbi_taxonomy_id     562 
_entity_src_gen.host_org_genus                     Escherichia 
_entity_src_gen.pdbx_host_org_gene                 ? 
_entity_src_gen.pdbx_host_org_organ                ? 
_entity_src_gen.host_org_species                   ? 
_entity_src_gen.pdbx_host_org_tissue               ? 
_entity_src_gen.pdbx_host_org_tissue_fraction      ? 
_entity_src_gen.pdbx_host_org_strain               ? 
_entity_src_gen.pdbx_host_org_variant              ? 
_entity_src_gen.pdbx_host_org_cell_line            ? 
_entity_src_gen.pdbx_host_org_atcc                 ? 
_entity_src_gen.pdbx_host_org_culture_collection   ? 
_entity_src_gen.pdbx_host_org_cell                 ? 
_entity_src_gen.pdbx_host_org_organelle            ? 
_entity_src_gen.pdbx_host_org_cellular_location    ? 
_entity_src_gen.pdbx_host_org_vector_type          ? 
_entity_src_gen.pdbx_host_org_vector               ? 
_entity_src_gen.host_org_details                   ? 
_entity_src_gen.expression_system_id               ? 
_entity_src_gen.plasmid_name                       ? 
_entity_src_gen.plasmid_details                    ? 
_entity_src_gen.pdbx_description                   ? 
# 
loop_
_chem_comp.id 
_chem_comp.type 
_chem_comp.mon_nstd_flag 
_chem_comp.name 
_chem_comp.pdbx_synonyms 
_chem_comp.formula 
_chem_comp.formula_weight 
ALA 'L-peptide linking' y ALANINE          ? 'C3 H7 N O2'     89.093  
ARG 'L-peptide linking' y ARGININE         ? 'C6 H15 N4 O2 1' 175.209 
ASN 'L-peptide linking' y ASPARAGINE       ? 'C4 H8 N2 O3'    132.118 
ASP 'L-peptide linking' y 'ASPARTIC ACID'  ? 'C4 H7 N O4'     133.103 
CA  non-polymer         . 'CALCIUM ION'    ? 'Ca 2'           40.078  
GLU 'L-peptide linking' y 'GLUTAMIC ACID'  ? 'C5 H9 N O4'     147.129 
GLY 'peptide linking'   y GLYCINE          ? 'C2 H5 N O2'     75.067  
HIS 'L-peptide linking' y HISTIDINE        ? 'C6 H10 N3 O2 1' 156.162 
HOH non-polymer         . WATER            ? 'H2 O'           18.015  
ILE 'L-peptide linking' y ISOLEUCINE       ? 'C6 H13 N O2'    131.173 
LEU 'L-peptide linking' y LEUCINE          ? 'C6 H13 N O2'    131.173 
LYS 'L-peptide linking' y LYSINE           ? 'C6 H15 N2 O2 1' 147.195 
MSE 'L-peptide linking' n SELENOMETHIONINE ? 'C5 H11 N O2 Se' 196.106 
PHE 'L-peptide linking' y PHENYLALANINE    ? 'C9 H11 N O2'    165.189 
PRO 'L-peptide linking' y PROLINE          ? 'C5 H9 N O2'     115.130 
SER 'L-peptide linking' y SERINE           ? 'C3 H7 N O3'     105.093 
THR 'L-peptide linking' y THREONINE        ? 'C4 H9 N O3'     119.119 
TRP 'L-peptide linking' y TRYPTOPHAN       ? 'C11 H12 N2 O2'  204.225 
TYR 'L-peptide linking' y TYROSINE         ? 'C9 H11 N O3'    181.189 
VAL 'L-peptide linking' y VALINE           ? 'C5 H11 N O2'    117.146 
# 
loop_
_pdbx_poly_seq_scheme.asym_id 
_pdbx_poly_seq_scheme.entity_id 
_pdbx_poly_seq_scheme.seq_id 
_pdbx_poly_seq_scheme.mon_id 
_pdbx_poly_seq_scheme.ndb_seq_num 
_pdbx_poly_seq_scheme.pdb_seq_num 
_pdbx_poly_seq_scheme.auth_seq_num 
_pdbx_poly_seq_scheme.pdb_mon_id 
_pdbx_poly_seq_scheme.auth_mon_id 
_pdbx_poly_seq_scheme.pdb_strand_id 
_pdbx_poly_seq_scheme.pdb_ins_code 
_pdbx_poly_seq_scheme.hetero 
A 1 1   MSE 1   -5  ?   ?   ?   A . n 
A 1 2   GLY 2   -4  ?   ?   ?   A . n 
A 1 3   SER 3   -3  ?   ?   ?   A . n 
A 1 4   ASP 4   -2  ?   ?   ?   A . n 
A 1 5   LYS 5   -1  ?   ?   ?   A . n 
A 1 6   ILE 6   0   ?   ?   ?   A . n 
A 1 7   HIS 7   1   ?   ?   ?   A . n 
A 1 8   HIS 8   2   ?   ?   ?   A . n 
A 1 9   HIS 9   3   ?   ?   ?   A . n 
A 1 10  HIS 10  4   4   HIS HIS A . n 
A 1 11  HIS 11  5   5   HIS HIS A . n 
A 1 12  HIS 12  6   6   HIS HIS A . n 
A 1 13  MSE 13  7   7   MSE MSE A . n 
A 1 14  ARG 14  8   8   ARG ARG A . n 
A 1 15  LYS 15  9   9   LYS LYS A . n 
A 1 16  PRO 16  10  10  PRO PRO A . n 
A 1 17  ILE 17  11  11  ILE ILE A . n 
A 1 18  GLU 18  12  12  GLU GLU A . n 
A 1 19  HIS 19  13  13  HIS HIS A . n 
A 1 20  THR 20  14  14  THR THR A . n 
A 1 21  ALA 21  15  15  ALA ALA A . n 
A 1 22  ASP 22  16  16  ASP ASP A . n 
A 1 23  ILE 23  17  17  ILE ILE A . n 
A 1 24  ALA 24  18  18  ALA ALA A . n 
A 1 25  TYR 25  19  19  TYR TYR A . n 
A 1 26  GLU 26  20  20  GLU GLU A . n 
A 1 27  ILE 27  21  21  ILE ILE A . n 
A 1 28  SER 28  22  22  SER SER A . n 
A 1 29  GLY 29  23  23  GLY GLY A . n 
A 1 30  ASN 30  24  24  ASN ASN A . n 
A 1 31  SER 31  25  25  SER SER A . n 
A 1 32  TYR 32  26  26  TYR TYR A . n 
A 1 33  GLU 33  27  27  GLU GLU A . n 
A 1 34  GLU 34  28  28  GLU GLU A . n 
A 1 35  LEU 35  29  29  LEU LEU A . n 
A 1 36  LEU 36  30  30  LEU LEU A . n 
A 1 37  GLU 37  31  31  GLU GLU A . n 
A 1 38  GLU 38  32  32  GLU GLU A . n 
A 1 39  ALA 39  33  33  ALA ALA A . n 
A 1 40  ARG 40  34  34  ARG ARG A . n 
A 1 41  ASN 41  35  35  ASN ASN A . n 
A 1 42  ILE 42  36  36  ILE ILE A . n 
A 1 43  LEU 43  37  37  LEU LEU A . n 
A 1 44  LEU 44  38  38  LEU LEU A . n 
A 1 45  GLU 45  39  39  GLU GLU A . n 
A 1 46  GLU 46  40  40  GLU GLU A . n 
A 1 47  GLU 47  41  41  GLU GLU A . n 
A 1 48  GLY 48  42  42  GLY GLY A . n 
A 1 49  ILE 49  43  43  ILE ILE A . n 
A 1 50  VAL 50  44  44  VAL VAL A . n 
A 1 51  LEU 51  45  45  LEU LEU A . n 
A 1 52  ASP 52  46  46  ASP ASP A . n 
A 1 53  THR 53  47  47  THR THR A . n 
A 1 54  GLU 54  48  48  GLU GLU A . n 
A 1 55  GLU 55  49  49  GLU GLU A . n 
A 1 56  LYS 56  50  50  LYS LYS A . n 
A 1 57  GLU 57  51  51  GLU GLU A . n 
A 1 58  LYS 58  52  52  LYS LYS A . n 
A 1 59  MSE 59  53  53  MSE MSE A . n 
A 1 60  TYR 60  54  54  TYR TYR A . n 
A 1 61  PRO 61  55  55  PRO PRO A . n 
A 1 62  LEU 62  56  56  LEU LEU A . n 
A 1 63  GLU 63  57  57  GLU GLU A . n 
A 1 64  GLU 64  58  58  GLU GLU A . n 
A 1 65  THR 65  59  59  THR THR A . n 
A 1 66  GLU 66  60  60  GLU GLU A . n 
A 1 67  ASP 67  61  61  ASP ASP A . n 
A 1 68  ALA 68  62  62  ALA ALA A . n 
A 1 69  PHE 69  63  63  PHE PHE A . n 
A 1 70  PHE 70  64  64  PHE PHE A . n 
A 1 71  ASP 71  65  65  ASP ASP A . n 
A 1 72  THR 72  66  66  THR THR A . n 
A 1 73  VAL 73  67  67  VAL VAL A . n 
A 1 74  ASN 74  68  68  ASN ASN A . n 
A 1 75  ASP 75  69  69  ASP ASP A . n 
A 1 76  TRP 76  70  70  TRP TRP A . n 
A 1 77  ILE 77  71  71  ILE ILE A . n 
A 1 78  LEU 78  72  72  LEU LEU A . n 
A 1 79  GLU 79  73  73  GLU GLU A . n 
A 1 80  ILE 80  74  74  ILE ILE A . n 
A 1 81  SER 81  75  75  SER SER A . n 
A 1 82  LYS 82  76  76  LYS LYS A . n 
A 1 83  GLY 83  77  77  GLY GLY A . n 
A 1 84  TRP 84  78  78  TRP TRP A . n 
A 1 85  ALA 85  79  79  ALA ALA A . n 
A 1 86  PRO 86  80  80  PRO PRO A . n 
A 1 87  TRP 87  81  81  TRP TRP A . n 
A 1 88  ARG 88  82  82  ARG ARG A . n 
A 1 89  ILE 89  83  83  ILE ILE A . n 
A 1 90  LYS 90  84  84  LYS LYS A . n 
A 1 91  ARG 91  85  85  ARG ARG A . n 
A 1 92  GLU 92  86  86  GLU GLU A . n 
A 1 93  GLY 93  87  87  GLY GLY A . n 
A 1 94  ASN 94  88  88  ASN ASN A . n 
A 1 95  GLU 95  89  89  GLU GLU A . n 
A 1 96  LEU 96  90  90  LEU LEU A . n 
A 1 97  LYS 97  91  91  LYS LYS A . n 
A 1 98  VAL 98  92  92  VAL VAL A . n 
A 1 99  THR 99  93  93  THR THR A . n 
A 1 100 PHE 100 94  94  PHE PHE A . n 
A 1 101 ARG 101 95  95  ARG ARG A . n 
A 1 102 LYS 102 96  96  LYS LYS A . n 
A 1 103 ILE 103 97  97  ILE ILE A . n 
A 1 104 ARG 104 98  98  ARG ARG A . n 
A 1 105 LYS 105 99  99  LYS LYS A . n 
A 1 106 LYS 106 100 100 LYS LYS A . n 
A 1 107 GLU 107 101 101 GLU GLU A . n 
A 1 108 GLY 108 102 102 GLY GLY A . n 
A 1 109 THR 109 103 103 THR THR A . n 
A 1 110 GLU 110 104 104 GLU GLU A . n 
A 1 111 ILE 111 105 105 ILE ILE A . n 
A 1 112 LYS 112 106 106 LYS LYS A . n 
A 1 113 ALA 113 107 107 ALA ALA A . n 
A 1 114 LEU 114 108 108 LEU LEU A . n 
A 1 115 THR 115 109 109 THR THR A . n 
A 1 116 TYR 116 110 110 TYR TYR A . n 
A 1 117 HIS 117 111 111 HIS HIS A . n 
A 1 118 LEU 118 112 112 LEU LEU A . n 
A 1 119 LEU 119 113 113 LEU LEU A . n 
A 1 120 LYS 120 114 114 LYS LYS A . n 
A 1 121 PHE 121 115 115 PHE PHE A . n 
A 1 122 GLU 122 116 116 GLU GLU A . n 
A 1 123 ARG 123 117 117 ARG ARG A . n 
A 1 124 ASP 124 118 118 ASP ASP A . n 
A 1 125 GLY 125 119 119 GLY GLY A . n 
A 1 126 ASP 126 120 120 ASP ASP A . n 
A 1 127 VAL 127 121 121 VAL VAL A . n 
A 1 128 LEU 128 122 122 LEU LEU A . n 
A 1 129 LYS 129 123 123 LYS LYS A . n 
A 1 130 THR 130 124 124 THR THR A . n 
A 1 131 LYS 131 125 125 LYS LYS A . n 
A 1 132 VAL 132 126 126 VAL VAL A . n 
A 1 133 VAL 133 127 127 VAL VAL A . n 
A 1 134 PHE 134 128 128 PHE PHE A . n 
A 1 135 ASP 135 129 129 ASP ASP A . n 
A 1 136 THR 136 130 130 THR THR A . n 
# 
loop_
_pdbx_nonpoly_scheme.asym_id 
_pdbx_nonpoly_scheme.entity_id 
_pdbx_nonpoly_scheme.mon_id 
_pdbx_nonpoly_scheme.ndb_seq_num 
_pdbx_nonpoly_scheme.pdb_seq_num 
_pdbx_nonpoly_scheme.auth_seq_num 
_pdbx_nonpoly_scheme.pdb_mon_id 
_pdbx_nonpoly_scheme.auth_mon_id 
_pdbx_nonpoly_scheme.pdb_strand_id 
_pdbx_nonpoly_scheme.pdb_ins_code 
B 2 CA  1   301 1   CA  CA  A . 
C 3 HOH 1   302 2   HOH HOH A . 
C 3 HOH 2   303 5   HOH HOH A . 
C 3 HOH 3   304 6   HOH HOH A . 
C 3 HOH 4   305 7   HOH HOH A . 
C 3 HOH 5   306 8   HOH HOH A . 
C 3 HOH 6   307 10  HOH HOH A . 
C 3 HOH 7   308 11  HOH HOH A . 
C 3 HOH 8   309 12  HOH HOH A . 
C 3 HOH 9   310 14  HOH HOH A . 
C 3 HOH 10  311 15  HOH HOH A . 
C 3 HOH 11  312 16  HOH HOH A . 
C 3 HOH 12  313 17  HOH HOH A . 
C 3 HOH 13  314 18  HOH HOH A . 
C 3 HOH 14  315 19  HOH HOH A . 
C 3 HOH 15  316 20  HOH HOH A . 
C 3 HOH 16  317 21  HOH HOH A . 
C 3 HOH 17  318 22  HOH HOH A . 
C 3 HOH 18  319 23  HOH HOH A . 
C 3 HOH 19  320 24  HOH HOH A . 
C 3 HOH 20  321 25  HOH HOH A . 
C 3 HOH 21  322 26  HOH HOH A . 
C 3 HOH 22  323 27  HOH HOH A . 
C 3 HOH 23  324 30  HOH HOH A . 
C 3 HOH 24  325 31  HOH HOH A . 
C 3 HOH 25  326 33  HOH HOH A . 
C 3 HOH 26  327 34  HOH HOH A . 
C 3 HOH 27  328 35  HOH HOH A . 
C 3 HOH 28  329 36  HOH HOH A . 
C 3 HOH 29  330 37  HOH HOH A . 
C 3 HOH 30  331 38  HOH HOH A . 
C 3 HOH 31  332 39  HOH HOH A . 
C 3 HOH 32  333 40  HOH HOH A . 
C 3 HOH 33  334 41  HOH HOH A . 
C 3 HOH 34  335 42  HOH HOH A . 
C 3 HOH 35  336 44  HOH HOH A . 
C 3 HOH 36  337 45  HOH HOH A . 
C 3 HOH 37  338 46  HOH HOH A . 
C 3 HOH 38  339 48  HOH HOH A . 
C 3 HOH 39  340 49  HOH HOH A . 
C 3 HOH 40  341 50  HOH HOH A . 
C 3 HOH 41  342 51  HOH HOH A . 
C 3 HOH 42  343 52  HOH HOH A . 
C 3 HOH 43  344 53  HOH HOH A . 
C 3 HOH 44  345 54  HOH HOH A . 
C 3 HOH 45  346 55  HOH HOH A . 
C 3 HOH 46  347 56  HOH HOH A . 
C 3 HOH 47  348 57  HOH HOH A . 
C 3 HOH 48  349 58  HOH HOH A . 
C 3 HOH 49  350 59  HOH HOH A . 
C 3 HOH 50  351 61  HOH HOH A . 
C 3 HOH 51  352 62  HOH HOH A . 
C 3 HOH 52  353 63  HOH HOH A . 
C 3 HOH 53  354 64  HOH HOH A . 
C 3 HOH 54  355 65  HOH HOH A . 
C 3 HOH 55  356 66  HOH HOH A . 
C 3 HOH 56  357 67  HOH HOH A . 
C 3 HOH 57  358 71  HOH HOH A . 
C 3 HOH 58  359 72  HOH HOH A . 
C 3 HOH 59  360 74  HOH HOH A . 
C 3 HOH 60  361 75  HOH HOH A . 
C 3 HOH 61  362 78  HOH HOH A . 
C 3 HOH 62  363 79  HOH HOH A . 
C 3 HOH 63  364 80  HOH HOH A . 
C 3 HOH 64  365 81  HOH HOH A . 
C 3 HOH 65  366 83  HOH HOH A . 
C 3 HOH 66  367 85  HOH HOH A . 
C 3 HOH 67  368 86  HOH HOH A . 
C 3 HOH 68  369 87  HOH HOH A . 
C 3 HOH 69  370 88  HOH HOH A . 
C 3 HOH 70  371 89  HOH HOH A . 
C 3 HOH 71  372 90  HOH HOH A . 
C 3 HOH 72  373 91  HOH HOH A . 
C 3 HOH 73  374 95  HOH HOH A . 
C 3 HOH 74  375 96  HOH HOH A . 
C 3 HOH 75  376 97  HOH HOH A . 
C 3 HOH 76  377 100 HOH HOH A . 
C 3 HOH 77  378 101 HOH HOH A . 
C 3 HOH 78  379 102 HOH HOH A . 
C 3 HOH 79  380 103 HOH HOH A . 
C 3 HOH 80  381 104 HOH HOH A . 
C 3 HOH 81  382 105 HOH HOH A . 
C 3 HOH 82  383 106 HOH HOH A . 
C 3 HOH 83  384 110 HOH HOH A . 
C 3 HOH 84  385 111 HOH HOH A . 
C 3 HOH 85  386 114 HOH HOH A . 
C 3 HOH 86  387 117 HOH HOH A . 
C 3 HOH 87  388 119 HOH HOH A . 
C 3 HOH 88  389 123 HOH HOH A . 
C 3 HOH 89  390 126 HOH HOH A . 
C 3 HOH 90  391 127 HOH HOH A . 
C 3 HOH 91  392 128 HOH HOH A . 
C 3 HOH 92  393 130 HOH HOH A . 
C 3 HOH 93  394 134 HOH HOH A . 
C 3 HOH 94  395 135 HOH HOH A . 
C 3 HOH 95  396 136 HOH HOH A . 
C 3 HOH 96  397 138 HOH HOH A . 
C 3 HOH 97  398 142 HOH HOH A . 
C 3 HOH 98  399 146 HOH HOH A . 
C 3 HOH 99  400 150 HOH HOH A . 
C 3 HOH 100 401 153 HOH HOH A . 
C 3 HOH 101 402 173 HOH HOH A . 
C 3 HOH 102 403 215 HOH HOH A . 
C 3 HOH 103 404 217 HOH HOH A . 
C 3 HOH 104 405 218 HOH HOH A . 
C 3 HOH 105 406 219 HOH HOH A . 
C 3 HOH 106 407 220 HOH HOH A . 
C 3 HOH 107 408 221 HOH HOH A . 
C 3 HOH 108 409 222 HOH HOH A . 
C 3 HOH 109 410 223 HOH HOH A . 
C 3 HOH 110 411 224 HOH HOH A . 
C 3 HOH 111 412 226 HOH HOH A . 
C 3 HOH 112 413 227 HOH HOH A . 
C 3 HOH 113 414 228 HOH HOH A . 
C 3 HOH 114 415 229 HOH HOH A . 
C 3 HOH 115 416 230 HOH HOH A . 
C 3 HOH 116 417 231 HOH HOH A . 
C 3 HOH 117 418 232 HOH HOH A . 
C 3 HOH 118 419 233 HOH HOH A . 
# 
loop_
_software.name 
_software.classification 
_software.version 
_software.citation_id 
_software.pdbx_ordinal 
MOSFLM  'data reduction' .         ? 1  
SCALA   'data scaling'   .         ? 2  
CCP4    'data reduction' .         ? 3  
CCP4    'model building' .         ? 4  
SOLVE   phasing          .         ? 5  
RESOLVE 'model building' .         ? 6  
CNS     refinement       1.0       ? 7  
CCP4    'data scaling'   '(SCALA)' ? 8  
CCP4    phasing          .         ? 9  
RESOLVE phasing          .         ? 10 
# 
_cell.length_a           105.28 
_cell.length_b           105.28 
_cell.length_c           105.28 
_cell.angle_alpha        90 
_cell.angle_beta         90 
_cell.angle_gamma        90 
_cell.entry_id           1J5U 
_cell.pdbx_unique_axis   ? 
_cell.Z_PDB              24 
# 
_symmetry.space_group_name_H-M             'P 43 3 2' 
_symmetry.entry_id                         1J5U 
_symmetry.pdbx_full_space_group_name_H-M   ? 
_symmetry.Int_Tables_number                212 
_symmetry.cell_setting                     ? 
_symmetry.space_group_name_Hall            ? 
# 
_exptl.crystals_number   1 
_exptl.method            'X-RAY DIFFRACTION' 
_exptl.entry_id          1J5U 
# 
_exptl_crystal.id                    1 
_exptl_crystal.density_meas          ? 
_exptl_crystal.density_Matthews      2.93 
_exptl_crystal.density_percent_sol   57.74 
_exptl_crystal.description           ? 
_exptl_crystal.F_000                 ? 
_exptl_crystal.preparation           ? 
# 
_exptl_crystal_grow.crystal_id      1 
_exptl_crystal_grow.method          ? 
_exptl_crystal_grow.temp            293 
_exptl_crystal_grow.temp_details    ? 
_exptl_crystal_grow.pH              4.60 
_exptl_crystal_grow.pdbx_details    
;0.14 M CaCl2; 14 % isoprop; 0.07 M Acetate pH 4.6, 30 % Glycerol, VAPOR DIFFUSION, SITTING DROP, NANODROP, temperature 293K, pH 4.60
;
_exptl_crystal_grow.pdbx_pH_range   . 
# 
_diffrn.id                     1 
_diffrn.ambient_temp           100.0 
_diffrn.ambient_temp_details   ? 
_diffrn.crystal_id             1 
# 
_diffrn_detector.diffrn_id              1 
_diffrn_detector.detector               CCD 
_diffrn_detector.type                   'ADSC QUANTUM 315' 
_diffrn_detector.pdbx_collection_date   2002-02-27 
_diffrn_detector.details                ? 
# 
_diffrn_radiation.diffrn_id                        1 
_diffrn_radiation.wavelength_id                    1 
_diffrn_radiation.pdbx_monochromatic_or_laue_m_l   M 
_diffrn_radiation.monochromator                    'DOUBLE CRYSTAL MONOCHROMATOR' 
_diffrn_radiation.pdbx_diffrn_protocol             MAD 
_diffrn_radiation.pdbx_scattering_type             x-ray 
# 
loop_
_diffrn_radiation_wavelength.id 
_diffrn_radiation_wavelength.wavelength 
_diffrn_radiation_wavelength.wt 
1 0.925223 1.0 
2 0.978645 1.0 
3 0.979029 1.0 
# 
_diffrn_source.diffrn_id                   1 
_diffrn_source.source                      SYNCHROTRON 
_diffrn_source.type                        'SSRL BEAMLINE BL9-2' 
_diffrn_source.pdbx_synchrotron_site       SSRL 
_diffrn_source.pdbx_synchrotron_beamline   BL9-2 
_diffrn_source.pdbx_wavelength             ? 
_diffrn_source.pdbx_wavelength_list        '0.925223, 0.978645, 0.979029' 
# 
_reflns.entry_id                     1J5U 
_reflns.observed_criterion_sigma_I   ? 
_reflns.observed_criterion_sigma_F   ? 
_reflns.d_resolution_low             35.176 
_reflns.d_resolution_high            2.000 
_reflns.number_obs                   13851 
_reflns.number_all                   ? 
_reflns.percent_possible_obs         99.3 
_reflns.pdbx_Rmerge_I_obs            ? 
_reflns.pdbx_Rsym_value              0.071 
_reflns.pdbx_netI_over_sigmaI        16.8000 
_reflns.B_iso_Wilson_estimate        32.50 
_reflns.pdbx_redundancy              5.100 
_reflns.R_free_details               ? 
_reflns.limit_h_max                  ? 
_reflns.limit_h_min                  ? 
_reflns.limit_k_max                  ? 
_reflns.limit_k_min                  ? 
_reflns.limit_l_max                  ? 
_reflns.limit_l_min                  ? 
_reflns.observed_criterion_F_max     ? 
_reflns.observed_criterion_F_min     ? 
_reflns.pdbx_chi_squared             ? 
_reflns.pdbx_scaling_rejects         ? 
_reflns.pdbx_diffrn_id               1 
_reflns.pdbx_ordinal                 1 
# 
_reflns_shell.d_res_high             2.00 
_reflns_shell.d_res_low              2.11 
_reflns_shell.percent_possible_all   98.4 
_reflns_shell.Rmerge_I_obs           ? 
_reflns_shell.pdbx_Rsym_value        0.277 
_reflns_shell.meanI_over_sigI_obs    4.9 
_reflns_shell.pdbx_redundancy        4.00 
_reflns_shell.percent_possible_obs   ? 
_reflns_shell.number_unique_all      ? 
_reflns_shell.number_measured_all    ? 
_reflns_shell.number_measured_obs    ? 
_reflns_shell.number_unique_obs      ? 
_reflns_shell.pdbx_chi_squared       ? 
_reflns_shell.pdbx_diffrn_id         ? 
_reflns_shell.pdbx_ordinal           1 
# 
_refine.entry_id                                 1J5U 
_refine.ls_number_reflns_obs                     13430 
_refine.ls_number_reflns_all                     13890 
_refine.pdbx_ls_sigma_I                          ? 
_refine.pdbx_ls_sigma_F                          2.000 
_refine.pdbx_data_cutoff_high_absF               ? 
_refine.pdbx_data_cutoff_low_absF                ? 
_refine.pdbx_data_cutoff_high_rms_absF           ? 
_refine.ls_d_res_low                             35.09 
_refine.ls_d_res_high                            2.00 
_refine.ls_percent_reflns_obs                    99.0 
_refine.ls_R_factor_obs                          0.212 
_refine.ls_R_factor_all                          ? 
_refine.ls_R_factor_R_work                       0.212 
_refine.ls_R_factor_R_free                       0.271 
_refine.ls_R_factor_R_free_error                 ? 
_refine.ls_R_factor_R_free_error_details         ? 
_refine.ls_percent_reflns_R_free                 4.8 
_refine.ls_number_reflns_R_free                  674 
_refine.ls_number_parameters                     ? 
_refine.ls_number_restraints                     ? 
_refine.occupancy_min                            ? 
_refine.occupancy_max                            ? 
_refine.correlation_coeff_Fo_to_Fc               ? 
_refine.correlation_coeff_Fo_to_Fc_free          ? 
_refine.B_iso_mean                               24.3 
_refine.aniso_B[1][1]                            0.00000 
_refine.aniso_B[2][2]                            0.00000 
_refine.aniso_B[3][3]                            0.00000 
_refine.aniso_B[1][2]                            0.00000 
_refine.aniso_B[1][3]                            0.00000 
_refine.aniso_B[2][3]                            0.00000 
_refine.solvent_model_details                    'BULK SOLVENT CORRECTION' 
_refine.solvent_model_param_ksol                 0.36 
_refine.solvent_model_param_bsol                 36.80 
_refine.pdbx_solvent_vdw_probe_radii             ? 
_refine.pdbx_solvent_ion_probe_radii             ? 
_refine.pdbx_solvent_shrinkage_radii             ? 
_refine.pdbx_ls_cross_valid_method               THROUGHOUT 
_refine.details                                  
;SOME DENSITY PRESENT FOR THE FIRST 3 RESIDUES IN THE HISTIDINE TAG, BUT TOO WEAK TO INTERPRET. THE PACKING OF THE HISTIDINE TAG HAS DISRUPTED THE CONFORMATION OF THE FIRST 7 RESIDUES AT THE N TERMINUS.
;
_refine.pdbx_starting_model                      ? 
_refine.pdbx_method_to_determine_struct          MAD 
_refine.pdbx_isotropic_thermal_model             ? 
_refine.pdbx_stereochemistry_target_values       'STANDARD CNS DICTIONARY/ENGH AND HUBER' 
_refine.pdbx_stereochem_target_val_spec_case     ? 
_refine.pdbx_R_Free_selection_details            RANDOM 
_refine.pdbx_overall_ESU_R                       ? 
_refine.pdbx_overall_ESU_R_Free                  ? 
_refine.overall_SU_ML                            ? 
_refine.overall_SU_B                             ? 
_refine.ls_redundancy_reflns_obs                 ? 
_refine.B_iso_min                                ? 
_refine.B_iso_max                                ? 
_refine.overall_SU_R_Cruickshank_DPI             ? 
_refine.overall_SU_R_free                        ? 
_refine.ls_wR_factor_R_free                      ? 
_refine.ls_wR_factor_R_work                      ? 
_refine.overall_FOM_free_R_set                   ? 
_refine.overall_FOM_work_R_set                   ? 
_refine.pdbx_refine_id                           'X-RAY DIFFRACTION' 
_refine.pdbx_diffrn_id                           1 
_refine.pdbx_TLS_residual_ADP_flag               ? 
_refine.pdbx_overall_phase_error                 ? 
_refine.pdbx_overall_SU_R_free_Cruickshank_DPI   ? 
_refine.pdbx_overall_SU_R_Blow_DPI               ? 
_refine.pdbx_overall_SU_R_free_Blow_DPI          ? 
# 
_refine_analyze.entry_id                        1J5U 
_refine_analyze.Luzzati_coordinate_error_obs    0.93 
_refine_analyze.Luzzati_sigma_a_obs             ? 
_refine_analyze.Luzzati_d_res_low_obs           ? 
_refine_analyze.Luzzati_coordinate_error_free   6.00 
_refine_analyze.Luzzati_sigma_a_free            ? 
_refine_analyze.Luzzati_d_res_low_free          ? 
_refine_analyze.number_disordered_residues      ? 
_refine_analyze.occupancy_sum_hydrogen          ? 
_refine_analyze.occupancy_sum_non_hydrogen      ? 
_refine_analyze.pdbx_Luzzati_d_res_high_obs     ? 
_refine_analyze.pdbx_refine_id                  'X-RAY DIFFRACTION' 
# 
_refine_hist.pdbx_refine_id                   'X-RAY DIFFRACTION' 
_refine_hist.cycle_id                         LAST 
_refine_hist.pdbx_number_atoms_protein        1065 
_refine_hist.pdbx_number_atoms_nucleic_acid   0 
_refine_hist.pdbx_number_atoms_ligand         1 
_refine_hist.number_atoms_solvent             118 
_refine_hist.number_atoms_total               1184 
_refine_hist.d_res_high                       2.00 
_refine_hist.d_res_low                        35.09 
# 
loop_
_refine_ls_restr.type 
_refine_ls_restr.dev_ideal 
_refine_ls_restr.dev_ideal_target 
_refine_ls_restr.weight 
_refine_ls_restr.number 
_refine_ls_restr.pdbx_refine_id 
_refine_ls_restr.pdbx_restraint_function 
c_bond_d                0.011 ?     ? ? 'X-RAY DIFFRACTION' ? 
c_bond_d_na             ?     ?     ? ? 'X-RAY DIFFRACTION' ? 
c_bond_d_prot           ?     ?     ? ? 'X-RAY DIFFRACTION' ? 
c_angle_d               ?     ?     ? ? 'X-RAY DIFFRACTION' ? 
c_angle_d_na            ?     ?     ? ? 'X-RAY DIFFRACTION' ? 
c_angle_d_prot          ?     ?     ? ? 'X-RAY DIFFRACTION' ? 
c_angle_deg             1.54  ?     ? ? 'X-RAY DIFFRACTION' ? 
c_angle_deg_na          ?     ?     ? ? 'X-RAY DIFFRACTION' ? 
c_angle_deg_prot        ?     ?     ? ? 'X-RAY DIFFRACTION' ? 
c_dihedral_angle_d      ?     ?     ? ? 'X-RAY DIFFRACTION' ? 
c_dihedral_angle_d_na   ?     ?     ? ? 'X-RAY DIFFRACTION' ? 
c_dihedral_angle_d_prot ?     ?     ? ? 'X-RAY DIFFRACTION' ? 
c_improper_angle_d      ?     ?     ? ? 'X-RAY DIFFRACTION' ? 
c_improper_angle_d_na   ?     ?     ? ? 'X-RAY DIFFRACTION' ? 
c_improper_angle_d_prot ?     ?     ? ? 'X-RAY DIFFRACTION' ? 
c_mcbond_it             1.413 1.500 ? ? 'X-RAY DIFFRACTION' ? 
c_mcangle_it            2.005 2.000 ? ? 'X-RAY DIFFRACTION' ? 
c_scbond_it             2.682 2.000 ? ? 'X-RAY DIFFRACTION' ? 
c_scangle_it            3.827 2.500 ? ? 'X-RAY DIFFRACTION' ? 
# 
_refine_ls_shell.pdbx_total_number_of_bins_used   13 
_refine_ls_shell.d_res_high                       2.00 
_refine_ls_shell.d_res_low                        2.05 
_refine_ls_shell.number_reflns_R_work             930 
_refine_ls_shell.R_factor_R_work                  0.2102 
_refine_ls_shell.percent_reflns_obs               ? 
_refine_ls_shell.R_factor_R_free                  0.2482 
_refine_ls_shell.R_factor_R_free_error            ? 
_refine_ls_shell.percent_reflns_R_free            4.1 
_refine_ls_shell.number_reflns_R_free             40 
_refine_ls_shell.redundancy_reflns_obs            ? 
_refine_ls_shell.number_reflns_all                ? 
_refine_ls_shell.number_reflns_obs                ? 
_refine_ls_shell.pdbx_refine_id                   'X-RAY DIFFRACTION' 
_refine_ls_shell.R_factor_all                     ? 
# 
_struct.entry_id                  1J5U 
_struct.title                     
'CRYSTAL STRUCTURE OF AN ARCHEASE, POSSIBLE CHAPERONE (TM1083) FROM THERMOTOGA MARITIMA AT 2.0 A RESOLUTION' 
_struct.pdbx_model_details        ? 
_struct.pdbx_CASP_flag            ? 
_struct.pdbx_model_type_details   ? 
# 
_struct_keywords.text            
'ARCHEASE, STRUCTURAL GENOMICS, JOINT CENTER FOR STRUCTURAL GENOMICS, JCSG, PROTEIN STRUCTURE INITIATIVE, PSI, CHAPERONE' 
_struct_keywords.entry_id        1J5U 
_struct_keywords.pdbx_keywords   CHAPERONE 
# 
loop_
_struct_asym.id 
_struct_asym.pdbx_blank_PDB_chainid_flag 
_struct_asym.pdbx_modified 
_struct_asym.entity_id 
_struct_asym.details 
A N N 1 ? 
B N N 2 ? 
C N N 3 ? 
# 
_struct_ref.id                         1 
_struct_ref.db_name                    UNP 
_struct_ref.db_code                    Q9X0H1_THEMA 
_struct_ref.pdbx_db_accession          Q9X0H1 
_struct_ref.entity_id                  1 
_struct_ref.pdbx_align_begin           1 
_struct_ref.pdbx_db_isoform            ? 
_struct_ref.pdbx_seq_one_letter_code   ? 
# 
_struct_ref_seq.align_id                      1 
_struct_ref_seq.ref_id                        1 
_struct_ref_seq.pdbx_PDB_id_code              1J5U 
_struct_ref_seq.pdbx_strand_id                A 
_struct_ref_seq.seq_align_beg                 13 
_struct_ref_seq.pdbx_seq_align_beg_ins_code   ? 
_struct_ref_seq.seq_align_end                 136 
_struct_ref_seq.pdbx_seq_align_end_ins_code   ? 
_struct_ref_seq.pdbx_db_accession             Q9X0H1 
_struct_ref_seq.db_align_beg                  1 
_struct_ref_seq.pdbx_db_align_beg_ins_code    ? 
_struct_ref_seq.db_align_end                  124 
_struct_ref_seq.pdbx_db_align_end_ins_code    ? 
_struct_ref_seq.pdbx_auth_seq_align_beg       7 
_struct_ref_seq.pdbx_auth_seq_align_end       130 
# 
_pdbx_struct_assembly.id                   1 
_pdbx_struct_assembly.details              author_defined_assembly 
_pdbx_struct_assembly.method_details       ? 
_pdbx_struct_assembly.oligomeric_details   monomeric 
_pdbx_struct_assembly.oligomeric_count     1 
# 
_pdbx_struct_assembly_gen.assembly_id       1 
_pdbx_struct_assembly_gen.oper_expression   1 
_pdbx_struct_assembly_gen.asym_id_list      A,B,C 
# 
_pdbx_struct_oper_list.id                   1 
_pdbx_struct_oper_list.type                 'identity operation' 
_pdbx_struct_oper_list.name                 1_555 
_pdbx_struct_oper_list.symmetry_operation   x,y,z 
_pdbx_struct_oper_list.matrix[1][1]         1.0000000000 
_pdbx_struct_oper_list.matrix[1][2]         0.0000000000 
_pdbx_struct_oper_list.matrix[1][3]         0.0000000000 
_pdbx_struct_oper_list.vector[1]            0.0000000000 
_pdbx_struct_oper_list.matrix[2][1]         0.0000000000 
_pdbx_struct_oper_list.matrix[2][2]         1.0000000000 
_pdbx_struct_oper_list.matrix[2][3]         0.0000000000 
_pdbx_struct_oper_list.vector[2]            0.0000000000 
_pdbx_struct_oper_list.matrix[3][1]         0.0000000000 
_pdbx_struct_oper_list.matrix[3][2]         0.0000000000 
_pdbx_struct_oper_list.matrix[3][3]         1.0000000000 
_pdbx_struct_oper_list.vector[3]            0.0000000000 
# 
_struct_biol.id                    1 
_struct_biol.pdbx_parent_biol_id   ? 
_struct_biol.details               ? 
# 
loop_
_struct_conf.conf_type_id 
_struct_conf.id 
_struct_conf.pdbx_PDB_helix_id 
_struct_conf.beg_label_comp_id 
_struct_conf.beg_label_asym_id 
_struct_conf.beg_label_seq_id 
_struct_conf.pdbx_beg_PDB_ins_code 
_struct_conf.end_label_comp_id 
_struct_conf.end_label_asym_id 
_struct_conf.end_label_seq_id 
_struct_conf.pdbx_end_PDB_ins_code 
_struct_conf.beg_auth_comp_id 
_struct_conf.beg_auth_asym_id 
_struct_conf.beg_auth_seq_id 
_struct_conf.end_auth_comp_id 
_struct_conf.end_auth_asym_id 
_struct_conf.end_auth_seq_id 
_struct_conf.pdbx_PDB_helix_class 
_struct_conf.details 
_struct_conf.pdbx_PDB_helix_length 
HELX_P HELX_P1 1 SER A 31 ? GLY A 48 ? SER A 25 GLY A 42 1 ? 18 
HELX_P HELX_P2 2 THR A 65 ? LYS A 82 ? THR A 59 LYS A 76 1 ? 18 
# 
_struct_conf_type.id          HELX_P 
_struct_conf_type.criteria    ? 
_struct_conf_type.reference   ? 
# 
loop_
_struct_conn.id 
_struct_conn.conn_type_id 
_struct_conn.pdbx_leaving_atom_flag 
_struct_conn.pdbx_PDB_id 
_struct_conn.ptnr1_label_asym_id 
_struct_conn.ptnr1_label_comp_id 
_struct_conn.ptnr1_label_seq_id 
_struct_conn.ptnr1_label_atom_id 
_struct_conn.pdbx_ptnr1_label_alt_id 
_struct_conn.pdbx_ptnr1_PDB_ins_code 
_struct_conn.pdbx_ptnr1_standard_comp_id 
_struct_conn.ptnr1_symmetry 
_struct_conn.ptnr2_label_asym_id 
_struct_conn.ptnr2_label_comp_id 
_struct_conn.ptnr2_label_seq_id 
_struct_conn.ptnr2_label_atom_id 
_struct_conn.pdbx_ptnr2_label_alt_id 
_struct_conn.pdbx_ptnr2_PDB_ins_code 
_struct_conn.ptnr1_auth_asym_id 
_struct_conn.ptnr1_auth_comp_id 
_struct_conn.ptnr1_auth_seq_id 
_struct_conn.ptnr2_auth_asym_id 
_struct_conn.ptnr2_auth_comp_id 
_struct_conn.ptnr2_auth_seq_id 
_struct_conn.ptnr2_symmetry 
_struct_conn.pdbx_ptnr3_label_atom_id 
_struct_conn.pdbx_ptnr3_label_seq_id 
_struct_conn.pdbx_ptnr3_label_comp_id 
_struct_conn.pdbx_ptnr3_label_asym_id 
_struct_conn.pdbx_ptnr3_label_alt_id 
_struct_conn.pdbx_ptnr3_PDB_ins_code 
_struct_conn.details 
_struct_conn.pdbx_dist_value 
_struct_conn.pdbx_value_order 
_struct_conn.pdbx_role 
covale1 covale both ? A HIS 12  C   ? ? ? 1_555 A MSE 13 N  ? ? A HIS 6   A MSE 7   1_555 ? ? ? ? ? ? ? 1.326 ? ? 
covale2 covale both ? A MSE 13  C   ? ? ? 1_555 A ARG 14 N  ? ? A MSE 7   A ARG 8   1_555 ? ? ? ? ? ? ? 1.321 ? ? 
covale3 covale both ? A LYS 58  C   ? ? ? 1_555 A MSE 59 N  ? ? A LYS 52  A MSE 53  1_555 ? ? ? ? ? ? ? 1.330 ? ? 
covale4 covale both ? A MSE 59  C   ? ? ? 1_555 A TYR 60 N  ? ? A MSE 53  A TYR 54  1_555 ? ? ? ? ? ? ? 1.322 ? ? 
metalc1 metalc ?    ? A HIS 19  O   ? ? ? 1_555 B CA  .  CA ? ? A HIS 13  A CA  301 1_555 ? ? ? ? ? ? ? 2.459 ? ? 
metalc2 metalc ?    ? A ASP 22  OD2 ? ? ? 1_555 B CA  .  CA ? ? A ASP 16  A CA  301 1_555 ? ? ? ? ? ? ? 2.465 ? ? 
metalc3 metalc ?    ? A ASP 135 OD1 ? ? ? 1_555 B CA  .  CA ? ? A ASP 129 A CA  301 1_555 ? ? ? ? ? ? ? 2.403 ? ? 
metalc4 metalc ?    ? A THR 136 OXT ? ? ? 1_555 B CA  .  CA ? ? A THR 130 A CA  301 1_555 ? ? ? ? ? ? ? 2.515 ? ? 
metalc5 metalc ?    ? B CA  .   CA  ? ? ? 1_555 C HOH .  O  ? ? A CA  301 A HOH 308 1_555 ? ? ? ? ? ? ? 2.749 ? ? 
metalc6 metalc ?    ? B CA  .   CA  ? ? ? 1_555 C HOH .  O  ? ? A CA  301 A HOH 358 1_555 ? ? ? ? ? ? ? 3.237 ? ? 
metalc7 metalc ?    ? B CA  .   CA  ? ? ? 1_555 C HOH .  O  ? ? A CA  301 A HOH 378 1_555 ? ? ? ? ? ? ? 2.794 ? ? 
metalc8 metalc ?    ? B CA  .   CA  ? ? ? 1_555 C HOH .  O  ? ? A CA  301 A HOH 408 1_555 ? ? ? ? ? ? ? 2.877 ? ? 
# 
loop_
_struct_conn_type.id 
_struct_conn_type.criteria 
_struct_conn_type.reference 
covale ? ? 
metalc ? ? 
# 
loop_
_pdbx_struct_conn_angle.id 
_pdbx_struct_conn_angle.ptnr1_label_atom_id 
_pdbx_struct_conn_angle.ptnr1_label_alt_id 
_pdbx_struct_conn_angle.ptnr1_label_asym_id 
_pdbx_struct_conn_angle.ptnr1_label_comp_id 
_pdbx_struct_conn_angle.ptnr1_label_seq_id 
_pdbx_struct_conn_angle.ptnr1_auth_atom_id 
_pdbx_struct_conn_angle.ptnr1_auth_asym_id 
_pdbx_struct_conn_angle.ptnr1_auth_comp_id 
_pdbx_struct_conn_angle.ptnr1_auth_seq_id 
_pdbx_struct_conn_angle.ptnr1_PDB_ins_code 
_pdbx_struct_conn_angle.ptnr1_symmetry 
_pdbx_struct_conn_angle.ptnr2_label_atom_id 
_pdbx_struct_conn_angle.ptnr2_label_alt_id 
_pdbx_struct_conn_angle.ptnr2_label_asym_id 
_pdbx_struct_conn_angle.ptnr2_label_comp_id 
_pdbx_struct_conn_angle.ptnr2_label_seq_id 
_pdbx_struct_conn_angle.ptnr2_auth_atom_id 
_pdbx_struct_conn_angle.ptnr2_auth_asym_id 
_pdbx_struct_conn_angle.ptnr2_auth_comp_id 
_pdbx_struct_conn_angle.ptnr2_auth_seq_id 
_pdbx_struct_conn_angle.ptnr2_PDB_ins_code 
_pdbx_struct_conn_angle.ptnr2_symmetry 
_pdbx_struct_conn_angle.ptnr3_label_atom_id 
_pdbx_struct_conn_angle.ptnr3_label_alt_id 
_pdbx_struct_conn_angle.ptnr3_label_asym_id 
_pdbx_struct_conn_angle.ptnr3_label_comp_id 
_pdbx_struct_conn_angle.ptnr3_label_seq_id 
_pdbx_struct_conn_angle.ptnr3_auth_atom_id 
_pdbx_struct_conn_angle.ptnr3_auth_asym_id 
_pdbx_struct_conn_angle.ptnr3_auth_comp_id 
_pdbx_struct_conn_angle.ptnr3_auth_seq_id 
_pdbx_struct_conn_angle.ptnr3_PDB_ins_code 
_pdbx_struct_conn_angle.ptnr3_symmetry 
_pdbx_struct_conn_angle.value 
_pdbx_struct_conn_angle.value_esd 
1  O   ? A HIS 19  ? A HIS 13  ? 1_555 CA ? B CA . ? A CA 301 ? 1_555 OD2 ? A ASP 22  ? A ASP 16  ? 1_555 81.4  ? 
2  O   ? A HIS 19  ? A HIS 13  ? 1_555 CA ? B CA . ? A CA 301 ? 1_555 OD1 ? A ASP 135 ? A ASP 129 ? 1_555 80.7  ? 
3  OD2 ? A ASP 22  ? A ASP 16  ? 1_555 CA ? B CA . ? A CA 301 ? 1_555 OD1 ? A ASP 135 ? A ASP 129 ? 1_555 76.7  ? 
4  O   ? A HIS 19  ? A HIS 13  ? 1_555 CA ? B CA . ? A CA 301 ? 1_555 OXT ? A THR 136 ? A THR 130 ? 1_555 158.9 ? 
5  OD2 ? A ASP 22  ? A ASP 16  ? 1_555 CA ? B CA . ? A CA 301 ? 1_555 OXT ? A THR 136 ? A THR 130 ? 1_555 80.8  ? 
6  OD1 ? A ASP 135 ? A ASP 129 ? 1_555 CA ? B CA . ? A CA 301 ? 1_555 OXT ? A THR 136 ? A THR 130 ? 1_555 84.1  ? 
7  O   ? A HIS 19  ? A HIS 13  ? 1_555 CA ? B CA . ? A CA 301 ? 1_555 O   ? C HOH .   ? A HOH 308 ? 1_555 78.1  ? 
8  OD2 ? A ASP 22  ? A ASP 16  ? 1_555 CA ? B CA . ? A CA 301 ? 1_555 O   ? C HOH .   ? A HOH 308 ? 1_555 74.9  ? 
9  OD1 ? A ASP 135 ? A ASP 129 ? 1_555 CA ? B CA . ? A CA 301 ? 1_555 O   ? C HOH .   ? A HOH 308 ? 1_555 146.6 ? 
10 OXT ? A THR 136 ? A THR 130 ? 1_555 CA ? B CA . ? A CA 301 ? 1_555 O   ? C HOH .   ? A HOH 308 ? 1_555 108.0 ? 
11 O   ? A HIS 19  ? A HIS 13  ? 1_555 CA ? B CA . ? A CA 301 ? 1_555 O   ? C HOH .   ? A HOH 358 ? 1_555 87.6  ? 
12 OD2 ? A ASP 22  ? A ASP 16  ? 1_555 CA ? B CA . ? A CA 301 ? 1_555 O   ? C HOH .   ? A HOH 358 ? 1_555 142.0 ? 
13 OD1 ? A ASP 135 ? A ASP 129 ? 1_555 CA ? B CA . ? A CA 301 ? 1_555 O   ? C HOH .   ? A HOH 358 ? 1_555 65.6  ? 
14 OXT ? A THR 136 ? A THR 130 ? 1_555 CA ? B CA . ? A CA 301 ? 1_555 O   ? C HOH .   ? A HOH 358 ? 1_555 99.5  ? 
15 O   ? C HOH .   ? A HOH 308 ? 1_555 CA ? B CA . ? A CA 301 ? 1_555 O   ? C HOH .   ? A HOH 358 ? 1_555 138.0 ? 
16 O   ? A HIS 19  ? A HIS 13  ? 1_555 CA ? B CA . ? A CA 301 ? 1_555 O   ? C HOH .   ? A HOH 378 ? 1_555 69.7  ? 
17 OD2 ? A ASP 22  ? A ASP 16  ? 1_555 CA ? B CA . ? A CA 301 ? 1_555 O   ? C HOH .   ? A HOH 378 ? 1_555 148.7 ? 
18 OD1 ? A ASP 135 ? A ASP 129 ? 1_555 CA ? B CA . ? A CA 301 ? 1_555 O   ? C HOH .   ? A HOH 378 ? 1_555 109.1 ? 
19 OXT ? A THR 136 ? A THR 130 ? 1_555 CA ? B CA . ? A CA 301 ? 1_555 O   ? C HOH .   ? A HOH 378 ? 1_555 129.7 ? 
20 O   ? C HOH .   ? A HOH 308 ? 1_555 CA ? B CA . ? A CA 301 ? 1_555 O   ? C HOH .   ? A HOH 378 ? 1_555 87.3  ? 
21 O   ? C HOH .   ? A HOH 358 ? 1_555 CA ? B CA . ? A CA 301 ? 1_555 O   ? C HOH .   ? A HOH 378 ? 1_555 50.7  ? 
22 O   ? A HIS 19  ? A HIS 13  ? 1_555 CA ? B CA . ? A CA 301 ? 1_555 O   ? C HOH .   ? A HOH 408 ? 1_555 132.4 ? 
23 OD2 ? A ASP 22  ? A ASP 16  ? 1_555 CA ? B CA . ? A CA 301 ? 1_555 O   ? C HOH .   ? A HOH 408 ? 1_555 119.5 ? 
24 OD1 ? A ASP 135 ? A ASP 129 ? 1_555 CA ? B CA . ? A CA 301 ? 1_555 O   ? C HOH .   ? A HOH 408 ? 1_555 142.4 ? 
25 OXT ? A THR 136 ? A THR 130 ? 1_555 CA ? B CA . ? A CA 301 ? 1_555 O   ? C HOH .   ? A HOH 408 ? 1_555 67.3  ? 
26 O   ? C HOH .   ? A HOH 308 ? 1_555 CA ? B CA . ? A CA 301 ? 1_555 O   ? C HOH .   ? A HOH 408 ? 1_555 68.8  ? 
27 O   ? C HOH .   ? A HOH 358 ? 1_555 CA ? B CA . ? A CA 301 ? 1_555 O   ? C HOH .   ? A HOH 408 ? 1_555 94.7  ? 
28 O   ? C HOH .   ? A HOH 378 ? 1_555 CA ? B CA . ? A CA 301 ? 1_555 O   ? C HOH .   ? A HOH 408 ? 1_555 75.3  ? 
# 
loop_
_pdbx_modification_feature.ordinal 
_pdbx_modification_feature.label_comp_id 
_pdbx_modification_feature.label_asym_id 
_pdbx_modification_feature.label_seq_id 
_pdbx_modification_feature.label_alt_id 
_pdbx_modification_feature.modified_residue_label_comp_id 
_pdbx_modification_feature.modified_residue_label_asym_id 
_pdbx_modification_feature.modified_residue_label_seq_id 
_pdbx_modification_feature.modified_residue_label_alt_id 
_pdbx_modification_feature.auth_comp_id 
_pdbx_modification_feature.auth_asym_id 
_pdbx_modification_feature.auth_seq_id 
_pdbx_modification_feature.PDB_ins_code 
_pdbx_modification_feature.symmetry 
_pdbx_modification_feature.modified_residue_auth_comp_id 
_pdbx_modification_feature.modified_residue_auth_asym_id 
_pdbx_modification_feature.modified_residue_auth_seq_id 
_pdbx_modification_feature.modified_residue_PDB_ins_code 
_pdbx_modification_feature.modified_residue_symmetry 
_pdbx_modification_feature.comp_id_linking_atom 
_pdbx_modification_feature.modified_residue_id_linking_atom 
_pdbx_modification_feature.modified_residue_id 
_pdbx_modification_feature.ref_pcm_id 
_pdbx_modification_feature.ref_comp_id 
_pdbx_modification_feature.type 
_pdbx_modification_feature.category 
1 MSE A 13 ? . . . . MSE A 7  ? 1_555 . . . . . . . MET 1 MSE Selenomethionine 'Named protein modification' 
2 MSE A 59 ? . . . . MSE A 53 ? 1_555 . . . . . . . MET 1 MSE Selenomethionine 'Named protein modification' 
# 
loop_
_struct_sheet.id 
_struct_sheet.type 
_struct_sheet.number_strands 
_struct_sheet.details 
A ? 3 ? 
B ? 3 ? 
C ? 3 ? 
# 
loop_
_struct_sheet_order.sheet_id 
_struct_sheet_order.range_id_1 
_struct_sheet_order.range_id_2 
_struct_sheet_order.offset 
_struct_sheet_order.sense 
A 1 2 ? anti-parallel 
A 2 3 ? anti-parallel 
B 1 2 ? anti-parallel 
B 2 3 ? anti-parallel 
C 1 2 ? anti-parallel 
C 2 3 ? anti-parallel 
# 
loop_
_struct_sheet_range.sheet_id 
_struct_sheet_range.id 
_struct_sheet_range.beg_label_comp_id 
_struct_sheet_range.beg_label_asym_id 
_struct_sheet_range.beg_label_seq_id 
_struct_sheet_range.pdbx_beg_PDB_ins_code 
_struct_sheet_range.end_label_comp_id 
_struct_sheet_range.end_label_asym_id 
_struct_sheet_range.end_label_seq_id 
_struct_sheet_range.pdbx_end_PDB_ins_code 
_struct_sheet_range.beg_auth_comp_id 
_struct_sheet_range.beg_auth_asym_id 
_struct_sheet_range.beg_auth_seq_id 
_struct_sheet_range.end_auth_comp_id 
_struct_sheet_range.end_auth_asym_id 
_struct_sheet_range.end_auth_seq_id 
A 1 ILE A 23  ? GLY A 29  ? ILE A 17  GLY A 23  
A 2 VAL A 127 ? ASP A 135 ? VAL A 121 ASP A 129 
A 3 ALA A 113 ? LEU A 114 ? ALA A 107 LEU A 108 
B 1 ILE A 23  ? GLY A 29  ? ILE A 17  GLY A 23  
B 2 VAL A 127 ? ASP A 135 ? VAL A 121 ASP A 129 
B 3 GLU A 122 ? ASP A 124 ? GLU A 116 ASP A 118 
C 1 VAL A 50  ? PRO A 61  ? VAL A 44  PRO A 55  
C 2 GLU A 95  ? LYS A 105 ? GLU A 89  LYS A 99  
C 3 TRP A 84  ? GLU A 92  ? TRP A 78  GLU A 86  
# 
loop_
_pdbx_struct_sheet_hbond.sheet_id 
_pdbx_struct_sheet_hbond.range_id_1 
_pdbx_struct_sheet_hbond.range_id_2 
_pdbx_struct_sheet_hbond.range_1_label_atom_id 
_pdbx_struct_sheet_hbond.range_1_label_comp_id 
_pdbx_struct_sheet_hbond.range_1_label_asym_id 
_pdbx_struct_sheet_hbond.range_1_label_seq_id 
_pdbx_struct_sheet_hbond.range_1_PDB_ins_code 
_pdbx_struct_sheet_hbond.range_1_auth_atom_id 
_pdbx_struct_sheet_hbond.range_1_auth_comp_id 
_pdbx_struct_sheet_hbond.range_1_auth_asym_id 
_pdbx_struct_sheet_hbond.range_1_auth_seq_id 
_pdbx_struct_sheet_hbond.range_2_label_atom_id 
_pdbx_struct_sheet_hbond.range_2_label_comp_id 
_pdbx_struct_sheet_hbond.range_2_label_asym_id 
_pdbx_struct_sheet_hbond.range_2_label_seq_id 
_pdbx_struct_sheet_hbond.range_2_PDB_ins_code 
_pdbx_struct_sheet_hbond.range_2_auth_atom_id 
_pdbx_struct_sheet_hbond.range_2_auth_comp_id 
_pdbx_struct_sheet_hbond.range_2_auth_asym_id 
_pdbx_struct_sheet_hbond.range_2_auth_seq_id 
A 1 2 N GLY A 29  ? N GLY A 23  O LEU A 128 ? O LEU A 122 
A 2 3 O ASP A 135 ? O ASP A 129 N ALA A 113 ? N ALA A 107 
B 1 2 N GLY A 29  ? N GLY A 23  O LEU A 128 ? O LEU A 122 
B 2 3 O LYS A 129 ? O LYS A 123 N GLU A 122 ? N GLU A 116 
C 1 2 N LYS A 56  ? N LYS A 50  O PHE A 100 ? O PHE A 94  
C 2 3 O LYS A 97  ? O LYS A 91  N LYS A 90  ? N LYS A 84  
# 
_struct_site.id                   AC1 
_struct_site.pdbx_evidence_code   Software 
_struct_site.pdbx_auth_asym_id    A 
_struct_site.pdbx_auth_comp_id    CA 
_struct_site.pdbx_auth_seq_id     301 
_struct_site.pdbx_auth_ins_code   ? 
_struct_site.pdbx_num_residues    7 
_struct_site.details              'BINDING SITE FOR RESIDUE CA A 301' 
# 
loop_
_struct_site_gen.id 
_struct_site_gen.site_id 
_struct_site_gen.pdbx_num_res 
_struct_site_gen.label_comp_id 
_struct_site_gen.label_asym_id 
_struct_site_gen.label_seq_id 
_struct_site_gen.pdbx_auth_ins_code 
_struct_site_gen.auth_comp_id 
_struct_site_gen.auth_asym_id 
_struct_site_gen.auth_seq_id 
_struct_site_gen.label_atom_id 
_struct_site_gen.label_alt_id 
_struct_site_gen.symmetry 
_struct_site_gen.details 
1 AC1 7 HIS A 19  ? HIS A 13  . ? 1_555 ? 
2 AC1 7 ASP A 22  ? ASP A 16  . ? 1_555 ? 
3 AC1 7 ASP A 135 ? ASP A 129 . ? 1_555 ? 
4 AC1 7 THR A 136 ? THR A 130 . ? 1_555 ? 
5 AC1 7 HOH C .   ? HOH A 308 . ? 1_555 ? 
6 AC1 7 HOH C .   ? HOH A 378 . ? 1_555 ? 
7 AC1 7 HOH C .   ? HOH A 408 . ? 1_555 ? 
# 
_pdbx_entry_details.entry_id                   1J5U 
_pdbx_entry_details.compound_details           ? 
_pdbx_entry_details.source_details             ? 
_pdbx_entry_details.nonpolymer_details         ? 
_pdbx_entry_details.sequence_details           ? 
_pdbx_entry_details.has_ligand_of_interest     ? 
_pdbx_entry_details.has_protein_modification   Y 
# 
loop_
_pdbx_validate_torsion.id 
_pdbx_validate_torsion.PDB_model_num 
_pdbx_validate_torsion.auth_comp_id 
_pdbx_validate_torsion.auth_asym_id 
_pdbx_validate_torsion.auth_seq_id 
_pdbx_validate_torsion.PDB_ins_code 
_pdbx_validate_torsion.label_alt_id 
_pdbx_validate_torsion.phi 
_pdbx_validate_torsion.psi 
1 1 TRP A 81  ? ? -124.85 -51.78 
2 1 LEU A 112 ? ? 58.86   12.72  
3 1 LYS A 114 ? ? -161.35 113.34 
# 
_pdbx_SG_project.id                    1 
_pdbx_SG_project.project_name          'PSI, Protein Structure Initiative' 
_pdbx_SG_project.full_name_of_center   'Joint Center for Structural Genomics' 
_pdbx_SG_project.initial_of_center     JCSG 
# 
loop_
_pdbx_struct_mod_residue.id 
_pdbx_struct_mod_residue.label_asym_id 
_pdbx_struct_mod_residue.label_comp_id 
_pdbx_struct_mod_residue.label_seq_id 
_pdbx_struct_mod_residue.auth_asym_id 
_pdbx_struct_mod_residue.auth_comp_id 
_pdbx_struct_mod_residue.auth_seq_id 
_pdbx_struct_mod_residue.PDB_ins_code 
_pdbx_struct_mod_residue.parent_comp_id 
_pdbx_struct_mod_residue.details 
1 A MSE 13 A MSE 7  ? MET SELENOMETHIONINE 
2 A MSE 59 A MSE 53 ? MET SELENOMETHIONINE 
# 
_pdbx_database_remark.id     600 
_pdbx_database_remark.text   
;HETEROGEN
Calcium ion assigned based on electron 
density and coordination.
;
# 
loop_
_pdbx_unobs_or_zero_occ_residues.id 
_pdbx_unobs_or_zero_occ_residues.PDB_model_num 
_pdbx_unobs_or_zero_occ_residues.polymer_flag 
_pdbx_unobs_or_zero_occ_residues.occupancy_flag 
_pdbx_unobs_or_zero_occ_residues.auth_asym_id 
_pdbx_unobs_or_zero_occ_residues.auth_comp_id 
_pdbx_unobs_or_zero_occ_residues.auth_seq_id 
_pdbx_unobs_or_zero_occ_residues.PDB_ins_code 
_pdbx_unobs_or_zero_occ_residues.label_asym_id 
_pdbx_unobs_or_zero_occ_residues.label_comp_id 
_pdbx_unobs_or_zero_occ_residues.label_seq_id 
1 1 Y 1 A MSE -5 ? A MSE 1 
2 1 Y 1 A GLY -4 ? A GLY 2 
3 1 Y 1 A SER -3 ? A SER 3 
4 1 Y 1 A ASP -2 ? A ASP 4 
5 1 Y 1 A LYS -1 ? A LYS 5 
6 1 Y 1 A ILE 0  ? A ILE 6 
7 1 Y 1 A HIS 1  ? A HIS 7 
8 1 Y 1 A HIS 2  ? A HIS 8 
9 1 Y 1 A HIS 3  ? A HIS 9 
# 
loop_
_chem_comp_atom.comp_id 
_chem_comp_atom.atom_id 
_chem_comp_atom.type_symbol 
_chem_comp_atom.pdbx_aromatic_flag 
_chem_comp_atom.pdbx_stereo_config 
_chem_comp_atom.pdbx_ordinal 
ALA N    N  N N 1   
ALA CA   C  N S 2   
ALA C    C  N N 3   
ALA O    O  N N 4   
ALA CB   C  N N 5   
ALA OXT  O  N N 6   
ALA H    H  N N 7   
ALA H2   H  N N 8   
ALA HA   H  N N 9   
ALA HB1  H  N N 10  
ALA HB2  H  N N 11  
ALA HB3  H  N N 12  
ALA HXT  H  N N 13  
ARG N    N  N N 14  
ARG CA   C  N S 15  
ARG C    C  N N 16  
ARG O    O  N N 17  
ARG CB   C  N N 18  
ARG CG   C  N N 19  
ARG CD   C  N N 20  
ARG NE   N  N N 21  
ARG CZ   C  N N 22  
ARG NH1  N  N N 23  
ARG NH2  N  N N 24  
ARG OXT  O  N N 25  
ARG H    H  N N 26  
ARG H2   H  N N 27  
ARG HA   H  N N 28  
ARG HB2  H  N N 29  
ARG HB3  H  N N 30  
ARG HG2  H  N N 31  
ARG HG3  H  N N 32  
ARG HD2  H  N N 33  
ARG HD3  H  N N 34  
ARG HE   H  N N 35  
ARG HH11 H  N N 36  
ARG HH12 H  N N 37  
ARG HH21 H  N N 38  
ARG HH22 H  N N 39  
ARG HXT  H  N N 40  
ASN N    N  N N 41  
ASN CA   C  N S 42  
ASN C    C  N N 43  
ASN O    O  N N 44  
ASN CB   C  N N 45  
ASN CG   C  N N 46  
ASN OD1  O  N N 47  
ASN ND2  N  N N 48  
ASN OXT  O  N N 49  
ASN H    H  N N 50  
ASN H2   H  N N 51  
ASN HA   H  N N 52  
ASN HB2  H  N N 53  
ASN HB3  H  N N 54  
ASN HD21 H  N N 55  
ASN HD22 H  N N 56  
ASN HXT  H  N N 57  
ASP N    N  N N 58  
ASP CA   C  N S 59  
ASP C    C  N N 60  
ASP O    O  N N 61  
ASP CB   C  N N 62  
ASP CG   C  N N 63  
ASP OD1  O  N N 64  
ASP OD2  O  N N 65  
ASP OXT  O  N N 66  
ASP H    H  N N 67  
ASP H2   H  N N 68  
ASP HA   H  N N 69  
ASP HB2  H  N N 70  
ASP HB3  H  N N 71  
ASP HD2  H  N N 72  
ASP HXT  H  N N 73  
CA  CA   CA N N 74  
GLU N    N  N N 75  
GLU CA   C  N S 76  
GLU C    C  N N 77  
GLU O    O  N N 78  
GLU CB   C  N N 79  
GLU CG   C  N N 80  
GLU CD   C  N N 81  
GLU OE1  O  N N 82  
GLU OE2  O  N N 83  
GLU OXT  O  N N 84  
GLU H    H  N N 85  
GLU H2   H  N N 86  
GLU HA   H  N N 87  
GLU HB2  H  N N 88  
GLU HB3  H  N N 89  
GLU HG2  H  N N 90  
GLU HG3  H  N N 91  
GLU HE2  H  N N 92  
GLU HXT  H  N N 93  
GLY N    N  N N 94  
GLY CA   C  N N 95  
GLY C    C  N N 96  
GLY O    O  N N 97  
GLY OXT  O  N N 98  
GLY H    H  N N 99  
GLY H2   H  N N 100 
GLY HA2  H  N N 101 
GLY HA3  H  N N 102 
GLY HXT  H  N N 103 
HIS N    N  N N 104 
HIS CA   C  N S 105 
HIS C    C  N N 106 
HIS O    O  N N 107 
HIS CB   C  N N 108 
HIS CG   C  Y N 109 
HIS ND1  N  Y N 110 
HIS CD2  C  Y N 111 
HIS CE1  C  Y N 112 
HIS NE2  N  Y N 113 
HIS OXT  O  N N 114 
HIS H    H  N N 115 
HIS H2   H  N N 116 
HIS HA   H  N N 117 
HIS HB2  H  N N 118 
HIS HB3  H  N N 119 
HIS HD1  H  N N 120 
HIS HD2  H  N N 121 
HIS HE1  H  N N 122 
HIS HE2  H  N N 123 
HIS HXT  H  N N 124 
HOH O    O  N N 125 
HOH H1   H  N N 126 
HOH H2   H  N N 127 
ILE N    N  N N 128 
ILE CA   C  N S 129 
ILE C    C  N N 130 
ILE O    O  N N 131 
ILE CB   C  N S 132 
ILE CG1  C  N N 133 
ILE CG2  C  N N 134 
ILE CD1  C  N N 135 
ILE OXT  O  N N 136 
ILE H    H  N N 137 
ILE H2   H  N N 138 
ILE HA   H  N N 139 
ILE HB   H  N N 140 
ILE HG12 H  N N 141 
ILE HG13 H  N N 142 
ILE HG21 H  N N 143 
ILE HG22 H  N N 144 
ILE HG23 H  N N 145 
ILE HD11 H  N N 146 
ILE HD12 H  N N 147 
ILE HD13 H  N N 148 
ILE HXT  H  N N 149 
LEU N    N  N N 150 
LEU CA   C  N S 151 
LEU C    C  N N 152 
LEU O    O  N N 153 
LEU CB   C  N N 154 
LEU CG   C  N N 155 
LEU CD1  C  N N 156 
LEU CD2  C  N N 157 
LEU OXT  O  N N 158 
LEU H    H  N N 159 
LEU H2   H  N N 160 
LEU HA   H  N N 161 
LEU HB2  H  N N 162 
LEU HB3  H  N N 163 
LEU HG   H  N N 164 
LEU HD11 H  N N 165 
LEU HD12 H  N N 166 
LEU HD13 H  N N 167 
LEU HD21 H  N N 168 
LEU HD22 H  N N 169 
LEU HD23 H  N N 170 
LEU HXT  H  N N 171 
LYS N    N  N N 172 
LYS CA   C  N S 173 
LYS C    C  N N 174 
LYS O    O  N N 175 
LYS CB   C  N N 176 
LYS CG   C  N N 177 
LYS CD   C  N N 178 
LYS CE   C  N N 179 
LYS NZ   N  N N 180 
LYS OXT  O  N N 181 
LYS H    H  N N 182 
LYS H2   H  N N 183 
LYS HA   H  N N 184 
LYS HB2  H  N N 185 
LYS HB3  H  N N 186 
LYS HG2  H  N N 187 
LYS HG3  H  N N 188 
LYS HD2  H  N N 189 
LYS HD3  H  N N 190 
LYS HE2  H  N N 191 
LYS HE3  H  N N 192 
LYS HZ1  H  N N 193 
LYS HZ2  H  N N 194 
LYS HZ3  H  N N 195 
LYS HXT  H  N N 196 
MSE N    N  N N 197 
MSE CA   C  N S 198 
MSE C    C  N N 199 
MSE O    O  N N 200 
MSE OXT  O  N N 201 
MSE CB   C  N N 202 
MSE CG   C  N N 203 
MSE SE   SE N N 204 
MSE CE   C  N N 205 
MSE H    H  N N 206 
MSE H2   H  N N 207 
MSE HA   H  N N 208 
MSE HXT  H  N N 209 
MSE HB2  H  N N 210 
MSE HB3  H  N N 211 
MSE HG2  H  N N 212 
MSE HG3  H  N N 213 
MSE HE1  H  N N 214 
MSE HE2  H  N N 215 
MSE HE3  H  N N 216 
PHE N    N  N N 217 
PHE CA   C  N S 218 
PHE C    C  N N 219 
PHE O    O  N N 220 
PHE CB   C  N N 221 
PHE CG   C  Y N 222 
PHE CD1  C  Y N 223 
PHE CD2  C  Y N 224 
PHE CE1  C  Y N 225 
PHE CE2  C  Y N 226 
PHE CZ   C  Y N 227 
PHE OXT  O  N N 228 
PHE H    H  N N 229 
PHE H2   H  N N 230 
PHE HA   H  N N 231 
PHE HB2  H  N N 232 
PHE HB3  H  N N 233 
PHE HD1  H  N N 234 
PHE HD2  H  N N 235 
PHE HE1  H  N N 236 
PHE HE2  H  N N 237 
PHE HZ   H  N N 238 
PHE HXT  H  N N 239 
PRO N    N  N N 240 
PRO CA   C  N S 241 
PRO C    C  N N 242 
PRO O    O  N N 243 
PRO CB   C  N N 244 
PRO CG   C  N N 245 
PRO CD   C  N N 246 
PRO OXT  O  N N 247 
PRO H    H  N N 248 
PRO HA   H  N N 249 
PRO HB2  H  N N 250 
PRO HB3  H  N N 251 
PRO HG2  H  N N 252 
PRO HG3  H  N N 253 
PRO HD2  H  N N 254 
PRO HD3  H  N N 255 
PRO HXT  H  N N 256 
SER N    N  N N 257 
SER CA   C  N S 258 
SER C    C  N N 259 
SER O    O  N N 260 
SER CB   C  N N 261 
SER OG   O  N N 262 
SER OXT  O  N N 263 
SER H    H  N N 264 
SER H2   H  N N 265 
SER HA   H  N N 266 
SER HB2  H  N N 267 
SER HB3  H  N N 268 
SER HG   H  N N 269 
SER HXT  H  N N 270 
THR N    N  N N 271 
THR CA   C  N S 272 
THR C    C  N N 273 
THR O    O  N N 274 
THR CB   C  N R 275 
THR OG1  O  N N 276 
THR CG2  C  N N 277 
THR OXT  O  N N 278 
THR H    H  N N 279 
THR H2   H  N N 280 
THR HA   H  N N 281 
THR HB   H  N N 282 
THR HG1  H  N N 283 
THR HG21 H  N N 284 
THR HG22 H  N N 285 
THR HG23 H  N N 286 
THR HXT  H  N N 287 
TRP N    N  N N 288 
TRP CA   C  N S 289 
TRP C    C  N N 290 
TRP O    O  N N 291 
TRP CB   C  N N 292 
TRP CG   C  Y N 293 
TRP CD1  C  Y N 294 
TRP CD2  C  Y N 295 
TRP NE1  N  Y N 296 
TRP CE2  C  Y N 297 
TRP CE3  C  Y N 298 
TRP CZ2  C  Y N 299 
TRP CZ3  C  Y N 300 
TRP CH2  C  Y N 301 
TRP OXT  O  N N 302 
TRP H    H  N N 303 
TRP H2   H  N N 304 
TRP HA   H  N N 305 
TRP HB2  H  N N 306 
TRP HB3  H  N N 307 
TRP HD1  H  N N 308 
TRP HE1  H  N N 309 
TRP HE3  H  N N 310 
TRP HZ2  H  N N 311 
TRP HZ3  H  N N 312 
TRP HH2  H  N N 313 
TRP HXT  H  N N 314 
TYR N    N  N N 315 
TYR CA   C  N S 316 
TYR C    C  N N 317 
TYR O    O  N N 318 
TYR CB   C  N N 319 
TYR CG   C  Y N 320 
TYR CD1  C  Y N 321 
TYR CD2  C  Y N 322 
TYR CE1  C  Y N 323 
TYR CE2  C  Y N 324 
TYR CZ   C  Y N 325 
TYR OH   O  N N 326 
TYR OXT  O  N N 327 
TYR H    H  N N 328 
TYR H2   H  N N 329 
TYR HA   H  N N 330 
TYR HB2  H  N N 331 
TYR HB3  H  N N 332 
TYR HD1  H  N N 333 
TYR HD2  H  N N 334 
TYR HE1  H  N N 335 
TYR HE2  H  N N 336 
TYR HH   H  N N 337 
TYR HXT  H  N N 338 
VAL N    N  N N 339 
VAL CA   C  N S 340 
VAL C    C  N N 341 
VAL O    O  N N 342 
VAL CB   C  N N 343 
VAL CG1  C  N N 344 
VAL CG2  C  N N 345 
VAL OXT  O  N N 346 
VAL H    H  N N 347 
VAL H2   H  N N 348 
VAL HA   H  N N 349 
VAL HB   H  N N 350 
VAL HG11 H  N N 351 
VAL HG12 H  N N 352 
VAL HG13 H  N N 353 
VAL HG21 H  N N 354 
VAL HG22 H  N N 355 
VAL HG23 H  N N 356 
VAL HXT  H  N N 357 
# 
loop_
_chem_comp_bond.comp_id 
_chem_comp_bond.atom_id_1 
_chem_comp_bond.atom_id_2 
_chem_comp_bond.value_order 
_chem_comp_bond.pdbx_aromatic_flag 
_chem_comp_bond.pdbx_stereo_config 
_chem_comp_bond.pdbx_ordinal 
ALA N   CA   sing N N 1   
ALA N   H    sing N N 2   
ALA N   H2   sing N N 3   
ALA CA  C    sing N N 4   
ALA CA  CB   sing N N 5   
ALA CA  HA   sing N N 6   
ALA C   O    doub N N 7   
ALA C   OXT  sing N N 8   
ALA CB  HB1  sing N N 9   
ALA CB  HB2  sing N N 10  
ALA CB  HB3  sing N N 11  
ALA OXT HXT  sing N N 12  
ARG N   CA   sing N N 13  
ARG N   H    sing N N 14  
ARG N   H2   sing N N 15  
ARG CA  C    sing N N 16  
ARG CA  CB   sing N N 17  
ARG CA  HA   sing N N 18  
ARG C   O    doub N N 19  
ARG C   OXT  sing N N 20  
ARG CB  CG   sing N N 21  
ARG CB  HB2  sing N N 22  
ARG CB  HB3  sing N N 23  
ARG CG  CD   sing N N 24  
ARG CG  HG2  sing N N 25  
ARG CG  HG3  sing N N 26  
ARG CD  NE   sing N N 27  
ARG CD  HD2  sing N N 28  
ARG CD  HD3  sing N N 29  
ARG NE  CZ   sing N N 30  
ARG NE  HE   sing N N 31  
ARG CZ  NH1  sing N N 32  
ARG CZ  NH2  doub N N 33  
ARG NH1 HH11 sing N N 34  
ARG NH1 HH12 sing N N 35  
ARG NH2 HH21 sing N N 36  
ARG NH2 HH22 sing N N 37  
ARG OXT HXT  sing N N 38  
ASN N   CA   sing N N 39  
ASN N   H    sing N N 40  
ASN N   H2   sing N N 41  
ASN CA  C    sing N N 42  
ASN CA  CB   sing N N 43  
ASN CA  HA   sing N N 44  
ASN C   O    doub N N 45  
ASN C   OXT  sing N N 46  
ASN CB  CG   sing N N 47  
ASN CB  HB2  sing N N 48  
ASN CB  HB3  sing N N 49  
ASN CG  OD1  doub N N 50  
ASN CG  ND2  sing N N 51  
ASN ND2 HD21 sing N N 52  
ASN ND2 HD22 sing N N 53  
ASN OXT HXT  sing N N 54  
ASP N   CA   sing N N 55  
ASP N   H    sing N N 56  
ASP N   H2   sing N N 57  
ASP CA  C    sing N N 58  
ASP CA  CB   sing N N 59  
ASP CA  HA   sing N N 60  
ASP C   O    doub N N 61  
ASP C   OXT  sing N N 62  
ASP CB  CG   sing N N 63  
ASP CB  HB2  sing N N 64  
ASP CB  HB3  sing N N 65  
ASP CG  OD1  doub N N 66  
ASP CG  OD2  sing N N 67  
ASP OD2 HD2  sing N N 68  
ASP OXT HXT  sing N N 69  
GLU N   CA   sing N N 70  
GLU N   H    sing N N 71  
GLU N   H2   sing N N 72  
GLU CA  C    sing N N 73  
GLU CA  CB   sing N N 74  
GLU CA  HA   sing N N 75  
GLU C   O    doub N N 76  
GLU C   OXT  sing N N 77  
GLU CB  CG   sing N N 78  
GLU CB  HB2  sing N N 79  
GLU CB  HB3  sing N N 80  
GLU CG  CD   sing N N 81  
GLU CG  HG2  sing N N 82  
GLU CG  HG3  sing N N 83  
GLU CD  OE1  doub N N 84  
GLU CD  OE2  sing N N 85  
GLU OE2 HE2  sing N N 86  
GLU OXT HXT  sing N N 87  
GLY N   CA   sing N N 88  
GLY N   H    sing N N 89  
GLY N   H2   sing N N 90  
GLY CA  C    sing N N 91  
GLY CA  HA2  sing N N 92  
GLY CA  HA3  sing N N 93  
GLY C   O    doub N N 94  
GLY C   OXT  sing N N 95  
GLY OXT HXT  sing N N 96  
HIS N   CA   sing N N 97  
HIS N   H    sing N N 98  
HIS N   H2   sing N N 99  
HIS CA  C    sing N N 100 
HIS CA  CB   sing N N 101 
HIS CA  HA   sing N N 102 
HIS C   O    doub N N 103 
HIS C   OXT  sing N N 104 
HIS CB  CG   sing N N 105 
HIS CB  HB2  sing N N 106 
HIS CB  HB3  sing N N 107 
HIS CG  ND1  sing Y N 108 
HIS CG  CD2  doub Y N 109 
HIS ND1 CE1  doub Y N 110 
HIS ND1 HD1  sing N N 111 
HIS CD2 NE2  sing Y N 112 
HIS CD2 HD2  sing N N 113 
HIS CE1 NE2  sing Y N 114 
HIS CE1 HE1  sing N N 115 
HIS NE2 HE2  sing N N 116 
HIS OXT HXT  sing N N 117 
HOH O   H1   sing N N 118 
HOH O   H2   sing N N 119 
ILE N   CA   sing N N 120 
ILE N   H    sing N N 121 
ILE N   H2   sing N N 122 
ILE CA  C    sing N N 123 
ILE CA  CB   sing N N 124 
ILE CA  HA   sing N N 125 
ILE C   O    doub N N 126 
ILE C   OXT  sing N N 127 
ILE CB  CG1  sing N N 128 
ILE CB  CG2  sing N N 129 
ILE CB  HB   sing N N 130 
ILE CG1 CD1  sing N N 131 
ILE CG1 HG12 sing N N 132 
ILE CG1 HG13 sing N N 133 
ILE CG2 HG21 sing N N 134 
ILE CG2 HG22 sing N N 135 
ILE CG2 HG23 sing N N 136 
ILE CD1 HD11 sing N N 137 
ILE CD1 HD12 sing N N 138 
ILE CD1 HD13 sing N N 139 
ILE OXT HXT  sing N N 140 
LEU N   CA   sing N N 141 
LEU N   H    sing N N 142 
LEU N   H2   sing N N 143 
LEU CA  C    sing N N 144 
LEU CA  CB   sing N N 145 
LEU CA  HA   sing N N 146 
LEU C   O    doub N N 147 
LEU C   OXT  sing N N 148 
LEU CB  CG   sing N N 149 
LEU CB  HB2  sing N N 150 
LEU CB  HB3  sing N N 151 
LEU CG  CD1  sing N N 152 
LEU CG  CD2  sing N N 153 
LEU CG  HG   sing N N 154 
LEU CD1 HD11 sing N N 155 
LEU CD1 HD12 sing N N 156 
LEU CD1 HD13 sing N N 157 
LEU CD2 HD21 sing N N 158 
LEU CD2 HD22 sing N N 159 
LEU CD2 HD23 sing N N 160 
LEU OXT HXT  sing N N 161 
LYS N   CA   sing N N 162 
LYS N   H    sing N N 163 
LYS N   H2   sing N N 164 
LYS CA  C    sing N N 165 
LYS CA  CB   sing N N 166 
LYS CA  HA   sing N N 167 
LYS C   O    doub N N 168 
LYS C   OXT  sing N N 169 
LYS CB  CG   sing N N 170 
LYS CB  HB2  sing N N 171 
LYS CB  HB3  sing N N 172 
LYS CG  CD   sing N N 173 
LYS CG  HG2  sing N N 174 
LYS CG  HG3  sing N N 175 
LYS CD  CE   sing N N 176 
LYS CD  HD2  sing N N 177 
LYS CD  HD3  sing N N 178 
LYS CE  NZ   sing N N 179 
LYS CE  HE2  sing N N 180 
LYS CE  HE3  sing N N 181 
LYS NZ  HZ1  sing N N 182 
LYS NZ  HZ2  sing N N 183 
LYS NZ  HZ3  sing N N 184 
LYS OXT HXT  sing N N 185 
MSE N   CA   sing N N 186 
MSE N   H    sing N N 187 
MSE N   H2   sing N N 188 
MSE CA  C    sing N N 189 
MSE CA  CB   sing N N 190 
MSE CA  HA   sing N N 191 
MSE C   O    doub N N 192 
MSE C   OXT  sing N N 193 
MSE OXT HXT  sing N N 194 
MSE CB  CG   sing N N 195 
MSE CB  HB2  sing N N 196 
MSE CB  HB3  sing N N 197 
MSE CG  SE   sing N N 198 
MSE CG  HG2  sing N N 199 
MSE CG  HG3  sing N N 200 
MSE SE  CE   sing N N 201 
MSE CE  HE1  sing N N 202 
MSE CE  HE2  sing N N 203 
MSE CE  HE3  sing N N 204 
PHE N   CA   sing N N 205 
PHE N   H    sing N N 206 
PHE N   H2   sing N N 207 
PHE CA  C    sing N N 208 
PHE CA  CB   sing N N 209 
PHE CA  HA   sing N N 210 
PHE C   O    doub N N 211 
PHE C   OXT  sing N N 212 
PHE CB  CG   sing N N 213 
PHE CB  HB2  sing N N 214 
PHE CB  HB3  sing N N 215 
PHE CG  CD1  doub Y N 216 
PHE CG  CD2  sing Y N 217 
PHE CD1 CE1  sing Y N 218 
PHE CD1 HD1  sing N N 219 
PHE CD2 CE2  doub Y N 220 
PHE CD2 HD2  sing N N 221 
PHE CE1 CZ   doub Y N 222 
PHE CE1 HE1  sing N N 223 
PHE CE2 CZ   sing Y N 224 
PHE CE2 HE2  sing N N 225 
PHE CZ  HZ   sing N N 226 
PHE OXT HXT  sing N N 227 
PRO N   CA   sing N N 228 
PRO N   CD   sing N N 229 
PRO N   H    sing N N 230 
PRO CA  C    sing N N 231 
PRO CA  CB   sing N N 232 
PRO CA  HA   sing N N 233 
PRO C   O    doub N N 234 
PRO C   OXT  sing N N 235 
PRO CB  CG   sing N N 236 
PRO CB  HB2  sing N N 237 
PRO CB  HB3  sing N N 238 
PRO CG  CD   sing N N 239 
PRO CG  HG2  sing N N 240 
PRO CG  HG3  sing N N 241 
PRO CD  HD2  sing N N 242 
PRO CD  HD3  sing N N 243 
PRO OXT HXT  sing N N 244 
SER N   CA   sing N N 245 
SER N   H    sing N N 246 
SER N   H2   sing N N 247 
SER CA  C    sing N N 248 
SER CA  CB   sing N N 249 
SER CA  HA   sing N N 250 
SER C   O    doub N N 251 
SER C   OXT  sing N N 252 
SER CB  OG   sing N N 253 
SER CB  HB2  sing N N 254 
SER CB  HB3  sing N N 255 
SER OG  HG   sing N N 256 
SER OXT HXT  sing N N 257 
THR N   CA   sing N N 258 
THR N   H    sing N N 259 
THR N   H2   sing N N 260 
THR CA  C    sing N N 261 
THR CA  CB   sing N N 262 
THR CA  HA   sing N N 263 
THR C   O    doub N N 264 
THR C   OXT  sing N N 265 
THR CB  OG1  sing N N 266 
THR CB  CG2  sing N N 267 
THR CB  HB   sing N N 268 
THR OG1 HG1  sing N N 269 
THR CG2 HG21 sing N N 270 
THR CG2 HG22 sing N N 271 
THR CG2 HG23 sing N N 272 
THR OXT HXT  sing N N 273 
TRP N   CA   sing N N 274 
TRP N   H    sing N N 275 
TRP N   H2   sing N N 276 
TRP CA  C    sing N N 277 
TRP CA  CB   sing N N 278 
TRP CA  HA   sing N N 279 
TRP C   O    doub N N 280 
TRP C   OXT  sing N N 281 
TRP CB  CG   sing N N 282 
TRP CB  HB2  sing N N 283 
TRP CB  HB3  sing N N 284 
TRP CG  CD1  doub Y N 285 
TRP CG  CD2  sing Y N 286 
TRP CD1 NE1  sing Y N 287 
TRP CD1 HD1  sing N N 288 
TRP CD2 CE2  doub Y N 289 
TRP CD2 CE3  sing Y N 290 
TRP NE1 CE2  sing Y N 291 
TRP NE1 HE1  sing N N 292 
TRP CE2 CZ2  sing Y N 293 
TRP CE3 CZ3  doub Y N 294 
TRP CE3 HE3  sing N N 295 
TRP CZ2 CH2  doub Y N 296 
TRP CZ2 HZ2  sing N N 297 
TRP CZ3 CH2  sing Y N 298 
TRP CZ3 HZ3  sing N N 299 
TRP CH2 HH2  sing N N 300 
TRP OXT HXT  sing N N 301 
TYR N   CA   sing N N 302 
TYR N   H    sing N N 303 
TYR N   H2   sing N N 304 
TYR CA  C    sing N N 305 
TYR CA  CB   sing N N 306 
TYR CA  HA   sing N N 307 
TYR C   O    doub N N 308 
TYR C   OXT  sing N N 309 
TYR CB  CG   sing N N 310 
TYR CB  HB2  sing N N 311 
TYR CB  HB3  sing N N 312 
TYR CG  CD1  doub Y N 313 
TYR CG  CD2  sing Y N 314 
TYR CD1 CE1  sing Y N 315 
TYR CD1 HD1  sing N N 316 
TYR CD2 CE2  doub Y N 317 
TYR CD2 HD2  sing N N 318 
TYR CE1 CZ   doub Y N 319 
TYR CE1 HE1  sing N N 320 
TYR CE2 CZ   sing Y N 321 
TYR CE2 HE2  sing N N 322 
TYR CZ  OH   sing N N 323 
TYR OH  HH   sing N N 324 
TYR OXT HXT  sing N N 325 
VAL N   CA   sing N N 326 
VAL N   H    sing N N 327 
VAL N   H2   sing N N 328 
VAL CA  C    sing N N 329 
VAL CA  CB   sing N N 330 
VAL CA  HA   sing N N 331 
VAL C   O    doub N N 332 
VAL C   OXT  sing N N 333 
VAL CB  CG1  sing N N 334 
VAL CB  CG2  sing N N 335 
VAL CB  HB   sing N N 336 
VAL CG1 HG11 sing N N 337 
VAL CG1 HG12 sing N N 338 
VAL CG1 HG13 sing N N 339 
VAL CG2 HG21 sing N N 340 
VAL CG2 HG22 sing N N 341 
VAL CG2 HG23 sing N N 342 
VAL OXT HXT  sing N N 343 
# 
_atom_sites.entry_id                    1J5U 
_atom_sites.fract_transf_matrix[1][1]   -0.00274143 
_atom_sites.fract_transf_matrix[1][2]   0.00804309 
_atom_sites.fract_transf_matrix[1][3]   -0.00424327 
_atom_sites.fract_transf_matrix[2][1]   -0.00662865 
_atom_sites.fract_transf_matrix[2][2]   0.00126664 
_atom_sites.fract_transf_matrix[2][3]   0.00668345 
_atom_sites.fract_transf_matrix[3][1]   0.00622555 
_atom_sites.fract_transf_matrix[3][2]   0.00489043 
_atom_sites.fract_transf_matrix[3][3]   0.00524768 
_atom_sites.fract_transf_vector[1]      0.127576 
_atom_sites.fract_transf_vector[2]      -0.133645 
_atom_sites.fract_transf_vector[3]      0.089269 
# 
loop_
_atom_type.symbol 
C  
CA 
N  
O  
SE 
# 
loop_
_atom_site.group_PDB 
_atom_site.id 
_atom_site.type_symbol 
_atom_site.label_atom_id 
_atom_site.label_alt_id 
_atom_site.label_comp_id 
_atom_site.label_asym_id 
_atom_site.label_entity_id 
_atom_site.label_seq_id 
_atom_site.pdbx_PDB_ins_code 
_atom_site.Cartn_x 
_atom_site.Cartn_y 
_atom_site.Cartn_z 
_atom_site.occupancy 
_atom_site.B_iso_or_equiv 
_atom_site.pdbx_formal_charge 
_atom_site.auth_seq_id 
_atom_site.auth_comp_id 
_atom_site.auth_asym_id 
_atom_site.auth_atom_id 
_atom_site.pdbx_PDB_model_num 
ATOM   1    N  N   . HIS A 1 10  ? -12.189 41.744  16.829  1.00 20.01 ? 4   HIS A N   1 
ATOM   2    C  CA  . HIS A 1 10  ? -12.470 40.304  16.539  1.00 17.76 ? 4   HIS A CA  1 
ATOM   3    C  C   . HIS A 1 10  ? -12.124 39.966  15.088  1.00 17.81 ? 4   HIS A C   1 
ATOM   4    O  O   . HIS A 1 10  ? -12.198 40.828  14.200  1.00 17.28 ? 4   HIS A O   1 
ATOM   5    C  CB  . HIS A 1 10  ? -13.937 39.967  16.871  1.00 17.30 ? 4   HIS A CB  1 
ATOM   6    C  CG  . HIS A 1 10  ? -14.938 40.917  16.288  1.00 19.08 ? 4   HIS A CG  1 
ATOM   7    N  ND1 . HIS A 1 10  ? -15.334 40.873  14.969  1.00 19.61 ? 4   HIS A ND1 1 
ATOM   8    C  CD2 . HIS A 1 10  ? -15.605 41.962  16.846  1.00 21.87 ? 4   HIS A CD2 1 
ATOM   9    C  CE1 . HIS A 1 10  ? -16.200 41.849  14.737  1.00 22.80 ? 4   HIS A CE1 1 
ATOM   10   N  NE2 . HIS A 1 10  ? -16.383 42.522  15.861  1.00 21.17 ? 4   HIS A NE2 1 
ATOM   11   N  N   . HIS A 1 11  ? -11.761 38.708  14.855  1.00 13.75 ? 5   HIS A N   1 
ATOM   12   C  CA  . HIS A 1 11  ? -11.351 38.243  13.532  1.00 15.70 ? 5   HIS A CA  1 
ATOM   13   C  C   . HIS A 1 11  ? -11.687 36.795  13.250  1.00 14.25 ? 5   HIS A C   1 
ATOM   14   O  O   . HIS A 1 11  ? -12.060 36.035  14.141  1.00 13.18 ? 5   HIS A O   1 
ATOM   15   C  CB  . HIS A 1 11  ? -9.824  38.306  13.380  1.00 17.43 ? 5   HIS A CB  1 
ATOM   16   C  CG  . HIS A 1 11  ? -9.216  39.614  13.766  1.00 22.60 ? 5   HIS A CG  1 
ATOM   17   N  ND1 . HIS A 1 11  ? -8.623  39.824  14.993  1.00 25.89 ? 5   HIS A ND1 1 
ATOM   18   C  CD2 . HIS A 1 11  ? -9.108  40.782  13.089  1.00 24.08 ? 5   HIS A CD2 1 
ATOM   19   C  CE1 . HIS A 1 11  ? -8.180  41.067  15.057  1.00 24.68 ? 5   HIS A CE1 1 
ATOM   20   N  NE2 . HIS A 1 11  ? -8.461  41.670  13.916  1.00 26.52 ? 5   HIS A NE2 1 
ATOM   21   N  N   . HIS A 1 12  ? -11.505 36.438  11.982  1.00 14.72 ? 6   HIS A N   1 
ATOM   22   C  CA  . HIS A 1 12  ? -11.636 35.075  11.496  1.00 15.68 ? 6   HIS A CA  1 
ATOM   23   C  C   . HIS A 1 12  ? -10.404 34.898  10.592  1.00 16.32 ? 6   HIS A C   1 
ATOM   24   O  O   . HIS A 1 12  ? -10.080 35.770  9.781   1.00 15.96 ? 6   HIS A O   1 
ATOM   25   C  CB  . HIS A 1 12  ? -12.936 34.802  10.718  1.00 12.02 ? 6   HIS A CB  1 
ATOM   26   C  CG  . HIS A 1 12  ? -13.178 35.705  9.547   1.00 14.08 ? 6   HIS A CG  1 
ATOM   27   N  ND1 . HIS A 1 12  ? -13.682 36.978  9.679   1.00 13.35 ? 6   HIS A ND1 1 
ATOM   28   C  CD2 . HIS A 1 12  ? -13.063 35.484  8.215   1.00 12.45 ? 6   HIS A CD2 1 
ATOM   29   C  CE1 . HIS A 1 12  ? -13.875 37.503  8.481   1.00 13.20 ? 6   HIS A CE1 1 
ATOM   30   N  NE2 . HIS A 1 12  ? -13.509 36.617  7.576   1.00 13.57 ? 6   HIS A NE2 1 
HETATM 31   N  N   . MSE A 1 13  ? -9.700  33.794  10.802  1.00 17.21 ? 7   MSE A N   1 
HETATM 32   C  CA  . MSE A 1 13  ? -8.492  33.466  10.052  1.00 19.43 ? 7   MSE A CA  1 
HETATM 33   C  C   . MSE A 1 13  ? -8.683  32.093  9.450   1.00 17.35 ? 7   MSE A C   1 
HETATM 34   O  O   . MSE A 1 13  ? -8.906  31.153  10.181  1.00 15.43 ? 7   MSE A O   1 
HETATM 35   C  CB  . MSE A 1 13  ? -7.274  33.339  10.973  1.00 25.36 ? 7   MSE A CB  1 
HETATM 36   C  CG  . MSE A 1 13  ? -6.931  34.504  11.843  1.00 35.50 ? 7   MSE A CG  1 
HETATM 37   SE SE  . MSE A 1 13  ? -6.878  36.090  10.806  1.00 59.89 ? 7   MSE A SE  1 
HETATM 38   C  CE  . MSE A 1 13  ? -5.397  35.791  9.695   1.00 50.39 ? 7   MSE A CE  1 
ATOM   39   N  N   . ARG A 1 14  ? -8.587  31.974  8.137   1.00 16.28 ? 8   ARG A N   1 
ATOM   40   C  CA  . ARG A 1 14  ? -8.682  30.662  7.506   1.00 19.35 ? 8   ARG A CA  1 
ATOM   41   C  C   . ARG A 1 14  ? -7.490  29.845  8.039   1.00 19.45 ? 8   ARG A C   1 
ATOM   42   O  O   . ARG A 1 14  ? -6.392  30.394  8.236   1.00 18.47 ? 8   ARG A O   1 
ATOM   43   C  CB  . ARG A 1 14  ? -8.586  30.822  5.986   1.00 21.00 ? 8   ARG A CB  1 
ATOM   44   C  CG  . ARG A 1 14  ? -8.762  29.541  5.175   1.00 25.66 ? 8   ARG A CG  1 
ATOM   45   C  CD  . ARG A 1 14  ? -10.162 28.935  5.318   1.00 26.16 ? 8   ARG A CD  1 
ATOM   46   N  NE  . ARG A 1 14  ? -10.304 27.787  4.434   1.00 30.62 ? 8   ARG A NE  1 
ATOM   47   C  CZ  . ARG A 1 14  ? -10.764 27.842  3.186   1.00 31.86 ? 8   ARG A CZ  1 
ATOM   48   N  NH1 . ARG A 1 14  ? -11.152 29.002  2.663   1.00 34.37 ? 8   ARG A NH1 1 
ATOM   49   N  NH2 . ARG A 1 14  ? -10.803 26.737  2.446   1.00 33.03 ? 8   ARG A NH2 1 
ATOM   50   N  N   . LYS A 1 15  ? -7.701  28.556  8.304   1.00 17.95 ? 9   LYS A N   1 
ATOM   51   C  CA  . LYS A 1 15  ? -6.615  27.699  8.802   1.00 20.09 ? 9   LYS A CA  1 
ATOM   52   C  C   . LYS A 1 15  ? -6.632  26.375  8.058   1.00 20.70 ? 9   LYS A C   1 
ATOM   53   O  O   . LYS A 1 15  ? -7.682  25.910  7.588   1.00 21.48 ? 9   LYS A O   1 
ATOM   54   C  CB  . LYS A 1 15  ? -6.726  27.420  10.307  1.00 18.40 ? 9   LYS A CB  1 
ATOM   55   C  CG  . LYS A 1 15  ? -6.550  28.614  11.248  1.00 20.55 ? 9   LYS A CG  1 
ATOM   56   C  CD  . LYS A 1 15  ? -5.141  29.224  11.170  1.00 20.75 ? 9   LYS A CD  1 
ATOM   57   C  CE  . LYS A 1 15  ? -4.900  30.274  12.274  1.00 20.59 ? 9   LYS A CE  1 
ATOM   58   N  NZ  . LYS A 1 15  ? -3.642  31.078  11.996  1.00 20.12 ? 9   LYS A NZ  1 
ATOM   59   N  N   . PRO A 1 16  ? -5.467  25.739  7.936   1.00 22.16 ? 10  PRO A N   1 
ATOM   60   C  CA  . PRO A 1 16  ? -5.469  24.469  7.217   1.00 23.17 ? 10  PRO A CA  1 
ATOM   61   C  C   . PRO A 1 16  ? -6.145  23.340  8.005   1.00 23.43 ? 10  PRO A C   1 
ATOM   62   O  O   . PRO A 1 16  ? -6.149  23.332  9.236   1.00 22.92 ? 10  PRO A O   1 
ATOM   63   C  CB  . PRO A 1 16  ? -3.978  24.223  6.957   1.00 25.01 ? 10  PRO A CB  1 
ATOM   64   C  CG  . PRO A 1 16  ? -3.324  24.810  8.175   1.00 24.97 ? 10  PRO A CG  1 
ATOM   65   C  CD  . PRO A 1 16  ? -4.113  26.102  8.402   1.00 23.22 ? 10  PRO A CD  1 
ATOM   66   N  N   . ILE A 1 17  ? -6.779  22.423  7.290   1.00 25.25 ? 11  ILE A N   1 
ATOM   67   C  CA  . ILE A 1 17  ? -7.416  21.289  7.949   1.00 28.46 ? 11  ILE A CA  1 
ATOM   68   C  C   . ILE A 1 17  ? -6.497  20.090  7.764   1.00 28.74 ? 11  ILE A C   1 
ATOM   69   O  O   . ILE A 1 17  ? -5.914  19.928  6.711   1.00 26.32 ? 11  ILE A O   1 
ATOM   70   C  CB  . ILE A 1 17  ? -8.818  20.946  7.335   1.00 31.59 ? 11  ILE A CB  1 
ATOM   71   C  CG1 . ILE A 1 17  ? -8.851  21.256  5.838   1.00 34.05 ? 11  ILE A CG1 1 
ATOM   72   C  CG2 . ILE A 1 17  ? -9.922  21.745  8.028   1.00 32.64 ? 11  ILE A CG2 1 
ATOM   73   C  CD1 . ILE A 1 17  ? -8.082  20.287  4.974   1.00 37.24 ? 11  ILE A CD1 1 
ATOM   74   N  N   . GLU A 1 18  ? -6.339  19.279  8.801   1.00 30.95 ? 12  GLU A N   1 
ATOM   75   C  CA  . GLU A 1 18  ? -5.516  18.082  8.694   1.00 32.72 ? 12  GLU A CA  1 
ATOM   76   C  C   . GLU A 1 18  ? -6.466  16.882  8.609   1.00 31.04 ? 12  GLU A C   1 
ATOM   77   O  O   . GLU A 1 18  ? -7.485  16.837  9.305   1.00 29.71 ? 12  GLU A O   1 
ATOM   78   C  CB  . GLU A 1 18  ? -4.623  17.925  9.922   1.00 36.84 ? 12  GLU A CB  1 
ATOM   79   C  CG  . GLU A 1 18  ? -3.566  18.998  10.091  1.00 42.19 ? 12  GLU A CG  1 
ATOM   80   C  CD  . GLU A 1 18  ? -2.710  18.745  11.314  1.00 45.33 ? 12  GLU A CD  1 
ATOM   81   O  OE1 . GLU A 1 18  ? -3.293  18.520  12.399  1.00 48.96 ? 12  GLU A OE1 1 
ATOM   82   O  OE2 . GLU A 1 18  ? -1.462  18.767  11.199  1.00 46.90 ? 12  GLU A OE2 1 
ATOM   83   N  N   . HIS A 1 19  ? -6.149  15.923  7.752   1.00 29.18 ? 13  HIS A N   1 
ATOM   84   C  CA  . HIS A 1 19  ? -6.989  14.724  7.615   1.00 28.13 ? 13  HIS A CA  1 
ATOM   85   C  C   . HIS A 1 19  ? -6.079  13.506  7.607   1.00 26.56 ? 13  HIS A C   1 
ATOM   86   O  O   . HIS A 1 19  ? -4.930  13.628  7.256   1.00 27.68 ? 13  HIS A O   1 
ATOM   87   C  CB  . HIS A 1 19  ? -7.723  14.720  6.273   1.00 28.35 ? 13  HIS A CB  1 
ATOM   88   C  CG  . HIS A 1 19  ? -8.721  15.822  6.101   1.00 30.38 ? 13  HIS A CG  1 
ATOM   89   N  ND1 . HIS A 1 19  ? -9.926  16.033  6.686   1.00 29.84 ? 13  HIS A ND1 1 
ATOM   90   C  CD2 . HIS A 1 19  ? -8.588  16.802  5.139   1.00 32.41 ? 13  HIS A CD2 1 
ATOM   91   C  CE1 . HIS A 1 19  ? -10.499 17.113  6.059   1.00 29.32 ? 13  HIS A CE1 1 
ATOM   92   N  NE2 . HIS A 1 19  ? -9.673  17.560  5.131   1.00 30.94 ? 13  HIS A NE2 1 
ATOM   93   N  N   . THR A 1 20  ? -6.563  12.342  8.019   1.00 26.66 ? 14  THR A N   1 
ATOM   94   C  CA  . THR A 1 20  ? -5.726  11.155  7.882   1.00 25.94 ? 14  THR A CA  1 
ATOM   95   C  C   . THR A 1 20  ? -6.308  10.472  6.640   1.00 25.49 ? 14  THR A C   1 
ATOM   96   O  O   . THR A 1 20  ? -5.683  9.595   6.037   1.00 25.24 ? 14  THR A O   1 
ATOM   97   C  CB  . THR A 1 20  ? -5.780  10.223  9.109   1.00 26.09 ? 14  THR A CB  1 
ATOM   98   O  OG1 . THR A 1 20  ? -7.129  10.108  9.572   1.00 28.27 ? 14  THR A OG1 1 
ATOM   99   C  CG2 . THR A 1 20  ? -4.883  10.776  10.235  1.00 27.88 ? 14  THR A CG2 1 
ATOM   100  N  N   . ALA A 1 21  ? -7.509  10.894  6.249   1.00 23.52 ? 15  ALA A N   1 
ATOM   101  C  CA  . ALA A 1 21  ? -8.134  10.356  5.040   1.00 23.49 ? 15  ALA A CA  1 
ATOM   102  C  C   . ALA A 1 21  ? -7.876  11.343  3.909   1.00 21.76 ? 15  ALA A C   1 
ATOM   103  O  O   . ALA A 1 21  ? -8.686  12.240  3.640   1.00 22.36 ? 15  ALA A O   1 
ATOM   104  C  CB  . ALA A 1 21  ? -9.647  10.145  5.250   1.00 22.96 ? 15  ALA A CB  1 
ATOM   105  N  N   . ASP A 1 22  ? -6.740  11.196  3.240   1.00 21.26 ? 16  ASP A N   1 
ATOM   106  C  CA  . ASP A 1 22  ? -6.395  12.111  2.149   1.00 19.83 ? 16  ASP A CA  1 
ATOM   107  C  C   . ASP A 1 22  ? -6.670  11.637  0.737   1.00 22.18 ? 16  ASP A C   1 
ATOM   108  O  O   . ASP A 1 22  ? -7.189  12.406  -0.073  1.00 22.88 ? 16  ASP A O   1 
ATOM   109  C  CB  . ASP A 1 22  ? -4.934  12.535  2.250   1.00 20.83 ? 16  ASP A CB  1 
ATOM   110  C  CG  . ASP A 1 22  ? -4.683  13.438  3.440   1.00 23.64 ? 16  ASP A CG  1 
ATOM   111  O  OD1 . ASP A 1 22  ? -5.329  14.504  3.539   1.00 21.77 ? 16  ASP A OD1 1 
ATOM   112  O  OD2 . ASP A 1 22  ? -3.852  13.072  4.283   1.00 22.14 ? 16  ASP A OD2 1 
ATOM   113  N  N   . ILE A 1 23  ? -6.287  10.406  0.409   1.00 20.01 ? 17  ILE A N   1 
ATOM   114  C  CA  . ILE A 1 23  ? -6.549  9.900   -0.925  1.00 20.96 ? 17  ILE A CA  1 
ATOM   115  C  C   . ILE A 1 23  ? -7.147  8.523   -0.797  1.00 20.57 ? 17  ILE A C   1 
ATOM   116  O  O   . ILE A 1 23  ? -6.808  7.771   0.126   1.00 19.60 ? 17  ILE A O   1 
ATOM   117  C  CB  . ILE A 1 23  ? -5.274  9.846   -1.822  1.00 24.36 ? 17  ILE A CB  1 
ATOM   118  C  CG1 . ILE A 1 23  ? -4.278  8.822   -1.295  1.00 24.66 ? 17  ILE A CG1 1 
ATOM   119  C  CG2 . ILE A 1 23  ? -4.606  11.228  -1.879  1.00 25.42 ? 17  ILE A CG2 1 
ATOM   120  C  CD1 . ILE A 1 23  ? -3.051  8.675   -2.230  1.00 26.35 ? 17  ILE A CD1 1 
ATOM   121  N  N   . ALA A 1 24  ? -8.049  8.199   -1.722  1.00 17.56 ? 18  ALA A N   1 
ATOM   122  C  CA  . ALA A 1 24  ? -8.751  6.934   -1.680  1.00 15.39 ? 18  ALA A CA  1 
ATOM   123  C  C   . ALA A 1 24  ? -8.823  6.217   -3.011  1.00 16.56 ? 18  ALA A C   1 
ATOM   124  O  O   . ALA A 1 24  ? -8.933  6.847   -4.056  1.00 15.03 ? 18  ALA A O   1 
ATOM   125  C  CB  . ALA A 1 24  ? -10.168 7.164   -1.168  1.00 16.13 ? 18  ALA A CB  1 
ATOM   126  N  N   . TYR A 1 25  ? -8.758  4.888   -2.955  1.00 15.30 ? 19  TYR A N   1 
ATOM   127  C  CA  . TYR A 1 25  ? -8.893  4.067   -4.142  1.00 15.37 ? 19  TYR A CA  1 
ATOM   128  C  C   . TYR A 1 25  ? -9.761  2.883   -3.800  1.00 14.89 ? 19  TYR A C   1 
ATOM   129  O  O   . TYR A 1 25  ? -9.857  2.476   -2.637  1.00 15.34 ? 19  TYR A O   1 
ATOM   130  C  CB  . TYR A 1 25  ? -7.555  3.485   -4.624  1.00 14.79 ? 19  TYR A CB  1 
ATOM   131  C  CG  . TYR A 1 25  ? -6.486  4.483   -4.958  1.00 16.22 ? 19  TYR A CG  1 
ATOM   132  C  CD1 . TYR A 1 25  ? -5.846  5.189   -3.955  1.00 18.89 ? 19  TYR A CD1 1 
ATOM   133  C  CD2 . TYR A 1 25  ? -6.097  4.712   -6.288  1.00 17.36 ? 19  TYR A CD2 1 
ATOM   134  C  CE1 . TYR A 1 25  ? -4.853  6.090   -4.245  1.00 21.01 ? 19  TYR A CE1 1 
ATOM   135  C  CE2 . TYR A 1 25  ? -5.096  5.625   -6.585  1.00 19.60 ? 19  TYR A CE2 1 
ATOM   136  C  CZ  . TYR A 1 25  ? -4.483  6.310   -5.551  1.00 19.62 ? 19  TYR A CZ  1 
ATOM   137  O  OH  . TYR A 1 25  ? -3.515  7.266   -5.802  1.00 25.43 ? 19  TYR A OH  1 
ATOM   138  N  N   . GLU A 1 26  ? -10.386 2.326   -4.826  1.00 14.21 ? 20  GLU A N   1 
ATOM   139  C  CA  . GLU A 1 26  ? -11.139 1.112   -4.665  1.00 13.86 ? 20  GLU A CA  1 
ATOM   140  C  C   . GLU A 1 26  ? -10.235 0.109   -5.371  1.00 13.31 ? 20  GLU A C   1 
ATOM   141  O  O   . GLU A 1 26  ? -9.889  0.310   -6.535  1.00 14.74 ? 20  GLU A O   1 
ATOM   142  C  CB  . GLU A 1 26  ? -12.476 1.176   -5.389  1.00 15.87 ? 20  GLU A CB  1 
ATOM   143  C  CG  . GLU A 1 26  ? -13.329 -0.077  -5.190  1.00 20.36 ? 20  GLU A CG  1 
ATOM   144  C  CD  . GLU A 1 26  ? -13.859 -0.213  -3.760  1.00 24.38 ? 20  GLU A CD  1 
ATOM   145  O  OE1 . GLU A 1 26  ? -14.010 0.834   -3.078  1.00 25.97 ? 20  GLU A OE1 1 
ATOM   146  O  OE2 . GLU A 1 26  ? -14.142 -1.357  -3.325  1.00 24.78 ? 20  GLU A OE2 1 
ATOM   147  N  N   . ILE A 1 27  ? -9.810  -0.939  -4.667  1.00 13.70 ? 21  ILE A N   1 
ATOM   148  C  CA  . ILE A 1 27  ? -8.977  -1.957  -5.285  1.00 14.30 ? 21  ILE A CA  1 
ATOM   149  C  C   . ILE A 1 27  ? -9.794  -3.240  -5.394  1.00 14.23 ? 21  ILE A C   1 
ATOM   150  O  O   . ILE A 1 27  ? -10.650 -3.536  -4.555  1.00 15.26 ? 21  ILE A O   1 
ATOM   151  C  CB  . ILE A 1 27  ? -7.662  -2.221  -4.495  1.00 13.62 ? 21  ILE A CB  1 
ATOM   152  C  CG1 . ILE A 1 27  ? -7.975  -2.561  -3.029  1.00 13.84 ? 21  ILE A CG1 1 
ATOM   153  C  CG2 . ILE A 1 27  ? -6.738  -1.022  -4.616  1.00 13.18 ? 21  ILE A CG2 1 
ATOM   154  C  CD1 . ILE A 1 27  ? -6.748  -2.955  -2.212  1.00 13.14 ? 21  ILE A CD1 1 
ATOM   155  N  N   . SER A 1 28  ? -9.557  -3.991  -6.453  1.00 14.46 ? 22  SER A N   1 
ATOM   156  C  CA  . SER A 1 28  ? -10.310 -5.210  -6.676  1.00 15.43 ? 22  SER A CA  1 
ATOM   157  C  C   . SER A 1 28  ? -9.428  -6.250  -7.308  1.00 15.75 ? 22  SER A C   1 
ATOM   158  O  O   . SER A 1 28  ? -8.475  -5.913  -8.008  1.00 15.46 ? 22  SER A O   1 
ATOM   159  C  CB  . SER A 1 28  ? -11.491 -4.917  -7.598  1.00 15.70 ? 22  SER A CB  1 
ATOM   160  O  OG  . SER A 1 28  ? -11.023 -4.284  -8.774  1.00 19.65 ? 22  SER A OG  1 
ATOM   161  N  N   . GLY A 1 29  ? -9.758  -7.513  -7.065  1.00 15.38 ? 23  GLY A N   1 
ATOM   162  C  CA  . GLY A 1 29  ? -8.990  -8.609  -7.623  1.00 15.77 ? 23  GLY A CA  1 
ATOM   163  C  C   . GLY A 1 29  ? -9.702  -9.901  -7.257  1.00 18.88 ? 23  GLY A C   1 
ATOM   164  O  O   . GLY A 1 29  ? -10.816 -9.872  -6.722  1.00 18.44 ? 23  GLY A O   1 
ATOM   165  N  N   . ASN A 1 30  ? -9.083  -11.044 -7.534  1.00 18.96 ? 24  ASN A N   1 
ATOM   166  C  CA  . ASN A 1 30  ? -9.731  -12.316 -7.211  1.00 21.29 ? 24  ASN A CA  1 
ATOM   167  C  C   . ASN A 1 30  ? -9.185  -12.930 -5.925  1.00 20.73 ? 24  ASN A C   1 
ATOM   168  O  O   . ASN A 1 30  ? -9.623  -14.000 -5.521  1.00 20.25 ? 24  ASN A O   1 
ATOM   169  C  CB  . ASN A 1 30  ? -9.546  -13.325 -8.362  1.00 25.28 ? 24  ASN A CB  1 
ATOM   170  C  CG  . ASN A 1 30  ? -10.251 -12.893 -9.656  1.00 31.01 ? 24  ASN A CG  1 
ATOM   171  O  OD1 . ASN A 1 30  ? -9.678  -12.985 -10.751 1.00 35.26 ? 24  ASN A OD1 1 
ATOM   172  N  ND2 . ASN A 1 30  ? -11.500 -12.434 -9.536  1.00 32.70 ? 24  ASN A ND2 1 
ATOM   173  N  N   . SER A 1 31  ? -8.241  -12.263 -5.274  1.00 18.90 ? 25  SER A N   1 
ATOM   174  C  CA  . SER A 1 31  ? -7.645  -12.840 -4.069  1.00 18.01 ? 25  SER A CA  1 
ATOM   175  C  C   . SER A 1 31  ? -6.949  -11.775 -3.245  1.00 16.54 ? 25  SER A C   1 
ATOM   176  O  O   . SER A 1 31  ? -6.723  -10.669 -3.721  1.00 13.93 ? 25  SER A O   1 
ATOM   177  C  CB  . SER A 1 31  ? -6.592  -13.879 -4.465  1.00 18.28 ? 25  SER A CB  1 
ATOM   178  O  OG  . SER A 1 31  ? -5.451  -13.217 -4.996  1.00 19.60 ? 25  SER A OG  1 
ATOM   179  N  N   . TYR A 1 32  ? -6.609  -12.147 -2.021  1.00 13.81 ? 26  TYR A N   1 
ATOM   180  C  CA  . TYR A 1 32  ? -5.926  -11.279 -1.074  1.00 17.03 ? 26  TYR A CA  1 
ATOM   181  C  C   . TYR A 1 32  ? -4.588  -10.829 -1.645  1.00 16.09 ? 26  TYR A C   1 
ATOM   182  O  O   . TYR A 1 32  ? -4.197  -9.680  -1.496  1.00 15.60 ? 26  TYR A O   1 
ATOM   183  C  CB  . TYR A 1 32  ? -5.707  -12.030 0.242   1.00 16.46 ? 26  TYR A CB  1 
ATOM   184  C  CG  . TYR A 1 32  ? -4.864  -11.284 1.246   1.00 16.87 ? 26  TYR A CG  1 
ATOM   185  C  CD1 . TYR A 1 32  ? -5.398  -10.237 2.006   1.00 15.11 ? 26  TYR A CD1 1 
ATOM   186  C  CD2 . TYR A 1 32  ? -3.538  -11.627 1.440   1.00 15.62 ? 26  TYR A CD2 1 
ATOM   187  C  CE1 . TYR A 1 32  ? -4.619  -9.555  2.938   1.00 17.37 ? 26  TYR A CE1 1 
ATOM   188  C  CE2 . TYR A 1 32  ? -2.752  -10.955 2.372   1.00 17.52 ? 26  TYR A CE2 1 
ATOM   189  C  CZ  . TYR A 1 32  ? -3.297  -9.917  3.114   1.00 17.30 ? 26  TYR A CZ  1 
ATOM   190  O  OH  . TYR A 1 32  ? -2.503  -9.258  4.021   1.00 17.22 ? 26  TYR A OH  1 
ATOM   191  N  N   . GLU A 1 33  ? -3.891  -11.750 -2.295  1.00 14.79 ? 27  GLU A N   1 
ATOM   192  C  CA  . GLU A 1 33  ? -2.605  -11.438 -2.893  1.00 14.52 ? 27  GLU A CA  1 
ATOM   193  C  C   . GLU A 1 33  ? -2.748  -10.364 -3.976  1.00 13.59 ? 27  GLU A C   1 
ATOM   194  O  O   . GLU A 1 33  ? -1.909  -9.465  -4.076  1.00 12.13 ? 27  GLU A O   1 
ATOM   195  C  CB  . GLU A 1 33  ? -1.989  -12.696 -3.503  1.00 17.04 ? 27  GLU A CB  1 
ATOM   196  C  CG  . GLU A 1 33  ? -0.630  -12.454 -4.109  1.00 20.02 ? 27  GLU A CG  1 
ATOM   197  C  CD  . GLU A 1 33  ? 0.021   -13.734 -4.628  1.00 23.44 ? 27  GLU A CD  1 
ATOM   198  O  OE1 . GLU A 1 33  ? -0.510  -14.826 -4.357  1.00 23.11 ? 27  GLU A OE1 1 
ATOM   199  O  OE2 . GLU A 1 33  ? 1.068   -13.637 -5.298  1.00 24.33 ? 27  GLU A OE2 1 
ATOM   200  N  N   . GLU A 1 34  ? -3.808  -10.446 -4.780  1.00 13.28 ? 28  GLU A N   1 
ATOM   201  C  CA  . GLU A 1 34  ? -4.003  -9.458  -5.841  1.00 13.86 ? 28  GLU A CA  1 
ATOM   202  C  C   . GLU A 1 34  ? -4.365  -8.081  -5.262  1.00 11.62 ? 28  GLU A C   1 
ATOM   203  O  O   . GLU A 1 34  ? -4.063  -7.065  -5.868  1.00 12.70 ? 28  GLU A O   1 
ATOM   204  C  CB  . GLU A 1 34  ? -5.069  -9.917  -6.845  1.00 14.14 ? 28  GLU A CB  1 
ATOM   205  C  CG  . GLU A 1 34  ? -4.617  -11.105 -7.685  1.00 18.35 ? 28  GLU A CG  1 
ATOM   206  C  CD  . GLU A 1 34  ? -5.545  -11.377 -8.866  1.00 21.44 ? 28  GLU A CD  1 
ATOM   207  O  OE1 . GLU A 1 34  ? -6.658  -10.805 -8.937  1.00 20.57 ? 28  GLU A OE1 1 
ATOM   208  O  OE2 . GLU A 1 34  ? -5.158  -12.181 -9.721  1.00 25.23 ? 28  GLU A OE2 1 
ATOM   209  N  N   . LEU A 1 35  ? -5.014  -8.053  -4.103  1.00 11.74 ? 29  LEU A N   1 
ATOM   210  C  CA  . LEU A 1 35  ? -5.302  -6.767  -3.484  1.00 13.54 ? 29  LEU A CA  1 
ATOM   211  C  C   . LEU A 1 35  ? -3.980  -6.151  -3.045  1.00 12.37 ? 29  LEU A C   1 
ATOM   212  O  O   . LEU A 1 35  ? -3.800  -4.942  -3.141  1.00 11.48 ? 29  LEU A O   1 
ATOM   213  C  CB  . LEU A 1 35  ? -6.235  -6.917  -2.287  1.00 13.13 ? 29  LEU A CB  1 
ATOM   214  C  CG  . LEU A 1 35  ? -7.623  -7.452  -2.670  1.00 15.86 ? 29  LEU A CG  1 
ATOM   215  C  CD1 . LEU A 1 35  ? -8.508  -7.391  -1.462  1.00 15.66 ? 29  LEU A CD1 1 
ATOM   216  C  CD2 . LEU A 1 35  ? -8.232  -6.601  -3.809  1.00 15.32 ? 29  LEU A CD2 1 
ATOM   217  N  N   . LEU A 1 36  ? -3.054  -6.979  -2.551  1.00 12.94 ? 30  LEU A N   1 
ATOM   218  C  CA  . LEU A 1 36  ? -1.745  -6.450  -2.145  1.00 13.94 ? 30  LEU A CA  1 
ATOM   219  C  C   . LEU A 1 36  ? -0.972  -5.979  -3.379  1.00 13.31 ? 30  LEU A C   1 
ATOM   220  O  O   . LEU A 1 36  ? -0.221  -5.013  -3.303  1.00 13.85 ? 30  LEU A O   1 
ATOM   221  C  CB  . LEU A 1 36  ? -0.916  -7.498  -1.384  1.00 13.01 ? 30  LEU A CB  1 
ATOM   222  C  CG  . LEU A 1 36  ? -1.283  -7.684  0.103   1.00 14.49 ? 30  LEU A CG  1 
ATOM   223  C  CD1 . LEU A 1 36  ? -0.545  -8.899  0.663   1.00 12.85 ? 30  LEU A CD1 1 
ATOM   224  C  CD2 . LEU A 1 36  ? -0.913  -6.429  0.890   1.00 12.41 ? 30  LEU A CD2 1 
ATOM   225  N  N   . GLU A 1 37  ? -1.138  -6.665  -4.510  1.00 11.75 ? 31  GLU A N   1 
ATOM   226  C  CA  . GLU A 1 37  ? -0.458  -6.261  -5.741  1.00 11.93 ? 31  GLU A CA  1 
ATOM   227  C  C   . GLU A 1 37  ? -1.005  -4.868  -6.114  1.00 12.69 ? 31  GLU A C   1 
ATOM   228  O  O   . GLU A 1 37  ? -0.259  -3.999  -6.557  1.00 12.40 ? 31  GLU A O   1 
ATOM   229  C  CB  . GLU A 1 37  ? -0.756  -7.247  -6.890  1.00 12.46 ? 31  GLU A CB  1 
ATOM   230  C  CG  . GLU A 1 37  ? -0.005  -8.611  -6.796  1.00 21.57 ? 31  GLU A CG  1 
ATOM   231  C  CD  . GLU A 1 37  ? -0.622  -9.703  -7.689  1.00 26.30 ? 31  GLU A CD  1 
ATOM   232  O  OE1 . GLU A 1 37  ? -1.039  -9.388  -8.809  1.00 32.06 ? 31  GLU A OE1 1 
ATOM   233  O  OE2 . GLU A 1 37  ? -0.694  -10.881 -7.278  1.00 32.82 ? 31  GLU A OE2 1 
ATOM   234  N  N   . GLU A 1 38  ? -2.315  -4.671  -5.944  1.00 11.06 ? 32  GLU A N   1 
ATOM   235  C  CA  . GLU A 1 38  ? -2.907  -3.369  -6.252  1.00 13.03 ? 32  GLU A CA  1 
ATOM   236  C  C   . GLU A 1 38  ? -2.447  -2.278  -5.251  1.00 12.76 ? 32  GLU A C   1 
ATOM   237  O  O   . GLU A 1 38  ? -2.262  -1.119  -5.623  1.00 12.82 ? 32  GLU A O   1 
ATOM   238  C  CB  . GLU A 1 38  ? -4.431  -3.490  -6.294  1.00 13.14 ? 32  GLU A CB  1 
ATOM   239  C  CG  . GLU A 1 38  ? -4.937  -4.140  -7.608  1.00 11.45 ? 32  GLU A CG  1 
ATOM   240  C  CD  . GLU A 1 38  ? -4.411  -3.421  -8.843  1.00 13.97 ? 32  GLU A CD  1 
ATOM   241  O  OE1 . GLU A 1 38  ? -4.195  -2.196  -8.756  1.00 14.68 ? 32  GLU A OE1 1 
ATOM   242  O  OE2 . GLU A 1 38  ? -4.215  -4.065  -9.904  1.00 14.43 ? 32  GLU A OE2 1 
ATOM   243  N  N   . ALA A 1 39  ? -2.254  -2.643  -3.985  1.00 13.51 ? 33  ALA A N   1 
ATOM   244  C  CA  . ALA A 1 39  ? -1.755  -1.662  -2.995  1.00 13.13 ? 33  ALA A CA  1 
ATOM   245  C  C   . ALA A 1 39  ? -0.353  -1.264  -3.453  1.00 13.44 ? 33  ALA A C   1 
ATOM   246  O  O   . ALA A 1 39  ? 0.032   -0.088  -3.412  1.00 13.01 ? 33  ALA A O   1 
ATOM   247  C  CB  . ALA A 1 39  ? -1.698  -2.284  -1.580  1.00 12.38 ? 33  ALA A CB  1 
ATOM   248  N  N   . ARG A 1 40  ? 0.419   -2.252  -3.886  1.00 13.49 ? 34  ARG A N   1 
ATOM   249  C  CA  . ARG A 1 40  ? 1.758   -1.994  -4.394  1.00 14.71 ? 34  ARG A CA  1 
ATOM   250  C  C   . ARG A 1 40  ? 1.682   -1.026  -5.597  1.00 15.54 ? 34  ARG A C   1 
ATOM   251  O  O   . ARG A 1 40  ? 2.408   -0.037  -5.657  1.00 15.53 ? 34  ARG A O   1 
ATOM   252  C  CB  . ARG A 1 40  ? 2.426   -3.298  -4.862  1.00 14.62 ? 34  ARG A CB  1 
ATOM   253  C  CG  . ARG A 1 40  ? 3.732   -3.058  -5.654  1.00 17.67 ? 34  ARG A CG  1 
ATOM   254  C  CD  . ARG A 1 40  ? 4.081   -4.279  -6.538  1.00 19.55 ? 34  ARG A CD  1 
ATOM   255  N  NE  . ARG A 1 40  ? 3.050   -4.451  -7.557  1.00 21.96 ? 34  ARG A NE  1 
ATOM   256  C  CZ  . ARG A 1 40  ? 2.806   -5.585  -8.210  1.00 24.34 ? 34  ARG A CZ  1 
ATOM   257  N  NH1 . ARG A 1 40  ? 3.540   -6.667  -7.962  1.00 24.84 ? 34  ARG A NH1 1 
ATOM   258  N  NH2 . ARG A 1 40  ? 1.788   -5.652  -9.067  1.00 20.99 ? 34  ARG A NH2 1 
ATOM   259  N  N   . ASN A 1 41  ? 0.831   -1.348  -6.571  1.00 13.70 ? 35  ASN A N   1 
ATOM   260  C  CA  . ASN A 1 41  ? 0.683   -0.493  -7.747  1.00 15.09 ? 35  ASN A CA  1 
ATOM   261  C  C   . ASN A 1 41  ? 0.383   0.960   -7.361  1.00 14.10 ? 35  ASN A C   1 
ATOM   262  O  O   . ASN A 1 41  ? 0.953   1.881   -7.933  1.00 16.90 ? 35  ASN A O   1 
ATOM   263  C  CB  . ASN A 1 41  ? -0.431  -1.032  -8.670  1.00 14.19 ? 35  ASN A CB  1 
ATOM   264  C  CG  . ASN A 1 41  ? -0.055  -2.344  -9.324  1.00 15.05 ? 35  ASN A CG  1 
ATOM   265  O  OD1 . ASN A 1 41  ? 1.118   -2.717  -9.344  1.00 13.88 ? 35  ASN A OD1 1 
ATOM   266  N  ND2 . ASN A 1 41  ? -1.047  -3.051  -9.874  1.00 14.52 ? 35  ASN A ND2 1 
ATOM   267  N  N   . ILE A 1 42  ? -0.501  1.155   -6.391  1.00 13.98 ? 36  ILE A N   1 
ATOM   268  C  CA  . ILE A 1 42  ? -0.868  2.491   -5.930  1.00 14.11 ? 36  ILE A CA  1 
ATOM   269  C  C   . ILE A 1 42  ? 0.342   3.247   -5.372  1.00 15.87 ? 36  ILE A C   1 
ATOM   270  O  O   . ILE A 1 42  ? 0.582   4.407   -5.741  1.00 13.79 ? 36  ILE A O   1 
ATOM   271  C  CB  . ILE A 1 42  ? -1.983  2.424   -4.835  1.00 14.45 ? 36  ILE A CB  1 
ATOM   272  C  CG1 . ILE A 1 42  ? -3.316  1.961   -5.461  1.00 12.29 ? 36  ILE A CG1 1 
ATOM   273  C  CG2 . ILE A 1 42  ? -2.149  3.806   -4.161  1.00 16.34 ? 36  ILE A CG2 1 
ATOM   274  C  CD1 . ILE A 1 42  ? -4.446  1.764   -4.449  1.00 12.43 ? 36  ILE A CD1 1 
ATOM   275  N  N   . LEU A 1 43  ? 1.106   2.587   -4.492  1.00 14.29 ? 37  LEU A N   1 
ATOM   276  C  CA  . LEU A 1 43  ? 2.291   3.189   -3.885  1.00 15.81 ? 37  LEU A CA  1 
ATOM   277  C  C   . LEU A 1 43  ? 3.319   3.665   -4.925  1.00 16.93 ? 37  LEU A C   1 
ATOM   278  O  O   . LEU A 1 43  ? 3.821   4.797   -4.849  1.00 19.84 ? 37  LEU A O   1 
ATOM   279  C  CB  . LEU A 1 43  ? 2.955   2.190   -2.891  1.00 13.97 ? 37  LEU A CB  1 
ATOM   280  C  CG  . LEU A 1 43  ? 2.153   1.826   -1.626  1.00 14.41 ? 37  LEU A CG  1 
ATOM   281  C  CD1 . LEU A 1 43  ? 2.952   0.817   -0.780  1.00 17.12 ? 37  LEU A CD1 1 
ATOM   282  C  CD2 . LEU A 1 43  ? 1.865   3.098   -0.791  1.00 16.61 ? 37  LEU A CD2 1 
ATOM   283  N  N   . LEU A 1 44  ? 3.620   2.815   -5.899  1.00 18.16 ? 38  LEU A N   1 
ATOM   284  C  CA  . LEU A 1 44  ? 4.584   3.137   -6.961  1.00 18.77 ? 38  LEU A CA  1 
ATOM   285  C  C   . LEU A 1 44  ? 4.094   4.271   -7.874  1.00 21.91 ? 38  LEU A C   1 
ATOM   286  O  O   . LEU A 1 44  ? 4.849   5.184   -8.233  1.00 21.02 ? 38  LEU A O   1 
ATOM   287  C  CB  . LEU A 1 44  ? 4.831   1.905   -7.832  1.00 20.93 ? 38  LEU A CB  1 
ATOM   288  C  CG  . LEU A 1 44  ? 5.446   0.704   -7.107  1.00 23.08 ? 38  LEU A CG  1 
ATOM   289  C  CD1 . LEU A 1 44  ? 5.581   -0.480  -8.059  1.00 22.47 ? 38  LEU A CD1 1 
ATOM   290  C  CD2 . LEU A 1 44  ? 6.796   1.114   -6.563  1.00 22.78 ? 38  LEU A CD2 1 
ATOM   291  N  N   . GLU A 1 45  ? 2.829   4.190   -8.248  1.00 20.39 ? 39  GLU A N   1 
ATOM   292  C  CA  . GLU A 1 45  ? 2.220   5.182   -9.126  1.00 23.89 ? 39  GLU A CA  1 
ATOM   293  C  C   . GLU A 1 45  ? 2.039   6.535   -8.443  1.00 23.59 ? 39  GLU A C   1 
ATOM   294  O  O   . GLU A 1 45  ? 2.436   7.568   -8.982  1.00 23.40 ? 39  GLU A O   1 
ATOM   295  C  CB  . GLU A 1 45  ? 0.870   4.652   -9.616  1.00 25.26 ? 39  GLU A CB  1 
ATOM   296  C  CG  . GLU A 1 45  ? -0.085  5.712   -10.158 1.00 29.61 ? 39  GLU A CG  1 
ATOM   297  C  CD  . GLU A 1 45  ? -1.501  5.169   -10.293 1.00 30.79 ? 39  GLU A CD  1 
ATOM   298  O  OE1 . GLU A 1 45  ? -1.670  4.144   -10.982 1.00 30.48 ? 39  GLU A OE1 1 
ATOM   299  O  OE2 . GLU A 1 45  ? -2.435  5.763   -9.707  1.00 32.17 ? 39  GLU A OE2 1 
ATOM   300  N  N   . GLU A 1 46  ? 1.458   6.520   -7.246  1.00 22.12 ? 40  GLU A N   1 
ATOM   301  C  CA  . GLU A 1 46  ? 1.196   7.742   -6.503  1.00 23.06 ? 40  GLU A CA  1 
ATOM   302  C  C   . GLU A 1 46  ? 2.486   8.476   -6.144  1.00 23.84 ? 40  GLU A C   1 
ATOM   303  O  O   . GLU A 1 46  ? 2.561   9.716   -6.211  1.00 21.90 ? 40  GLU A O   1 
ATOM   304  C  CB  . GLU A 1 46  ? 0.387   7.389   -5.246  1.00 25.81 ? 40  GLU A CB  1 
ATOM   305  C  CG  . GLU A 1 46  ? -0.024  8.542   -4.373  1.00 31.44 ? 40  GLU A CG  1 
ATOM   306  C  CD  . GLU A 1 46  ? -0.806  9.593   -5.123  1.00 32.80 ? 40  GLU A CD  1 
ATOM   307  O  OE1 . GLU A 1 46  ? -1.664  9.238   -5.960  1.00 35.75 ? 40  GLU A OE1 1 
ATOM   308  O  OE2 . GLU A 1 46  ? -0.566  10.779  -4.862  1.00 35.82 ? 40  GLU A OE2 1 
ATOM   309  N  N   . GLU A 1 47  ? 3.515   7.719   -5.773  1.00 21.37 ? 41  GLU A N   1 
ATOM   310  C  CA  . GLU A 1 47  ? 4.795   8.320   -5.414  1.00 22.26 ? 41  GLU A CA  1 
ATOM   311  C  C   . GLU A 1 47  ? 5.732   8.553   -6.599  1.00 20.62 ? 41  GLU A C   1 
ATOM   312  O  O   . GLU A 1 47  ? 6.790   9.150   -6.439  1.00 23.36 ? 41  GLU A O   1 
ATOM   313  C  CB  . GLU A 1 47  ? 5.497   7.464   -4.367  1.00 22.33 ? 41  GLU A CB  1 
ATOM   314  C  CG  . GLU A 1 47  ? 4.734   7.370   -3.050  1.00 26.51 ? 41  GLU A CG  1 
ATOM   315  C  CD  . GLU A 1 47  ? 5.659   7.053   -1.898  1.00 29.98 ? 41  GLU A CD  1 
ATOM   316  O  OE1 . GLU A 1 47  ? 6.719   6.442   -2.153  1.00 34.28 ? 41  GLU A OE1 1 
ATOM   317  O  OE2 . GLU A 1 47  ? 5.339   7.399   -0.744  1.00 30.92 ? 41  GLU A OE2 1 
ATOM   318  N  N   . GLY A 1 48  ? 5.331   8.100   -7.776  1.00 21.12 ? 42  GLY A N   1 
ATOM   319  C  CA  . GLY A 1 48  ? 6.140   8.258   -8.976  1.00 22.80 ? 42  GLY A CA  1 
ATOM   320  C  C   . GLY A 1 48  ? 7.516   7.629   -8.821  1.00 25.23 ? 42  GLY A C   1 
ATOM   321  O  O   . GLY A 1 48  ? 8.531   8.166   -9.281  1.00 24.59 ? 42  GLY A O   1 
ATOM   322  N  N   . ILE A 1 49  ? 7.549   6.474   -8.163  1.00 24.30 ? 43  ILE A N   1 
ATOM   323  C  CA  . ILE A 1 49  ? 8.794   5.774   -7.905  1.00 23.92 ? 43  ILE A CA  1 
ATOM   324  C  C   . ILE A 1 49  ? 9.432   5.192   -9.154  1.00 22.74 ? 43  ILE A C   1 
ATOM   325  O  O   . ILE A 1 49  ? 8.768   4.582   -9.982  1.00 22.72 ? 43  ILE A O   1 
ATOM   326  C  CB  . ILE A 1 49  ? 8.558   4.644   -6.849  1.00 24.37 ? 43  ILE A CB  1 
ATOM   327  C  CG1 . ILE A 1 49  ? 8.230   5.286   -5.509  1.00 24.27 ? 43  ILE A CG1 1 
ATOM   328  C  CG2 . ILE A 1 49  ? 9.789   3.735   -6.725  1.00 25.97 ? 43  ILE A CG2 1 
ATOM   329  C  CD1 . ILE A 1 49  ? 7.690   4.332   -4.450  1.00 24.68 ? 43  ILE A CD1 1 
ATOM   330  N  N   . VAL A 1 50  ? 10.731  5.417   -9.295  1.00 24.62 ? 44  VAL A N   1 
ATOM   331  C  CA  . VAL A 1 50  ? 11.489  4.873   -10.420 1.00 25.89 ? 44  VAL A CA  1 
ATOM   332  C  C   . VAL A 1 50  ? 12.440  3.900   -9.730  1.00 24.79 ? 44  VAL A C   1 
ATOM   333  O  O   . VAL A 1 50  ? 13.087  4.246   -8.735  1.00 24.84 ? 44  VAL A O   1 
ATOM   334  C  CB  . VAL A 1 50  ? 12.290  5.969   -11.182 1.00 26.92 ? 44  VAL A CB  1 
ATOM   335  C  CG1 . VAL A 1 50  ? 13.041  5.349   -12.360 1.00 27.97 ? 44  VAL A CG1 1 
ATOM   336  C  CG2 . VAL A 1 50  ? 11.339  7.043   -11.700 1.00 28.32 ? 44  VAL A CG2 1 
ATOM   337  N  N   . LEU A 1 51  ? 12.518  2.683   -10.245 1.00 26.23 ? 45  LEU A N   1 
ATOM   338  C  CA  . LEU A 1 51  ? 13.344  1.663   -9.610  1.00 27.80 ? 45  LEU A CA  1 
ATOM   339  C  C   . LEU A 1 51  ? 14.738  1.401   -10.166 1.00 28.65 ? 45  LEU A C   1 
ATOM   340  O  O   . LEU A 1 51  ? 14.972  1.499   -11.365 1.00 29.83 ? 45  LEU A O   1 
ATOM   341  C  CB  . LEU A 1 51  ? 12.582  0.331   -9.603  1.00 26.53 ? 45  LEU A CB  1 
ATOM   342  C  CG  . LEU A 1 51  ? 11.194  0.296   -8.956  1.00 25.11 ? 45  LEU A CG  1 
ATOM   343  C  CD1 . LEU A 1 51  ? 10.589  -1.084  -9.140  1.00 25.00 ? 45  LEU A CD1 1 
ATOM   344  C  CD2 . LEU A 1 51  ? 11.309  0.636   -7.489  1.00 23.51 ? 45  LEU A CD2 1 
ATOM   345  N  N   . ASP A 1 52  ? 15.660  1.066   -9.270  1.00 31.03 ? 46  ASP A N   1 
ATOM   346  C  CA  . ASP A 1 52  ? 17.005  0.682   -9.674  1.00 32.53 ? 46  ASP A CA  1 
ATOM   347  C  C   . ASP A 1 52  ? 16.889  -0.843  -9.782  1.00 33.47 ? 46  ASP A C   1 
ATOM   348  O  O   . ASP A 1 52  ? 15.786  -1.392  -9.669  1.00 32.75 ? 46  ASP A O   1 
ATOM   349  C  CB  . ASP A 1 52  ? 18.053  1.055   -8.623  1.00 34.08 ? 46  ASP A CB  1 
ATOM   350  C  CG  . ASP A 1 52  ? 18.681  2.431   -8.870  1.00 37.30 ? 46  ASP A CG  1 
ATOM   351  O  OD1 . ASP A 1 52  ? 18.879  2.799   -10.048 1.00 37.40 ? 46  ASP A OD1 1 
ATOM   352  O  OD2 . ASP A 1 52  ? 19.001  3.137   -7.883  1.00 38.18 ? 46  ASP A OD2 1 
ATOM   353  N  N   . THR A 1 53  ? 18.008  -1.536  -9.968  1.00 33.08 ? 47  THR A N   1 
ATOM   354  C  CA  . THR A 1 53  ? 17.963  -2.984  -10.129 1.00 33.99 ? 47  THR A CA  1 
ATOM   355  C  C   . THR A 1 53  ? 18.197  -3.823  -8.884  1.00 32.87 ? 47  THR A C   1 
ATOM   356  O  O   . THR A 1 53  ? 17.740  -4.961  -8.824  1.00 34.21 ? 47  THR A O   1 
ATOM   357  C  CB  . THR A 1 53  ? 18.979  -3.429  -11.175 1.00 34.97 ? 47  THR A CB  1 
ATOM   358  O  OG1 . THR A 1 53  ? 20.290  -3.097  -10.708 1.00 37.01 ? 47  THR A OG1 1 
ATOM   359  C  CG2 . THR A 1 53  ? 18.724  -2.722  -12.496 1.00 35.95 ? 47  THR A CG2 1 
ATOM   360  N  N   . GLU A 1 54  ? 18.913  -3.277  -7.904  1.00 31.58 ? 48  GLU A N   1 
ATOM   361  C  CA  . GLU A 1 54  ? 19.227  -4.015  -6.684  1.00 31.32 ? 48  GLU A CA  1 
ATOM   362  C  C   . GLU A 1 54  ? 17.953  -4.474  -5.981  1.00 30.63 ? 48  GLU A C   1 
ATOM   363  O  O   . GLU A 1 54  ? 16.985  -3.714  -5.856  1.00 28.74 ? 48  GLU A O   1 
ATOM   364  C  CB  . GLU A 1 54  ? 20.082  -3.150  -5.754  1.00 33.06 ? 48  GLU A CB  1 
ATOM   365  C  CG  . GLU A 1 54  ? 20.424  -3.790  -4.438  1.00 36.75 ? 48  GLU A CG  1 
ATOM   366  C  CD  . GLU A 1 54  ? 21.293  -2.914  -3.554  1.00 38.54 ? 48  GLU A CD  1 
ATOM   367  O  OE1 . GLU A 1 54  ? 21.166  -1.671  -3.620  1.00 40.05 ? 48  GLU A OE1 1 
ATOM   368  O  OE2 . GLU A 1 54  ? 22.089  -3.472  -2.773  1.00 39.61 ? 48  GLU A OE2 1 
ATOM   369  N  N   . GLU A 1 55  ? 17.954  -5.729  -5.540  1.00 29.11 ? 49  GLU A N   1 
ATOM   370  C  CA  . GLU A 1 55  ? 16.786  -6.304  -4.882  1.00 26.99 ? 49  GLU A CA  1 
ATOM   371  C  C   . GLU A 1 55  ? 17.006  -6.697  -3.431  1.00 26.20 ? 49  GLU A C   1 
ATOM   372  O  O   . GLU A 1 55  ? 18.138  -6.819  -2.952  1.00 27.63 ? 49  GLU A O   1 
ATOM   373  C  CB  . GLU A 1 55  ? 16.295  -7.515  -5.677  1.00 26.69 ? 49  GLU A CB  1 
ATOM   374  C  CG  . GLU A 1 55  ? 15.705  -7.170  -7.026  1.00 27.65 ? 49  GLU A CG  1 
ATOM   375  C  CD  . GLU A 1 55  ? 15.426  -8.401  -7.868  1.00 30.03 ? 49  GLU A CD  1 
ATOM   376  O  OE1 . GLU A 1 55  ? 15.303  -9.499  -7.294  1.00 30.52 ? 49  GLU A OE1 1 
ATOM   377  O  OE2 . GLU A 1 55  ? 15.316  -8.277  -9.103  1.00 31.95 ? 49  GLU A OE2 1 
ATOM   378  N  N   . LYS A 1 56  ? 15.897  -6.915  -2.742  1.00 23.58 ? 50  LYS A N   1 
ATOM   379  C  CA  . LYS A 1 56  ? 15.892  -7.282  -1.336  1.00 23.27 ? 50  LYS A CA  1 
ATOM   380  C  C   . LYS A 1 56  ? 14.542  -7.968  -1.107  1.00 23.95 ? 50  LYS A C   1 
ATOM   381  O  O   . LYS A 1 56  ? 13.545  -7.595  -1.744  1.00 24.18 ? 50  LYS A O   1 
ATOM   382  C  CB  . LYS A 1 56  ? 16.018  -6.001  -0.512  1.00 24.78 ? 50  LYS A CB  1 
ATOM   383  C  CG  . LYS A 1 56  ? 15.543  -6.062  0.899   1.00 26.72 ? 50  LYS A CG  1 
ATOM   384  C  CD  . LYS A 1 56  ? 15.826  -4.743  1.600   1.00 26.73 ? 50  LYS A CD  1 
ATOM   385  C  CE  . LYS A 1 56  ? 14.708  -4.397  2.565   1.00 24.88 ? 50  LYS A CE  1 
ATOM   386  N  NZ  . LYS A 1 56  ? 15.176  -3.516  3.668   1.00 22.01 ? 50  LYS A NZ  1 
ATOM   387  N  N   . GLU A 1 57  ? 14.484  -8.958  -0.222  1.00 21.84 ? 51  GLU A N   1 
ATOM   388  C  CA  . GLU A 1 57  ? 13.212  -9.628  -0.001  1.00 21.41 ? 51  GLU A CA  1 
ATOM   389  C  C   . GLU A 1 57  ? 12.835  -9.824  1.469   1.00 20.55 ? 51  GLU A C   1 
ATOM   390  O  O   . GLU A 1 57  ? 13.695  -9.995  2.335   1.00 21.06 ? 51  GLU A O   1 
ATOM   391  C  CB  . GLU A 1 57  ? 13.209  -10.981 -0.734  1.00 23.33 ? 51  GLU A CB  1 
ATOM   392  C  CG  . GLU A 1 57  ? 13.564  -10.882 -2.200  1.00 23.38 ? 51  GLU A CG  1 
ATOM   393  C  CD  . GLU A 1 57  ? 13.642  -12.226 -2.899  1.00 21.76 ? 51  GLU A CD  1 
ATOM   394  O  OE1 . GLU A 1 57  ? 14.265  -13.181 -2.375  1.00 18.92 ? 51  GLU A OE1 1 
ATOM   395  O  OE2 . GLU A 1 57  ? 13.097  -12.317 -4.004  1.00 22.59 ? 51  GLU A OE2 1 
ATOM   396  N  N   . LYS A 1 58  ? 11.529  -9.814  1.738   1.00 19.20 ? 52  LYS A N   1 
ATOM   397  C  CA  . LYS A 1 58  ? 11.003  -10.011 3.082   1.00 18.59 ? 52  LYS A CA  1 
ATOM   398  C  C   . LYS A 1 58  ? 9.777   -10.899 2.974   1.00 19.17 ? 52  LYS A C   1 
ATOM   399  O  O   . LYS A 1 58  ? 9.157   -10.984 1.906   1.00 18.36 ? 52  LYS A O   1 
ATOM   400  C  CB  . LYS A 1 58  ? 10.600  -8.676  3.723   1.00 18.54 ? 52  LYS A CB  1 
ATOM   401  C  CG  . LYS A 1 58  ? 11.743  -7.699  3.863   1.00 20.39 ? 52  LYS A CG  1 
ATOM   402  C  CD  . LYS A 1 58  ? 11.272  -6.372  4.445   1.00 20.41 ? 52  LYS A CD  1 
ATOM   403  C  CE  . LYS A 1 58  ? 10.895  -6.509  5.914   1.00 20.40 ? 52  LYS A CE  1 
ATOM   404  N  NZ  . LYS A 1 58  ? 10.548  -5.160  6.516   1.00 21.07 ? 52  LYS A NZ  1 
HETATM 405  N  N   . MSE A 1 59  ? 9.443   -11.553 4.082   1.00 16.95 ? 53  MSE A N   1 
HETATM 406  C  CA  . MSE A 1 59  ? 8.293   -12.439 4.158   1.00 18.87 ? 53  MSE A CA  1 
HETATM 407  C  C   . MSE A 1 59  ? 7.163   -11.766 4.943   1.00 17.89 ? 53  MSE A C   1 
HETATM 408  O  O   . MSE A 1 59  ? 7.404   -11.035 5.907   1.00 17.57 ? 53  MSE A O   1 
HETATM 409  C  CB  . MSE A 1 59  ? 8.635   -13.742 4.898   1.00 19.71 ? 53  MSE A CB  1 
HETATM 410  C  CG  . MSE A 1 59  ? 9.707   -14.615 4.281   1.00 21.62 ? 53  MSE A CG  1 
HETATM 411  SE SE  . MSE A 1 59  ? 9.319   -15.286 2.503   1.00 29.43 ? 53  MSE A SE  1 
HETATM 412  C  CE  . MSE A 1 59  ? 7.547   -15.742 2.750   1.00 11.49 ? 53  MSE A CE  1 
ATOM   413  N  N   . TYR A 1 60  ? 5.939   -12.038 4.527   1.00 16.98 ? 54  TYR A N   1 
ATOM   414  C  CA  . TYR A 1 60  ? 4.762   -11.528 5.211   1.00 17.94 ? 54  TYR A CA  1 
ATOM   415  C  C   . TYR A 1 60  ? 3.779   -12.677 5.312   1.00 18.67 ? 54  TYR A C   1 
ATOM   416  O  O   . TYR A 1 60  ? 3.721   -13.535 4.435   1.00 18.59 ? 54  TYR A O   1 
ATOM   417  C  CB  . TYR A 1 60  ? 4.125   -10.381 4.420   1.00 15.51 ? 54  TYR A CB  1 
ATOM   418  C  CG  . TYR A 1 60  ? 5.000   -9.177  4.330   1.00 13.55 ? 54  TYR A CG  1 
ATOM   419  C  CD1 . TYR A 1 60  ? 5.030   -8.244  5.361   1.00 14.77 ? 54  TYR A CD1 1 
ATOM   420  C  CD2 . TYR A 1 60  ? 5.815   -8.970  3.222   1.00 11.95 ? 54  TYR A CD2 1 
ATOM   421  C  CE1 . TYR A 1 60  ? 5.844   -7.138  5.296   1.00 13.45 ? 54  TYR A CE1 1 
ATOM   422  C  CE2 . TYR A 1 60  ? 6.648   -7.856  3.148   1.00 14.25 ? 54  TYR A CE2 1 
ATOM   423  C  CZ  . TYR A 1 60  ? 6.653   -6.949  4.192   1.00 12.83 ? 54  TYR A CZ  1 
ATOM   424  O  OH  . TYR A 1 60  ? 7.479   -5.863  4.133   1.00 13.75 ? 54  TYR A OH  1 
ATOM   425  N  N   . PRO A 1 61  ? 3.006   -12.725 6.400   1.00 19.97 ? 55  PRO A N   1 
ATOM   426  C  CA  . PRO A 1 61  ? 2.036   -13.807 6.539   1.00 19.96 ? 55  PRO A CA  1 
ATOM   427  C  C   . PRO A 1 61  ? 0.880   -13.653 5.545   1.00 21.31 ? 55  PRO A C   1 
ATOM   428  O  O   . PRO A 1 61  ? 0.369   -12.539 5.317   1.00 20.71 ? 55  PRO A O   1 
ATOM   429  C  CB  . PRO A 1 61  ? 1.577   -13.670 7.989   1.00 21.01 ? 55  PRO A CB  1 
ATOM   430  C  CG  . PRO A 1 61  ? 1.709   -12.183 8.234   1.00 21.32 ? 55  PRO A CG  1 
ATOM   431  C  CD  . PRO A 1 61  ? 3.052   -11.889 7.610   1.00 21.21 ? 55  PRO A CD  1 
ATOM   432  N  N   . LEU A 1 62  ? 0.478   -14.763 4.939   1.00 20.15 ? 56  LEU A N   1 
ATOM   433  C  CA  . LEU A 1 62  ? -0.627  -14.727 4.001   1.00 22.98 ? 56  LEU A CA  1 
ATOM   434  C  C   . LEU A 1 62  ? -1.866  -14.982 4.857   1.00 24.03 ? 56  LEU A C   1 
ATOM   435  O  O   . LEU A 1 62  ? -2.310  -16.114 5.019   1.00 23.99 ? 56  LEU A O   1 
ATOM   436  C  CB  . LEU A 1 62  ? -0.463  -15.810 2.928   1.00 25.48 ? 56  LEU A CB  1 
ATOM   437  C  CG  . LEU A 1 62  ? -1.531  -15.924 1.830   1.00 28.31 ? 56  LEU A CG  1 
ATOM   438  C  CD1 . LEU A 1 62  ? -1.838  -14.594 1.244   1.00 28.99 ? 56  LEU A CD1 1 
ATOM   439  C  CD2 . LEU A 1 62  ? -1.036  -16.869 0.741   1.00 30.25 ? 56  LEU A CD2 1 
ATOM   440  N  N   . GLU A 1 63  ? -2.377  -13.908 5.443   1.00 22.69 ? 57  GLU A N   1 
ATOM   441  C  CA  . GLU A 1 63  ? -3.559  -13.958 6.304   1.00 24.42 ? 57  GLU A CA  1 
ATOM   442  C  C   . GLU A 1 63  ? -4.561  -12.989 5.666   1.00 22.80 ? 57  GLU A C   1 
ATOM   443  O  O   . GLU A 1 63  ? -4.345  -11.782 5.657   1.00 20.01 ? 57  GLU A O   1 
ATOM   444  C  CB  . GLU A 1 63  ? -3.171  -13.485 7.693   1.00 27.45 ? 57  GLU A CB  1 
ATOM   445  C  CG  . GLU A 1 63  ? -4.280  -13.473 8.701   1.00 33.80 ? 57  GLU A CG  1 
ATOM   446  C  CD  . GLU A 1 63  ? -3.841  -12.799 9.980   1.00 39.94 ? 57  GLU A CD  1 
ATOM   447  O  OE1 . GLU A 1 63  ? -2.734  -13.150 10.454  1.00 40.70 ? 57  GLU A OE1 1 
ATOM   448  O  OE2 . GLU A 1 63  ? -4.590  -11.926 10.500  1.00 43.34 ? 57  GLU A OE2 1 
ATOM   449  N  N   . GLU A 1 64  ? -5.657  -13.517 5.140   1.00 22.16 ? 58  GLU A N   1 
ATOM   450  C  CA  . GLU A 1 64  ? -6.622  -12.670 4.462   1.00 22.64 ? 58  GLU A CA  1 
ATOM   451  C  C   . GLU A 1 64  ? -7.533  -11.835 5.365   1.00 21.72 ? 58  GLU A C   1 
ATOM   452  O  O   . GLU A 1 64  ? -8.752  -11.995 5.385   1.00 21.80 ? 58  GLU A O   1 
ATOM   453  C  CB  . GLU A 1 64  ? -7.393  -13.550 3.470   1.00 26.22 ? 58  GLU A CB  1 
ATOM   454  C  CG  . GLU A 1 64  ? -6.397  -14.188 2.488   1.00 31.59 ? 58  GLU A CG  1 
ATOM   455  C  CD  . GLU A 1 64  ? -6.804  -15.554 1.948   1.00 37.58 ? 58  GLU A CD  1 
ATOM   456  O  OE1 . GLU A 1 64  ? -6.737  -16.554 2.701   1.00 38.80 ? 58  GLU A OE1 1 
ATOM   457  O  OE2 . GLU A 1 64  ? -7.176  -15.627 0.757   1.00 39.83 ? 58  GLU A OE2 1 
ATOM   458  N  N   . THR A 1 65  ? -6.910  -10.924 6.110   1.00 20.02 ? 59  THR A N   1 
ATOM   459  C  CA  . THR A 1 65  ? -7.627  -10.049 7.022   1.00 18.57 ? 59  THR A CA  1 
ATOM   460  C  C   . THR A 1 65  ? -7.193  -8.604  6.797   1.00 17.82 ? 59  THR A C   1 
ATOM   461  O  O   . THR A 1 65  ? -6.098  -8.338  6.287   1.00 13.68 ? 59  THR A O   1 
ATOM   462  C  CB  . THR A 1 65  ? -7.322  -10.379 8.493   1.00 19.89 ? 59  THR A CB  1 
ATOM   463  O  OG1 . THR A 1 65  ? -5.958  -10.035 8.768   1.00 20.03 ? 59  THR A OG1 1 
ATOM   464  C  CG2 . THR A 1 65  ? -7.559  -11.870 8.781   1.00 18.84 ? 59  THR A CG2 1 
ATOM   465  N  N   . GLU A 1 66  ? -8.043  -7.671  7.207   1.00 18.45 ? 60  GLU A N   1 
ATOM   466  C  CA  . GLU A 1 66  ? -7.723  -6.259  7.034   1.00 18.12 ? 60  GLU A CA  1 
ATOM   467  C  C   . GLU A 1 66  ? -6.516  -5.906  7.884   1.00 19.18 ? 60  GLU A C   1 
ATOM   468  O  O   . GLU A 1 66  ? -5.690  -5.076  7.489   1.00 18.16 ? 60  GLU A O   1 
ATOM   469  C  CB  . GLU A 1 66  ? -8.930  -5.387  7.397   1.00 19.26 ? 60  GLU A CB  1 
ATOM   470  C  CG  . GLU A 1 66  ? -10.074 -5.509  6.366   1.00 20.76 ? 60  GLU A CG  1 
ATOM   471  C  CD  . GLU A 1 66  ? -11.002 -6.688  6.650   1.00 22.37 ? 60  GLU A CD  1 
ATOM   472  O  OE1 . GLU A 1 66  ? -10.707 -7.470  7.585   1.00 22.14 ? 60  GLU A OE1 1 
ATOM   473  O  OE2 . GLU A 1 66  ? -12.022 -6.828  5.940   1.00 21.23 ? 60  GLU A OE2 1 
ATOM   474  N  N   . ASP A 1 67  ? -6.397  -6.540  9.052   1.00 18.83 ? 61  ASP A N   1 
ATOM   475  C  CA  . ASP A 1 67  ? -5.258  -6.272  9.922   1.00 18.45 ? 61  ASP A CA  1 
ATOM   476  C  C   . ASP A 1 67  ? -3.936  -6.655  9.267   1.00 17.03 ? 61  ASP A C   1 
ATOM   477  O  O   . ASP A 1 67  ? -2.972  -5.889  9.313   1.00 18.47 ? 61  ASP A O   1 
ATOM   478  C  CB  . ASP A 1 67  ? -5.370  -7.028  11.257  1.00 22.34 ? 61  ASP A CB  1 
ATOM   479  C  CG  . ASP A 1 67  ? -6.413  -6.424  12.197  1.00 25.38 ? 61  ASP A CG  1 
ATOM   480  O  OD1 . ASP A 1 67  ? -6.730  -5.227  12.059  1.00 25.96 ? 61  ASP A OD1 1 
ATOM   481  O  OD2 . ASP A 1 67  ? -6.902  -7.153  13.080  1.00 27.28 ? 61  ASP A OD2 1 
ATOM   482  N  N   . ALA A 1 68  ? -3.877  -7.840  8.668   1.00 16.42 ? 62  ALA A N   1 
ATOM   483  C  CA  . ALA A 1 68  ? -2.636  -8.277  8.028   1.00 17.85 ? 62  ALA A CA  1 
ATOM   484  C  C   . ALA A 1 68  ? -2.348  -7.361  6.845   1.00 16.20 ? 62  ALA A C   1 
ATOM   485  O  O   . ALA A 1 68  ? -1.195  -7.026  6.589   1.00 16.04 ? 62  ALA A O   1 
ATOM   486  C  CB  . ALA A 1 68  ? -2.742  -9.737  7.547   1.00 15.75 ? 62  ALA A CB  1 
ATOM   487  N  N   . PHE A 1 69  ? -3.405  -6.971  6.125   1.00 15.95 ? 63  PHE A N   1 
ATOM   488  C  CA  . PHE A 1 69  ? -3.257  -6.084  4.974   1.00 15.15 ? 63  PHE A CA  1 
ATOM   489  C  C   . PHE A 1 69  ? -2.648  -4.759  5.424   1.00 15.09 ? 63  PHE A C   1 
ATOM   490  O  O   . PHE A 1 69  ? -1.688  -4.261  4.832   1.00 15.14 ? 63  PHE A O   1 
ATOM   491  C  CB  . PHE A 1 69  ? -4.613  -5.847  4.308   1.00 13.41 ? 63  PHE A CB  1 
ATOM   492  C  CG  . PHE A 1 69  ? -4.520  -5.085  2.996   1.00 14.80 ? 63  PHE A CG  1 
ATOM   493  C  CD1 . PHE A 1 69  ? -4.744  -3.719  2.953   1.00 13.34 ? 63  PHE A CD1 1 
ATOM   494  C  CD2 . PHE A 1 69  ? -4.269  -5.763  1.800   1.00 13.75 ? 63  PHE A CD2 1 
ATOM   495  C  CE1 . PHE A 1 69  ? -4.741  -3.021  1.721   1.00 13.71 ? 63  PHE A CE1 1 
ATOM   496  C  CE2 . PHE A 1 69  ? -4.260  -5.090  0.583   1.00 14.20 ? 63  PHE A CE2 1 
ATOM   497  C  CZ  . PHE A 1 69  ? -4.505  -3.702  0.542   1.00 11.19 ? 63  PHE A CZ  1 
ATOM   498  N  N   . PHE A 1 70  ? -3.224  -4.203  6.481   1.00 15.30 ? 64  PHE A N   1 
ATOM   499  C  CA  . PHE A 1 70  ? -2.772  -2.954  7.086   1.00 17.23 ? 64  PHE A CA  1 
ATOM   500  C  C   . PHE A 1 70  ? -1.303  -3.049  7.504   1.00 16.99 ? 64  PHE A C   1 
ATOM   501  O  O   . PHE A 1 70  ? -0.496  -2.183  7.153   1.00 16.83 ? 64  PHE A O   1 
ATOM   502  C  CB  . PHE A 1 70  ? -3.678  -2.631  8.300   1.00 18.41 ? 64  PHE A CB  1 
ATOM   503  C  CG  . PHE A 1 70  ? -3.281  -1.400  9.068   1.00 20.68 ? 64  PHE A CG  1 
ATOM   504  C  CD1 . PHE A 1 70  ? -2.285  -1.461  10.060  1.00 20.72 ? 64  PHE A CD1 1 
ATOM   505  C  CD2 . PHE A 1 70  ? -3.901  -0.179  8.810   1.00 19.23 ? 64  PHE A CD2 1 
ATOM   506  C  CE1 . PHE A 1 70  ? -1.912  -0.314  10.786  1.00 22.35 ? 64  PHE A CE1 1 
ATOM   507  C  CE2 . PHE A 1 70  ? -3.545  0.981   9.519   1.00 20.97 ? 64  PHE A CE2 1 
ATOM   508  C  CZ  . PHE A 1 70  ? -2.546  0.922   10.513  1.00 22.89 ? 64  PHE A CZ  1 
ATOM   509  N  N   . ASP A 1 71  ? -0.947  -4.094  8.260   1.00 16.23 ? 65  ASP A N   1 
ATOM   510  C  CA  . ASP A 1 71  ? 0.438   -4.273  8.680   1.00 16.76 ? 65  ASP A CA  1 
ATOM   511  C  C   . ASP A 1 71  ? 1.397   -4.413  7.509   1.00 16.14 ? 65  ASP A C   1 
ATOM   512  O  O   . ASP A 1 71  ? 2.506   -3.903  7.535   1.00 16.24 ? 65  ASP A O   1 
ATOM   513  C  CB  . ASP A 1 71  ? 0.598   -5.536  9.540   1.00 18.97 ? 65  ASP A CB  1 
ATOM   514  C  CG  . ASP A 1 71  ? -0.076  -5.404  10.882  1.00 20.41 ? 65  ASP A CG  1 
ATOM   515  O  OD1 . ASP A 1 71  ? -0.405  -4.266  11.247  1.00 20.95 ? 65  ASP A OD1 1 
ATOM   516  O  OD2 . ASP A 1 71  ? -0.262  -6.430  11.562  1.00 25.47 ? 65  ASP A OD2 1 
ATOM   517  N  N   . THR A 1 72  ? 0.985   -5.153  6.495   1.00 15.71 ? 66  THR A N   1 
ATOM   518  C  CA  . THR A 1 72  ? 1.849   -5.376  5.337   1.00 15.08 ? 66  THR A CA  1 
ATOM   519  C  C   . THR A 1 72  ? 2.102   -4.115  4.515   1.00 14.93 ? 66  THR A C   1 
ATOM   520  O  O   . THR A 1 72  ? 3.236   -3.776  4.195   1.00 15.26 ? 66  THR A O   1 
ATOM   521  C  CB  . THR A 1 72  ? 1.240   -6.456  4.417   1.00 14.25 ? 66  THR A CB  1 
ATOM   522  O  OG1 . THR A 1 72  ? 1.121   -7.682  5.147   1.00 16.36 ? 66  THR A OG1 1 
ATOM   523  C  CG2 . THR A 1 72  ? 2.115   -6.694  3.185   1.00 14.72 ? 66  THR A CG2 1 
ATOM   524  N  N   . VAL A 1 73  ? 1.032   -3.424  4.148   1.00 15.45 ? 67  VAL A N   1 
ATOM   525  C  CA  . VAL A 1 73  ? 1.206   -2.238  3.329   1.00 13.36 ? 67  VAL A CA  1 
ATOM   526  C  C   . VAL A 1 73  ? 1.966   -1.158  4.127   1.00 12.45 ? 67  VAL A C   1 
ATOM   527  O  O   . VAL A 1 73  ? 2.800   -0.455  3.579   1.00 14.50 ? 67  VAL A O   1 
ATOM   528  C  CB  . VAL A 1 73  ? -0.188  -1.721  2.838   1.00 12.16 ? 67  VAL A CB  1 
ATOM   529  C  CG1 . VAL A 1 73  ? -0.045  -0.396  2.123   1.00 11.97 ? 67  VAL A CG1 1 
ATOM   530  C  CG2 . VAL A 1 73  ? -0.851  -2.780  1.911   1.00 9.71  ? 67  VAL A CG2 1 
ATOM   531  N  N   . ASN A 1 74  ? 1.693   -1.025  5.420   1.00 13.71 ? 68  ASN A N   1 
ATOM   532  C  CA  . ASN A 1 74  ? 2.417   -0.005  6.164   1.00 14.12 ? 68  ASN A CA  1 
ATOM   533  C  C   . ASN A 1 74  ? 3.871   -0.365  6.329   1.00 14.64 ? 68  ASN A C   1 
ATOM   534  O  O   . ASN A 1 74  ? 4.712   0.515   6.446   1.00 15.19 ? 68  ASN A O   1 
ATOM   535  C  CB  . ASN A 1 74  ? 1.749   0.292   7.505   1.00 15.77 ? 68  ASN A CB  1 
ATOM   536  C  CG  . ASN A 1 74  ? 0.583   1.264   7.343   1.00 16.71 ? 68  ASN A CG  1 
ATOM   537  O  OD1 . ASN A 1 74  ? 0.732   2.294   6.692   1.00 16.04 ? 68  ASN A OD1 1 
ATOM   538  N  ND2 . ASN A 1 74  ? -0.563  0.937   7.911   1.00 15.39 ? 68  ASN A ND2 1 
ATOM   539  N  N   . ASP A 1 75  ? 4.179   -1.654  6.318   1.00 14.07 ? 69  ASP A N   1 
ATOM   540  C  CA  . ASP A 1 75  ? 5.576   -2.022  6.422   1.00 15.82 ? 69  ASP A CA  1 
ATOM   541  C  C   . ASP A 1 75  ? 6.252   -1.652  5.102   1.00 14.58 ? 69  ASP A C   1 
ATOM   542  O  O   . ASP A 1 75  ? 7.390   -1.219  5.099   1.00 15.66 ? 69  ASP A O   1 
ATOM   543  C  CB  . ASP A 1 75  ? 5.767   -3.512  6.703   1.00 16.28 ? 69  ASP A CB  1 
ATOM   544  C  CG  . ASP A 1 75  ? 7.223   -3.830  6.976   1.00 18.88 ? 69  ASP A CG  1 
ATOM   545  O  OD1 . ASP A 1 75  ? 7.886   -4.469  6.143   1.00 17.41 ? 69  ASP A OD1 1 
ATOM   546  O  OD2 . ASP A 1 75  ? 7.709   -3.371  8.014   1.00 19.25 ? 69  ASP A OD2 1 
ATOM   547  N  N   . TRP A 1 76  ? 5.533   -1.785  3.985   1.00 14.07 ? 70  TRP A N   1 
ATOM   548  C  CA  . TRP A 1 76  ? 6.077   -1.406  2.686   1.00 14.67 ? 70  TRP A CA  1 
ATOM   549  C  C   . TRP A 1 76  ? 6.386   0.096   2.650   1.00 14.97 ? 70  TRP A C   1 
ATOM   550  O  O   . TRP A 1 76  ? 7.349   0.521   2.028   1.00 14.54 ? 70  TRP A O   1 
ATOM   551  C  CB  . TRP A 1 76  ? 5.098   -1.699  1.547   1.00 14.84 ? 70  TRP A CB  1 
ATOM   552  C  CG  . TRP A 1 76  ? 4.848   -3.150  1.270   1.00 13.70 ? 70  TRP A CG  1 
ATOM   553  C  CD1 . TRP A 1 76  ? 5.504   -4.228  1.816   1.00 14.56 ? 70  TRP A CD1 1 
ATOM   554  C  CD2 . TRP A 1 76  ? 3.852   -3.684  0.394   1.00 14.92 ? 70  TRP A CD2 1 
ATOM   555  N  NE1 . TRP A 1 76  ? 4.971   -5.396  1.335   1.00 12.99 ? 70  TRP A NE1 1 
ATOM   556  C  CE2 . TRP A 1 76  ? 3.955   -5.093  0.457   1.00 14.93 ? 70  TRP A CE2 1 
ATOM   557  C  CE3 . TRP A 1 76  ? 2.878   -3.105  -0.449  1.00 14.06 ? 70  TRP A CE3 1 
ATOM   558  C  CZ2 . TRP A 1 76  ? 3.120   -5.943  -0.290  1.00 14.84 ? 70  TRP A CZ2 1 
ATOM   559  C  CZ3 . TRP A 1 76  ? 2.046   -3.959  -1.200  1.00 13.27 ? 70  TRP A CZ3 1 
ATOM   560  C  CH2 . TRP A 1 76  ? 2.176   -5.359  -1.109  1.00 15.20 ? 70  TRP A CH2 1 
ATOM   561  N  N   . ILE A 1 77  ? 5.527   0.891   3.276   1.00 15.57 ? 71  ILE A N   1 
ATOM   562  C  CA  . ILE A 1 77  ? 5.726   2.340   3.344   1.00 16.04 ? 71  ILE A CA  1 
ATOM   563  C  C   . ILE A 1 77  ? 6.996   2.633   4.177   1.00 16.23 ? 71  ILE A C   1 
ATOM   564  O  O   . ILE A 1 77  ? 7.748   3.546   3.867   1.00 17.48 ? 71  ILE A O   1 
ATOM   565  C  CB  . ILE A 1 77  ? 4.483   3.023   3.962   1.00 16.60 ? 71  ILE A CB  1 
ATOM   566  C  CG1 . ILE A 1 77  ? 3.345   3.010   2.916   1.00 16.95 ? 71  ILE A CG1 1 
ATOM   567  C  CG2 . ILE A 1 77  ? 4.826   4.462   4.412   1.00 20.20 ? 71  ILE A CG2 1 
ATOM   568  C  CD1 . ILE A 1 77  ? 1.922   3.170   3.485   1.00 18.35 ? 71  ILE A CD1 1 
ATOM   569  N  N   . LEU A 1 78  ? 7.232   1.839   5.214   1.00 18.52 ? 72  LEU A N   1 
ATOM   570  C  CA  . LEU A 1 78  ? 8.422   2.008   6.053   1.00 19.30 ? 72  LEU A CA  1 
ATOM   571  C  C   . LEU A 1 78  ? 9.623   1.694   5.170   1.00 19.93 ? 72  LEU A C   1 
ATOM   572  O  O   . LEU A 1 78  ? 10.593  2.450   5.143   1.00 20.31 ? 72  LEU A O   1 
ATOM   573  C  CB  . LEU A 1 78  ? 8.387   1.062   7.266   1.00 20.90 ? 72  LEU A CB  1 
ATOM   574  C  CG  . LEU A 1 78  ? 9.612   1.041   8.210   1.00 22.19 ? 72  LEU A CG  1 
ATOM   575  C  CD1 . LEU A 1 78  ? 9.903   2.455   8.786   1.00 21.75 ? 72  LEU A CD1 1 
ATOM   576  C  CD2 . LEU A 1 78  ? 9.342   0.063   9.346   1.00 22.56 ? 72  LEU A CD2 1 
ATOM   577  N  N   . GLU A 1 79  ? 9.552   0.593   4.425   1.00 18.42 ? 73  GLU A N   1 
ATOM   578  C  CA  . GLU A 1 79  ? 10.649  0.232   3.536   1.00 18.19 ? 73  GLU A CA  1 
ATOM   579  C  C   . GLU A 1 79  ? 10.885  1.319   2.501   1.00 20.12 ? 73  GLU A C   1 
ATOM   580  O  O   . GLU A 1 79  ? 12.048  1.617   2.133   1.00 19.72 ? 73  GLU A O   1 
ATOM   581  C  CB  . GLU A 1 79  ? 10.367  -1.108  2.832   1.00 15.02 ? 73  GLU A CB  1 
ATOM   582  C  CG  . GLU A 1 79  ? 10.565  -2.328  3.736   1.00 17.08 ? 73  GLU A CG  1 
ATOM   583  C  CD  . GLU A 1 79  ? 12.009  -2.465  4.200   1.00 16.87 ? 73  GLU A CD  1 
ATOM   584  O  OE1 . GLU A 1 79  ? 12.915  -2.059  3.437   1.00 18.49 ? 73  GLU A OE1 1 
ATOM   585  O  OE2 . GLU A 1 79  ? 12.227  -2.985  5.317   1.00 18.93 ? 73  GLU A OE2 1 
ATOM   586  N  N   . ILE A 1 80  ? 9.796   1.906   1.997   1.00 20.46 ? 74  ILE A N   1 
ATOM   587  C  CA  . ILE A 1 80  ? 9.950   2.961   1.002   1.00 20.29 ? 74  ILE A CA  1 
ATOM   588  C  C   . ILE A 1 80  ? 10.745  4.122   1.640   1.00 20.27 ? 74  ILE A C   1 
ATOM   589  O  O   . ILE A 1 80  ? 11.623  4.695   0.996   1.00 20.11 ? 74  ILE A O   1 
ATOM   590  C  CB  . ILE A 1 80  ? 8.576   3.460   0.468   1.00 21.29 ? 74  ILE A CB  1 
ATOM   591  C  CG1 . ILE A 1 80  ? 8.026   2.453   -0.560  1.00 21.51 ? 74  ILE A CG1 1 
ATOM   592  C  CG2 . ILE A 1 80  ? 8.729   4.856   -0.216  1.00 19.70 ? 74  ILE A CG2 1 
ATOM   593  C  CD1 . ILE A 1 80  ? 6.616   2.761   -1.037  1.00 22.09 ? 74  ILE A CD1 1 
ATOM   594  N  N   . SER A 1 81  ? 10.458  4.457   2.895   1.00 21.46 ? 75  SER A N   1 
ATOM   595  C  CA  . SER A 1 81  ? 11.206  5.538   3.556   1.00 23.99 ? 75  SER A CA  1 
ATOM   596  C  C   . SER A 1 81  ? 12.675  5.148   3.718   1.00 26.29 ? 75  SER A C   1 
ATOM   597  O  O   . SER A 1 81  ? 13.526  6.003   3.949   1.00 26.88 ? 75  SER A O   1 
ATOM   598  C  CB  . SER A 1 81  ? 10.604  5.897   4.931   1.00 24.97 ? 75  SER A CB  1 
ATOM   599  O  OG  . SER A 1 81  ? 10.875  4.933   5.940   1.00 25.01 ? 75  SER A OG  1 
ATOM   600  N  N   . LYS A 1 82  ? 12.979  3.859   3.584   1.00 25.59 ? 76  LYS A N   1 
ATOM   601  C  CA  . LYS A 1 82  ? 14.358  3.392   3.710   1.00 26.18 ? 76  LYS A CA  1 
ATOM   602  C  C   . LYS A 1 82  ? 14.992  3.246   2.342   1.00 24.46 ? 76  LYS A C   1 
ATOM   603  O  O   . LYS A 1 82  ? 16.118  2.773   2.215   1.00 26.49 ? 76  LYS A O   1 
ATOM   604  C  CB  . LYS A 1 82  ? 14.410  2.045   4.449   1.00 27.14 ? 76  LYS A CB  1 
ATOM   605  C  CG  . LYS A 1 82  ? 14.006  2.141   5.912   1.00 30.38 ? 76  LYS A CG  1 
ATOM   606  C  CD  . LYS A 1 82  ? 14.088  0.797   6.616   1.00 33.92 ? 76  LYS A CD  1 
ATOM   607  C  CE  . LYS A 1 82  ? 13.732  0.936   8.093   1.00 34.72 ? 76  LYS A CE  1 
ATOM   608  N  NZ  . LYS A 1 82  ? 13.800  -0.385  8.800   1.00 37.70 ? 76  LYS A NZ  1 
ATOM   609  N  N   . GLY A 1 83  ? 14.264  3.644   1.308   1.00 23.06 ? 77  GLY A N   1 
ATOM   610  C  CA  . GLY A 1 83  ? 14.791  3.536   -0.034  1.00 20.94 ? 77  GLY A CA  1 
ATOM   611  C  C   . GLY A 1 83  ? 14.447  2.242   -0.763  1.00 20.66 ? 77  GLY A C   1 
ATOM   612  O  O   . GLY A 1 83  ? 15.032  1.962   -1.796  1.00 22.98 ? 77  GLY A O   1 
ATOM   613  N  N   . TRP A 1 84  ? 13.485  1.468   -0.262  1.00 20.34 ? 78  TRP A N   1 
ATOM   614  C  CA  . TRP A 1 84  ? 13.107  0.213   -0.919  1.00 19.48 ? 78  TRP A CA  1 
ATOM   615  C  C   . TRP A 1 84  ? 11.594  0.145   -1.265  1.00 18.98 ? 78  TRP A C   1 
ATOM   616  O  O   . TRP A 1 84  ? 10.755  0.332   -0.404  1.00 19.55 ? 78  TRP A O   1 
ATOM   617  C  CB  . TRP A 1 84  ? 13.462  -0.984  -0.014  1.00 21.01 ? 78  TRP A CB  1 
ATOM   618  C  CG  . TRP A 1 84  ? 14.949  -1.153  0.257   1.00 20.67 ? 78  TRP A CG  1 
ATOM   619  C  CD1 . TRP A 1 84  ? 15.654  -0.667  1.314   1.00 22.12 ? 78  TRP A CD1 1 
ATOM   620  C  CD2 . TRP A 1 84  ? 15.894  -1.825  -0.579  1.00 22.88 ? 78  TRP A CD2 1 
ATOM   621  N  NE1 . TRP A 1 84  ? 16.989  -0.991  1.193   1.00 22.88 ? 78  TRP A NE1 1 
ATOM   622  C  CE2 . TRP A 1 84  ? 17.162  -1.705  0.038   1.00 23.11 ? 78  TRP A CE2 1 
ATOM   623  C  CE3 . TRP A 1 84  ? 15.792  -2.520  -1.791  1.00 22.29 ? 78  TRP A CE3 1 
ATOM   624  C  CZ2 . TRP A 1 84  ? 18.321  -2.252  -0.517  1.00 23.26 ? 78  TRP A CZ2 1 
ATOM   625  C  CZ3 . TRP A 1 84  ? 16.956  -3.069  -2.345  1.00 24.94 ? 78  TRP A CZ3 1 
ATOM   626  C  CH2 . TRP A 1 84  ? 18.199  -2.929  -1.703  1.00 23.60 ? 78  TRP A CH2 1 
ATOM   627  N  N   . ALA A 1 85  ? 11.271  -0.174  -2.511  1.00 18.41 ? 79  ALA A N   1 
ATOM   628  C  CA  . ALA A 1 85  ? 9.876   -0.258  -2.925  1.00 19.70 ? 79  ALA A CA  1 
ATOM   629  C  C   . ALA A 1 85  ? 9.418   -1.679  -3.273  1.00 17.57 ? 79  ALA A C   1 
ATOM   630  O  O   . ALA A 1 85  ? 10.159  -2.447  -3.891  1.00 16.98 ? 79  ALA A O   1 
ATOM   631  C  CB  . ALA A 1 85  ? 9.640   0.674   -4.118  1.00 16.46 ? 79  ALA A CB  1 
ATOM   632  N  N   . PRO A 1 86  ? 8.198   -2.050  -2.850  1.00 18.39 ? 80  PRO A N   1 
ATOM   633  C  CA  . PRO A 1 86  ? 7.682   -3.391  -3.156  1.00 17.50 ? 80  PRO A CA  1 
ATOM   634  C  C   . PRO A 1 86  ? 7.578   -3.525  -4.680  1.00 18.47 ? 80  PRO A C   1 
ATOM   635  O  O   . PRO A 1 86  ? 7.089   -2.628  -5.363  1.00 16.98 ? 80  PRO A O   1 
ATOM   636  C  CB  . PRO A 1 86  ? 6.320   -3.411  -2.449  1.00 18.11 ? 80  PRO A CB  1 
ATOM   637  C  CG  . PRO A 1 86  ? 5.889   -1.930  -2.503  1.00 18.22 ? 80  PRO A CG  1 
ATOM   638  C  CD  . PRO A 1 86  ? 7.202   -1.251  -2.100  1.00 17.80 ? 80  PRO A CD  1 
ATOM   639  N  N   . TRP A 1 87  ? 8.033   -4.647  -5.218  1.00 17.90 ? 81  TRP A N   1 
ATOM   640  C  CA  . TRP A 1 87  ? 8.020   -4.838  -6.663  1.00 19.03 ? 81  TRP A CA  1 
ATOM   641  C  C   . TRP A 1 87  ? 7.291   -6.100  -7.127  1.00 19.65 ? 81  TRP A C   1 
ATOM   642  O  O   . TRP A 1 87  ? 6.410   -6.049  -8.008  1.00 17.85 ? 81  TRP A O   1 
ATOM   643  C  CB  . TRP A 1 87  ? 9.478   -4.832  -7.171  1.00 19.11 ? 81  TRP A CB  1 
ATOM   644  C  CG  . TRP A 1 87  ? 9.642   -5.166  -8.627  1.00 23.68 ? 81  TRP A CG  1 
ATOM   645  C  CD1 . TRP A 1 87  ? 9.082   -4.518  -9.698  1.00 25.17 ? 81  TRP A CD1 1 
ATOM   646  C  CD2 . TRP A 1 87  ? 10.431  -6.225  -9.170  1.00 25.92 ? 81  TRP A CD2 1 
ATOM   647  N  NE1 . TRP A 1 87  ? 9.476   -5.114  -10.871 1.00 26.27 ? 81  TRP A NE1 1 
ATOM   648  C  CE2 . TRP A 1 87  ? 10.305  -6.165  -10.577 1.00 27.46 ? 81  TRP A CE2 1 
ATOM   649  C  CE3 . TRP A 1 87  ? 11.237  -7.222  -8.603  1.00 28.84 ? 81  TRP A CE3 1 
ATOM   650  C  CZ2 . TRP A 1 87  ? 10.955  -7.066  -11.429 1.00 29.76 ? 81  TRP A CZ2 1 
ATOM   651  C  CZ3 . TRP A 1 87  ? 11.889  -8.123  -9.451  1.00 30.84 ? 81  TRP A CZ3 1 
ATOM   652  C  CH2 . TRP A 1 87  ? 11.742  -8.034  -10.851 1.00 31.85 ? 81  TRP A CH2 1 
ATOM   653  N  N   . ARG A 1 88  ? 7.661   -7.238  -6.546  1.00 19.93 ? 82  ARG A N   1 
ATOM   654  C  CA  . ARG A 1 88  ? 7.026   -8.494  -6.909  1.00 20.90 ? 82  ARG A CA  1 
ATOM   655  C  C   . ARG A 1 88  ? 6.537   -9.224  -5.667  1.00 18.89 ? 82  ARG A C   1 
ATOM   656  O  O   . ARG A 1 88  ? 7.074   -9.041  -4.578  1.00 16.82 ? 82  ARG A O   1 
ATOM   657  C  CB  . ARG A 1 88  ? 8.004   -9.376  -7.694  1.00 25.27 ? 82  ARG A CB  1 
ATOM   658  C  CG  . ARG A 1 88  ? 8.237   -8.876  -9.126  1.00 31.98 ? 82  ARG A CG  1 
ATOM   659  C  CD  . ARG A 1 88  ? 7.023   -9.173  -10.014 1.00 36.99 ? 82  ARG A CD  1 
ATOM   660  N  NE  . ARG A 1 88  ? 7.105   -8.555  -11.339 1.00 41.63 ? 82  ARG A NE  1 
ATOM   661  C  CZ  . ARG A 1 88  ? 6.730   -7.306  -11.615 1.00 44.30 ? 82  ARG A CZ  1 
ATOM   662  N  NH1 . ARG A 1 88  ? 6.243   -6.522  -10.658 1.00 44.02 ? 82  ARG A NH1 1 
ATOM   663  N  NH2 . ARG A 1 88  ? 6.834   -6.841  -12.854 1.00 44.01 ? 82  ARG A NH2 1 
ATOM   664  N  N   . ILE A 1 89  ? 5.505   -10.032 -5.847  1.00 15.66 ? 83  ILE A N   1 
ATOM   665  C  CA  . ILE A 1 89  ? 4.927   -10.786 -4.751  1.00 17.78 ? 83  ILE A CA  1 
ATOM   666  C  C   . ILE A 1 89  ? 4.751   -12.225 -5.195  1.00 18.77 ? 83  ILE A C   1 
ATOM   667  O  O   . ILE A 1 89  ? 4.171   -12.505 -6.257  1.00 19.10 ? 83  ILE A O   1 
ATOM   668  C  CB  . ILE A 1 89  ? 3.562   -10.210 -4.330  1.00 17.61 ? 83  ILE A CB  1 
ATOM   669  C  CG1 . ILE A 1 89  ? 3.711   -8.709  -4.030  1.00 16.24 ? 83  ILE A CG1 1 
ATOM   670  C  CG2 . ILE A 1 89  ? 3.045   -10.979 -3.098  1.00 15.76 ? 83  ILE A CG2 1 
ATOM   671  C  CD1 . ILE A 1 89  ? 2.391   -7.962  -3.889  1.00 19.69 ? 83  ILE A CD1 1 
ATOM   672  N  N   . LYS A 1 90  ? 5.254   -13.134 -4.369  1.00 19.54 ? 84  LYS A N   1 
ATOM   673  C  CA  . LYS A 1 90  ? 5.197   -14.562 -4.667  1.00 21.30 ? 84  LYS A CA  1 
ATOM   674  C  C   . LYS A 1 90  ? 4.716   -15.344 -3.452  1.00 19.50 ? 84  LYS A C   1 
ATOM   675  O  O   . LYS A 1 90  ? 5.302   -15.254 -2.380  1.00 20.26 ? 84  LYS A O   1 
ATOM   676  C  CB  . LYS A 1 90  ? 6.599   -15.024 -5.089  1.00 22.99 ? 84  LYS A CB  1 
ATOM   677  C  CG  . LYS A 1 90  ? 6.773   -16.529 -5.304  1.00 28.09 ? 84  LYS A CG  1 
ATOM   678  C  CD  . LYS A 1 90  ? 8.232   -16.830 -5.684  1.00 32.24 ? 84  LYS A CD  1 
ATOM   679  C  CE  . LYS A 1 90  ? 8.558   -18.298 -5.491  1.00 34.98 ? 84  LYS A CE  1 
ATOM   680  N  NZ  . LYS A 1 90  ? 7.474   -19.149 -6.073  1.00 36.93 ? 84  LYS A NZ  1 
ATOM   681  N  N   . ARG A 1 91  ? 3.632   -16.090 -3.609  1.00 18.74 ? 85  ARG A N   1 
ATOM   682  C  CA  . ARG A 1 91  ? 3.115   -16.886 -2.510  1.00 21.08 ? 85  ARG A CA  1 
ATOM   683  C  C   . ARG A 1 91  ? 4.049   -18.070 -2.264  1.00 22.37 ? 85  ARG A C   1 
ATOM   684  O  O   . ARG A 1 91  ? 4.573   -18.663 -3.201  1.00 19.14 ? 85  ARG A O   1 
ATOM   685  C  CB  . ARG A 1 91  ? 1.710   -17.415 -2.829  1.00 23.55 ? 85  ARG A CB  1 
ATOM   686  C  CG  . ARG A 1 91  ? 1.167   -18.386 -1.793  1.00 26.94 ? 85  ARG A CG  1 
ATOM   687  C  CD  . ARG A 1 91  ? -0.326  -18.657 -1.986  1.00 31.36 ? 85  ARG A CD  1 
ATOM   688  N  NE  . ARG A 1 91  ? -0.824  -19.631 -1.019  1.00 36.84 ? 85  ARG A NE  1 
ATOM   689  C  CZ  . ARG A 1 91  ? -2.112  -19.818 -0.736  1.00 39.26 ? 85  ARG A CZ  1 
ATOM   690  N  NH1 . ARG A 1 91  ? -3.043  -19.088 -1.352  1.00 40.39 ? 85  ARG A NH1 1 
ATOM   691  N  NH2 . ARG A 1 91  ? -2.470  -20.726 0.168   1.00 39.05 ? 85  ARG A NH2 1 
ATOM   692  N  N   . GLU A 1 92  ? 4.257   -18.379 -0.993  1.00 23.65 ? 86  GLU A N   1 
ATOM   693  C  CA  . GLU A 1 92  ? 5.091   -19.502 -0.571  1.00 26.02 ? 86  GLU A CA  1 
ATOM   694  C  C   . GLU A 1 92  ? 4.356   -20.085 0.623   1.00 26.23 ? 86  GLU A C   1 
ATOM   695  O  O   . GLU A 1 92  ? 4.477   -19.589 1.743   1.00 27.12 ? 86  GLU A O   1 
ATOM   696  C  CB  . GLU A 1 92  ? 6.491   -19.014 -0.177  1.00 26.57 ? 86  GLU A CB  1 
ATOM   697  C  CG  . GLU A 1 92  ? 7.562   -19.458 -1.169  1.00 30.73 ? 86  GLU A CG  1 
ATOM   698  C  CD  . GLU A 1 92  ? 8.818   -18.642 -1.081  1.00 31.46 ? 86  GLU A CD  1 
ATOM   699  O  OE1 . GLU A 1 92  ? 9.216   -18.289 0.052   1.00 32.33 ? 86  GLU A OE1 1 
ATOM   700  O  OE2 . GLU A 1 92  ? 9.414   -18.362 -2.142  1.00 29.34 ? 86  GLU A OE2 1 
ATOM   701  N  N   . GLY A 1 93  ? 3.559   -21.117 0.368   1.00 27.30 ? 87  GLY A N   1 
ATOM   702  C  CA  . GLY A 1 93  ? 2.784   -21.726 1.434   1.00 28.97 ? 87  GLY A CA  1 
ATOM   703  C  C   . GLY A 1 93  ? 1.731   -20.751 1.944   1.00 28.54 ? 87  GLY A C   1 
ATOM   704  O  O   . GLY A 1 93  ? 0.932   -20.223 1.170   1.00 29.36 ? 87  GLY A O   1 
ATOM   705  N  N   . ASN A 1 94  ? 1.723   -20.506 3.249   1.00 28.15 ? 88  ASN A N   1 
ATOM   706  C  CA  . ASN A 1 94  ? 0.754   -19.588 3.818   1.00 26.73 ? 88  ASN A CA  1 
ATOM   707  C  C   . ASN A 1 94  ? 1.427   -18.248 4.122   1.00 24.49 ? 88  ASN A C   1 
ATOM   708  O  O   . ASN A 1 94  ? 1.082   -17.550 5.076   1.00 21.05 ? 88  ASN A O   1 
ATOM   709  C  CB  . ASN A 1 94  ? 0.112   -20.206 5.073   1.00 29.66 ? 88  ASN A CB  1 
ATOM   710  C  CG  . ASN A 1 94  ? 1.094   -20.394 6.216   1.00 31.39 ? 88  ASN A CG  1 
ATOM   711  O  OD1 . ASN A 1 94  ? 2.300   -20.450 6.016   1.00 31.13 ? 88  ASN A OD1 1 
ATOM   712  N  ND2 . ASN A 1 94  ? 0.565   -20.502 7.434   1.00 34.10 ? 88  ASN A ND2 1 
ATOM   713  N  N   . GLU A 1 95  ? 2.400   -17.903 3.284   1.00 22.53 ? 89  GLU A N   1 
ATOM   714  C  CA  . GLU A 1 95  ? 3.135   -16.653 3.417   1.00 21.76 ? 89  GLU A CA  1 
ATOM   715  C  C   . GLU A 1 95  ? 3.397   -16.038 2.061   1.00 20.21 ? 89  GLU A C   1 
ATOM   716  O  O   . GLU A 1 95  ? 3.291   -16.708 1.046   1.00 19.55 ? 89  GLU A O   1 
ATOM   717  C  CB  . GLU A 1 95  ? 4.480   -16.875 4.056   1.00 23.00 ? 89  GLU A CB  1 
ATOM   718  C  CG  . GLU A 1 95  ? 4.447   -17.396 5.455   1.00 23.05 ? 89  GLU A CG  1 
ATOM   719  C  CD  . GLU A 1 95  ? 5.843   -17.612 5.938   1.00 24.86 ? 89  GLU A CD  1 
ATOM   720  O  OE1 . GLU A 1 95  ? 6.418   -16.668 6.537   1.00 24.11 ? 89  GLU A OE1 1 
ATOM   721  O  OE2 . GLU A 1 95  ? 6.370   -18.722 5.683   1.00 24.16 ? 89  GLU A OE2 1 
ATOM   722  N  N   . LEU A 1 96  ? 3.750   -14.758 2.060   1.00 17.42 ? 90  LEU A N   1 
ATOM   723  C  CA  . LEU A 1 96  ? 4.052   -14.077 0.817   1.00 17.98 ? 90  LEU A CA  1 
ATOM   724  C  C   . LEU A 1 96  ? 5.473   -13.550 0.835   1.00 15.89 ? 90  LEU A C   1 
ATOM   725  O  O   . LEU A 1 96  ? 5.880   -12.860 1.780   1.00 16.25 ? 90  LEU A O   1 
ATOM   726  C  CB  . LEU A 1 96  ? 3.091   -12.910 0.607   1.00 16.20 ? 90  LEU A CB  1 
ATOM   727  C  CG  . LEU A 1 96  ? 1.622   -13.311 0.486   1.00 16.82 ? 90  LEU A CG  1 
ATOM   728  C  CD1 . LEU A 1 96  ? 0.794   -12.020 0.552   1.00 18.95 ? 90  LEU A CD1 1 
ATOM   729  C  CD2 . LEU A 1 96  ? 1.365   -14.061 -0.839  1.00 14.74 ? 90  LEU A CD2 1 
ATOM   730  N  N   . LYS A 1 97  ? 6.225   -13.891 -0.204  1.00 16.42 ? 91  LYS A N   1 
ATOM   731  C  CA  . LYS A 1 97  ? 7.591   -13.403 -0.344  1.00 16.05 ? 91  LYS A CA  1 
ATOM   732  C  C   . LYS A 1 97  ? 7.519   -12.177 -1.247  1.00 15.55 ? 91  LYS A C   1 
ATOM   733  O  O   . LYS A 1 97  ? 7.104   -12.249 -2.418  1.00 16.44 ? 91  LYS A O   1 
ATOM   734  C  CB  . LYS A 1 97  ? 8.509   -14.449 -0.981  1.00 16.81 ? 91  LYS A CB  1 
ATOM   735  C  CG  . LYS A 1 97  ? 9.867   -13.886 -1.365  1.00 17.48 ? 91  LYS A CG  1 
ATOM   736  C  CD  . LYS A 1 97  ? 10.726  -14.881 -2.170  1.00 22.86 ? 91  LYS A CD  1 
ATOM   737  C  CE  . LYS A 1 97  ? 11.442  -15.879 -1.299  1.00 23.56 ? 91  LYS A CE  1 
ATOM   738  N  NZ  . LYS A 1 97  ? 12.420  -16.715 -2.108  1.00 22.92 ? 91  LYS A NZ  1 
ATOM   739  N  N   . VAL A 1 98  ? 7.913   -11.046 -0.684  1.00 15.89 ? 92  VAL A N   1 
ATOM   740  C  CA  . VAL A 1 98  ? 7.897   -9.779  -1.399  1.00 14.27 ? 92  VAL A CA  1 
ATOM   741  C  C   . VAL A 1 98  ? 9.307   -9.368  -1.811  1.00 14.77 ? 92  VAL A C   1 
ATOM   742  O  O   . VAL A 1 98  ? 10.203  -9.278  -0.978  1.00 15.18 ? 92  VAL A O   1 
ATOM   743  C  CB  . VAL A 1 98  ? 7.276   -8.676  -0.498  1.00 13.07 ? 92  VAL A CB  1 
ATOM   744  C  CG1 . VAL A 1 98  ? 7.367   -7.285  -1.190  1.00 14.21 ? 92  VAL A CG1 1 
ATOM   745  C  CG2 . VAL A 1 98  ? 5.821   -9.037  -0.211  1.00 12.43 ? 92  VAL A CG2 1 
ATOM   746  N  N   . THR A 1 99  ? 9.507   -9.156  -3.104  1.00 16.06 ? 93  THR A N   1 
ATOM   747  C  CA  . THR A 1 99  ? 10.801  -8.704  -3.584  1.00 17.35 ? 93  THR A CA  1 
ATOM   748  C  C   . THR A 1 99  ? 10.698  -7.183  -3.728  1.00 19.36 ? 93  THR A C   1 
ATOM   749  O  O   . THR A 1 99  ? 9.786   -6.677  -4.395  1.00 19.31 ? 93  THR A O   1 
ATOM   750  C  CB  . THR A 1 99  ? 11.142  -9.291  -4.968  1.00 17.80 ? 93  THR A CB  1 
ATOM   751  O  OG1 . THR A 1 99  ? 11.043  -10.727 -4.936  1.00 19.59 ? 93  THR A OG1 1 
ATOM   752  C  CG2 . THR A 1 99  ? 12.581  -8.899  -5.370  1.00 20.12 ? 93  THR A CG2 1 
ATOM   753  N  N   . PHE A 1 100 ? 11.602  -6.466  -3.067  1.00 19.77 ? 94  PHE A N   1 
ATOM   754  C  CA  . PHE A 1 100 ? 11.661  -5.018  -3.154  1.00 20.88 ? 94  PHE A CA  1 
ATOM   755  C  C   . PHE A 1 100 ? 12.789  -4.647  -4.117  1.00 22.42 ? 94  PHE A C   1 
ATOM   756  O  O   . PHE A 1 100 ? 13.710  -5.441  -4.336  1.00 22.04 ? 94  PHE A O   1 
ATOM   757  C  CB  . PHE A 1 100 ? 11.984  -4.399  -1.791  1.00 20.05 ? 94  PHE A CB  1 
ATOM   758  C  CG  . PHE A 1 100 ? 10.926  -4.609  -0.753  1.00 19.09 ? 94  PHE A CG  1 
ATOM   759  C  CD1 . PHE A 1 100 ? 10.820  -5.827  -0.075  1.00 18.82 ? 94  PHE A CD1 1 
ATOM   760  C  CD2 . PHE A 1 100 ? 10.057  -3.579  -0.429  1.00 16.74 ? 94  PHE A CD2 1 
ATOM   761  C  CE1 . PHE A 1 100 ? 9.870   -6.011  0.916   1.00 17.39 ? 94  PHE A CE1 1 
ATOM   762  C  CE2 . PHE A 1 100 ? 9.093   -3.747  0.560   1.00 17.34 ? 94  PHE A CE2 1 
ATOM   763  C  CZ  . PHE A 1 100 ? 8.997   -4.962  1.238   1.00 18.59 ? 94  PHE A CZ  1 
ATOM   764  N  N   . ARG A 1 101 ? 12.697  -3.468  -4.722  1.00 23.12 ? 95  ARG A N   1 
ATOM   765  C  CA  . ARG A 1 101 ? 13.760  -2.975  -5.593  1.00 23.27 ? 95  ARG A CA  1 
ATOM   766  C  C   . ARG A 1 101 ? 14.182  -1.609  -5.062  1.00 24.27 ? 95  ARG A C   1 
ATOM   767  O  O   . ARG A 1 101 ? 13.369  -0.866  -4.490  1.00 20.91 ? 95  ARG A O   1 
ATOM   768  C  CB  . ARG A 1 101 ? 13.315  -2.906  -7.056  1.00 24.60 ? 95  ARG A CB  1 
ATOM   769  C  CG  . ARG A 1 101 ? 13.538  -4.236  -7.787  1.00 27.31 ? 95  ARG A CG  1 
ATOM   770  C  CD  . ARG A 1 101 ? 13.047  -4.204  -9.227  1.00 32.61 ? 95  ARG A CD  1 
ATOM   771  N  NE  . ARG A 1 101 ? 13.797  -3.261  -10.051 1.00 36.20 ? 95  ARG A NE  1 
ATOM   772  C  CZ  . ARG A 1 101 ? 13.563  -3.031  -11.343 1.00 37.48 ? 95  ARG A CZ  1 
ATOM   773  N  NH1 . ARG A 1 101 ? 12.594  -3.678  -11.976 1.00 38.28 ? 95  ARG A NH1 1 
ATOM   774  N  NH2 . ARG A 1 101 ? 14.295  -2.142  -12.000 1.00 35.52 ? 95  ARG A NH2 1 
ATOM   775  N  N   . LYS A 1 102 ? 15.472  -1.305  -5.200  1.00 24.05 ? 96  LYS A N   1 
ATOM   776  C  CA  . LYS A 1 102 ? 16.002  -0.048  -4.716  1.00 24.66 ? 96  LYS A CA  1 
ATOM   777  C  C   . LYS A 1 102 ? 15.370  1.081   -5.504  1.00 22.40 ? 96  LYS A C   1 
ATOM   778  O  O   . LYS A 1 102 ? 15.241  1.006   -6.717  1.00 22.37 ? 96  LYS A O   1 
ATOM   779  C  CB  . LYS A 1 102 ? 17.524  -0.004  -4.883  1.00 28.56 ? 96  LYS A CB  1 
ATOM   780  C  CG  . LYS A 1 102 ? 18.175  1.132   -4.157  1.00 29.11 ? 96  LYS A CG  1 
ATOM   781  C  CD  . LYS A 1 102 ? 17.969  0.996   -2.647  1.00 32.99 ? 96  LYS A CD  1 
ATOM   782  C  CE  . LYS A 1 102 ? 18.448  2.250   -1.916  1.00 33.86 ? 96  LYS A CE  1 
ATOM   783  N  NZ  . LYS A 1 102 ? 18.276  2.149   -0.451  1.00 34.34 ? 96  LYS A NZ  1 
ATOM   784  N  N   . ILE A 1 103 ? 14.968  2.123   -4.794  1.00 22.34 ? 97  ILE A N   1 
ATOM   785  C  CA  . ILE A 1 103 ? 14.342  3.278   -5.421  1.00 24.09 ? 97  ILE A CA  1 
ATOM   786  C  C   . ILE A 1 103 ? 15.405  4.180   -6.036  1.00 26.23 ? 97  ILE A C   1 
ATOM   787  O  O   . ILE A 1 103 ? 16.299  4.651   -5.335  1.00 26.16 ? 97  ILE A O   1 
ATOM   788  C  CB  . ILE A 1 103 ? 13.554  4.071   -4.369  1.00 23.20 ? 97  ILE A CB  1 
ATOM   789  C  CG1 . ILE A 1 103 ? 12.383  3.218   -3.880  1.00 20.04 ? 97  ILE A CG1 1 
ATOM   790  C  CG2 . ILE A 1 103 ? 13.149  5.429   -4.913  1.00 21.84 ? 97  ILE A CG2 1 
ATOM   791  C  CD1 . ILE A 1 103 ? 11.609  3.849   -2.730  1.00 19.38 ? 97  ILE A CD1 1 
ATOM   792  N  N   . ARG A 1 104 ? 15.333  4.396   -7.346  1.00 29.37 ? 98  ARG A N   1 
ATOM   793  C  CA  . ARG A 1 104 ? 16.297  5.279   -7.990  1.00 32.04 ? 98  ARG A CA  1 
ATOM   794  C  C   . ARG A 1 104 ? 15.879  6.700   -7.603  1.00 33.37 ? 98  ARG A C   1 
ATOM   795  O  O   . ARG A 1 104 ? 16.655  7.455   -7.024  1.00 34.05 ? 98  ARG A O   1 
ATOM   796  C  CB  . ARG A 1 104 ? 16.265  5.121   -9.505  1.00 33.77 ? 98  ARG A CB  1 
ATOM   797  C  CG  . ARG A 1 104 ? 17.420  5.843   -10.205 1.00 38.10 ? 98  ARG A CG  1 
ATOM   798  C  CD  . ARG A 1 104 ? 17.304  5.742   -11.713 1.00 40.89 ? 98  ARG A CD  1 
ATOM   799  N  NE  . ARG A 1 104 ? 17.255  4.356   -12.164 1.00 44.15 ? 98  ARG A NE  1 
ATOM   800  C  CZ  . ARG A 1 104 ? 16.828  3.979   -13.366 1.00 45.75 ? 98  ARG A CZ  1 
ATOM   801  N  NH1 . ARG A 1 104 ? 16.413  4.893   -14.237 1.00 46.32 ? 98  ARG A NH1 1 
ATOM   802  N  NH2 . ARG A 1 104 ? 16.806  2.689   -13.694 1.00 45.90 ? 98  ARG A NH2 1 
ATOM   803  N  N   . LYS A 1 105 ? 14.635  7.047   -7.909  1.00 34.17 ? 99  LYS A N   1 
ATOM   804  C  CA  . LYS A 1 105 ? 14.111  8.363   -7.560  1.00 36.70 ? 99  LYS A CA  1 
ATOM   805  C  C   . LYS A 1 105 ? 12.594  8.341   -7.420  1.00 36.38 ? 99  LYS A C   1 
ATOM   806  O  O   . LYS A 1 105 ? 11.928  7.397   -7.860  1.00 34.54 ? 99  LYS A O   1 
ATOM   807  C  CB  . LYS A 1 105 ? 14.526  9.405   -8.607  1.00 38.07 ? 99  LYS A CB  1 
ATOM   808  C  CG  . LYS A 1 105 ? 14.126  9.070   -10.034 1.00 40.29 ? 99  LYS A CG  1 
ATOM   809  C  CD  . LYS A 1 105 ? 14.407  10.258  -10.956 1.00 44.08 ? 99  LYS A CD  1 
ATOM   810  C  CE  . LYS A 1 105 ? 14.231  9.882   -12.423 1.00 45.08 ? 99  LYS A CE  1 
ATOM   811  N  NZ  . LYS A 1 105 ? 15.216  8.831   -12.845 1.00 46.75 ? 99  LYS A NZ  1 
ATOM   812  N  N   . LYS A 1 106 ? 12.067  9.387   -6.788  1.00 36.95 ? 100 LYS A N   1 
ATOM   813  C  CA  . LYS A 1 106 ? 10.632  9.542   -6.569  1.00 38.49 ? 100 LYS A CA  1 
ATOM   814  C  C   . LYS A 1 106 ? 10.193  10.910  -7.083  1.00 39.36 ? 100 LYS A C   1 
ATOM   815  O  O   . LYS A 1 106 ? 10.947  11.879  -7.015  1.00 39.17 ? 100 LYS A O   1 
ATOM   816  C  CB  . LYS A 1 106 ? 10.289  9.443   -5.085  1.00 38.26 ? 100 LYS A CB  1 
ATOM   817  C  CG  . LYS A 1 106 ? 10.581  8.105   -4.456  1.00 40.63 ? 100 LYS A CG  1 
ATOM   818  C  CD  . LYS A 1 106 ? 9.850   7.952   -3.126  1.00 42.46 ? 100 LYS A CD  1 
ATOM   819  C  CE  . LYS A 1 106 ? 10.220  9.050   -2.150  1.00 43.46 ? 100 LYS A CE  1 
ATOM   820  N  NZ  . LYS A 1 106 ? 9.574   8.837   -0.836  1.00 44.46 ? 100 LYS A NZ  1 
ATOM   821  N  N   . GLU A 1 107 ? 8.971   10.975  -7.596  1.00 39.84 ? 101 GLU A N   1 
ATOM   822  C  CA  . GLU A 1 107 ? 8.413   12.209  -8.143  1.00 40.93 ? 101 GLU A CA  1 
ATOM   823  C  C   . GLU A 1 107 ? 6.910   12.129  -7.941  1.00 39.13 ? 101 GLU A C   1 
ATOM   824  O  O   . GLU A 1 107 ? 6.196   11.604  -8.790  1.00 40.43 ? 101 GLU A O   1 
ATOM   825  C  CB  . GLU A 1 107 ? 8.702   12.304  -9.649  1.00 43.45 ? 101 GLU A CB  1 
ATOM   826  C  CG  . GLU A 1 107 ? 10.050  11.719  -10.064 1.00 48.33 ? 101 GLU A CG  1 
ATOM   827  C  CD  . GLU A 1 107 ? 10.000  11.014  -11.413 1.00 50.73 ? 101 GLU A CD  1 
ATOM   828  O  OE1 . GLU A 1 107 ? 9.104   10.152  -11.608 1.00 51.69 ? 101 GLU A OE1 1 
ATOM   829  O  OE2 . GLU A 1 107 ? 10.861  11.313  -12.271 1.00 51.97 ? 101 GLU A OE2 1 
ATOM   830  N  N   . GLY A 1 108 ? 6.425   12.628  -6.816  1.00 37.24 ? 102 GLY A N   1 
ATOM   831  C  CA  . GLY A 1 108 ? 4.998   12.573  -6.593  1.00 35.10 ? 102 GLY A CA  1 
ATOM   832  C  C   . GLY A 1 108 ? 4.595   12.905  -5.183  1.00 33.88 ? 102 GLY A C   1 
ATOM   833  O  O   . GLY A 1 108 ? 5.294   13.624  -4.470  1.00 35.78 ? 102 GLY A O   1 
ATOM   834  N  N   . THR A 1 109 ? 3.465   12.355  -4.774  1.00 30.79 ? 103 THR A N   1 
ATOM   835  C  CA  . THR A 1 109 ? 2.929   12.597  -3.451  1.00 30.34 ? 103 THR A CA  1 
ATOM   836  C  C   . THR A 1 109 ? 3.399   11.532  -2.481  1.00 29.01 ? 103 THR A C   1 
ATOM   837  O  O   . THR A 1 109 ? 3.121   10.349  -2.679  1.00 29.72 ? 103 THR A O   1 
ATOM   838  C  CB  . THR A 1 109 ? 1.389   12.570  -3.480  1.00 30.53 ? 103 THR A CB  1 
ATOM   839  O  OG1 . THR A 1 109 ? 0.921   13.194  -4.684  1.00 34.00 ? 103 THR A OG1 1 
ATOM   840  C  CG2 . THR A 1 109 ? 0.828   13.305  -2.284  1.00 32.27 ? 103 THR A CG2 1 
ATOM   841  N  N   . GLU A 1 110 ? 4.091   11.950  -1.431  1.00 28.00 ? 104 GLU A N   1 
ATOM   842  C  CA  . GLU A 1 110 ? 4.584   11.023  -0.416  1.00 27.80 ? 104 GLU A CA  1 
ATOM   843  C  C   . GLU A 1 110 ? 3.429   10.454  0.404   1.00 25.80 ? 104 GLU A C   1 
ATOM   844  O  O   . GLU A 1 110 ? 2.651   11.207  0.982   1.00 24.38 ? 104 GLU A O   1 
ATOM   845  C  CB  . GLU A 1 110 ? 5.544   11.740  0.528   1.00 31.44 ? 104 GLU A CB  1 
ATOM   846  C  CG  . GLU A 1 110 ? 6.637   12.545  -0.175  1.00 37.62 ? 104 GLU A CG  1 
ATOM   847  C  CD  . GLU A 1 110 ? 6.284   14.025  -0.307  1.00 42.03 ? 104 GLU A CD  1 
ATOM   848  O  OE1 . GLU A 1 110 ? 5.296   14.357  -1.010  1.00 41.65 ? 104 GLU A OE1 1 
ATOM   849  O  OE2 . GLU A 1 110 ? 6.997   14.856  0.313   1.00 43.38 ? 104 GLU A OE2 1 
ATOM   850  N  N   . ILE A 1 111 ? 3.305   9.130   0.458   1.00 23.33 ? 105 ILE A N   1 
ATOM   851  C  CA  . ILE A 1 111 ? 2.246   8.524   1.242   1.00 21.24 ? 105 ILE A CA  1 
ATOM   852  C  C   . ILE A 1 111 ? 2.804   8.201   2.620   1.00 22.05 ? 105 ILE A C   1 
ATOM   853  O  O   . ILE A 1 111 ? 3.823   7.510   2.742   1.00 22.06 ? 105 ILE A O   1 
ATOM   854  C  CB  . ILE A 1 111 ? 1.702   7.238   0.563   1.00 22.26 ? 105 ILE A CB  1 
ATOM   855  C  CG1 . ILE A 1 111 ? 0.908   7.616   -0.691  1.00 21.70 ? 105 ILE A CG1 1 
ATOM   856  C  CG2 . ILE A 1 111 ? 0.829   6.458   1.533   1.00 21.17 ? 105 ILE A CG2 1 
ATOM   857  C  CD1 . ILE A 1 111 ? 0.394   6.420   -1.509  1.00 26.28 ? 105 ILE A CD1 1 
ATOM   858  N  N   . LYS A 1 112 ? 2.133   8.712   3.652   1.00 20.91 ? 106 LYS A N   1 
ATOM   859  C  CA  . LYS A 1 112 ? 2.545   8.512   5.034   1.00 22.24 ? 106 LYS A CA  1 
ATOM   860  C  C   . LYS A 1 112 ? 2.087   7.195   5.641   1.00 22.71 ? 106 LYS A C   1 
ATOM   861  O  O   . LYS A 1 112 ? 2.775   6.607   6.486   1.00 22.20 ? 106 LYS A O   1 
ATOM   862  C  CB  . LYS A 1 112 ? 2.001   9.642   5.914   1.00 23.92 ? 106 LYS A CB  1 
ATOM   863  C  CG  . LYS A 1 112 ? 2.544   11.026  5.594   1.00 27.93 ? 106 LYS A CG  1 
ATOM   864  C  CD  . LYS A 1 112 ? 1.925   12.055  6.527   1.00 29.11 ? 106 LYS A CD  1 
ATOM   865  C  CE  . LYS A 1 112 ? 2.330   13.471  6.152   1.00 32.26 ? 106 LYS A CE  1 
ATOM   866  N  NZ  . LYS A 1 112 ? 1.494   14.463  6.899   1.00 32.72 ? 106 LYS A NZ  1 
ATOM   867  N  N   . ALA A 1 113 ? 0.907   6.742   5.244   1.00 20.56 ? 107 ALA A N   1 
ATOM   868  C  CA  . ALA A 1 113 ? 0.388   5.512   5.796   1.00 20.69 ? 107 ALA A CA  1 
ATOM   869  C  C   . ALA A 1 113 ? -0.916  5.076   5.157   1.00 19.49 ? 107 ALA A C   1 
ATOM   870  O  O   . ALA A 1 113 ? -1.632  5.886   4.546   1.00 18.15 ? 107 ALA A O   1 
ATOM   871  C  CB  . ALA A 1 113 ? 0.134   5.693   7.305   1.00 20.07 ? 107 ALA A CB  1 
ATOM   872  N  N   . LEU A 1 114 ? -1.204  3.788   5.311   1.00 16.21 ? 108 LEU A N   1 
ATOM   873  C  CA  . LEU A 1 114 ? -2.485  3.255   4.902   1.00 17.37 ? 108 LEU A CA  1 
ATOM   874  C  C   . LEU A 1 114 ? -3.241  3.352   6.228   1.00 17.72 ? 108 LEU A C   1 
ATOM   875  O  O   . LEU A 1 114 ? -2.710  2.951   7.271   1.00 15.71 ? 108 LEU A O   1 
ATOM   876  C  CB  . LEU A 1 114 ? -2.391  1.783   4.488   1.00 15.16 ? 108 LEU A CB  1 
ATOM   877  C  CG  . LEU A 1 114 ? -3.759  1.111   4.324   1.00 16.72 ? 108 LEU A CG  1 
ATOM   878  C  CD1 . LEU A 1 114 ? -4.555  1.763   3.169   1.00 13.42 ? 108 LEU A CD1 1 
ATOM   879  C  CD2 . LEU A 1 114 ? -3.534  -0.374  4.032   1.00 12.62 ? 108 LEU A CD2 1 
ATOM   880  N  N   . THR A 1 115 ? -4.457  3.895   6.200   1.00 18.36 ? 109 THR A N   1 
ATOM   881  C  CA  . THR A 1 115 ? -5.272  4.010   7.407   1.00 18.28 ? 109 THR A CA  1 
ATOM   882  C  C   . THR A 1 115 ? -6.271  2.868   7.461   1.00 18.66 ? 109 THR A C   1 
ATOM   883  O  O   . THR A 1 115 ? -6.368  2.051   6.531   1.00 17.42 ? 109 THR A O   1 
ATOM   884  C  CB  . THR A 1 115 ? -6.090  5.327   7.416   1.00 17.45 ? 109 THR A CB  1 
ATOM   885  O  OG1 . THR A 1 115 ? -7.106  5.255   6.403   1.00 15.07 ? 109 THR A OG1 1 
ATOM   886  C  CG2 . THR A 1 115 ? -5.191  6.523   7.137   1.00 16.38 ? 109 THR A CG2 1 
ATOM   887  N  N   . TYR A 1 116 ? -7.039  2.814   8.543   1.00 17.83 ? 110 TYR A N   1 
ATOM   888  C  CA  . TYR A 1 116 ? -8.074  1.804   8.654   1.00 20.61 ? 110 TYR A CA  1 
ATOM   889  C  C   . TYR A 1 116 ? -9.394  2.338   8.095   1.00 20.01 ? 110 TYR A C   1 
ATOM   890  O  O   . TYR A 1 116 ? -10.386 1.623   8.055   1.00 19.01 ? 110 TYR A O   1 
ATOM   891  C  CB  . TYR A 1 116 ? -8.290  1.390   10.113  1.00 23.85 ? 110 TYR A CB  1 
ATOM   892  C  CG  . TYR A 1 116 ? -7.458  0.207   10.541  1.00 26.58 ? 110 TYR A CG  1 
ATOM   893  C  CD1 . TYR A 1 116 ? -6.370  0.365   11.400  1.00 27.32 ? 110 TYR A CD1 1 
ATOM   894  C  CD2 . TYR A 1 116 ? -7.758  -1.076  10.082  1.00 27.90 ? 110 TYR A CD2 1 
ATOM   895  C  CE1 . TYR A 1 116 ? -5.599  -0.729  11.791  1.00 29.55 ? 110 TYR A CE1 1 
ATOM   896  C  CE2 . TYR A 1 116 ? -6.993  -2.173  10.460  1.00 28.64 ? 110 TYR A CE2 1 
ATOM   897  C  CZ  . TYR A 1 116 ? -5.916  -1.993  11.314  1.00 29.74 ? 110 TYR A CZ  1 
ATOM   898  O  OH  . TYR A 1 116 ? -5.150  -3.082  11.677  1.00 29.65 ? 110 TYR A OH  1 
ATOM   899  N  N   . HIS A 1 117 ? -9.394  3.589   7.643   1.00 21.67 ? 111 HIS A N   1 
ATOM   900  C  CA  . HIS A 1 117 ? -10.621 4.208   7.109   1.00 21.78 ? 111 HIS A CA  1 
ATOM   901  C  C   . HIS A 1 117 ? -11.205 3.429   5.947   1.00 20.08 ? 111 HIS A C   1 
ATOM   902  O  O   . HIS A 1 117 ? -10.535 3.244   4.935   1.00 19.99 ? 111 HIS A O   1 
ATOM   903  C  CB  . HIS A 1 117 ? -10.355 5.633   6.610   1.00 23.41 ? 111 HIS A CB  1 
ATOM   904  C  CG  . HIS A 1 117 ? -9.930  6.593   7.677   1.00 28.80 ? 111 HIS A CG  1 
ATOM   905  N  ND1 . HIS A 1 117 ? -10.708 6.871   8.783   1.00 31.17 ? 111 HIS A ND1 1 
ATOM   906  C  CD2 . HIS A 1 117 ? -8.818  7.355   7.795   1.00 27.82 ? 111 HIS A CD2 1 
ATOM   907  C  CE1 . HIS A 1 117 ? -10.091 7.764   9.536   1.00 31.25 ? 111 HIS A CE1 1 
ATOM   908  N  NE2 . HIS A 1 117 ? -8.943  8.073   8.959   1.00 30.72 ? 111 HIS A NE2 1 
ATOM   909  N  N   . LEU A 1 118 ? -12.451 2.991   6.096   1.00 19.54 ? 112 LEU A N   1 
ATOM   910  C  CA  . LEU A 1 118 ? -13.155 2.254   5.054   1.00 19.59 ? 112 LEU A CA  1 
ATOM   911  C  C   . LEU A 1 118 ? -12.479 0.949   4.607   1.00 19.57 ? 112 LEU A C   1 
ATOM   912  O  O   . LEU A 1 118 ? -12.847 0.391   3.576   1.00 17.75 ? 112 LEU A O   1 
ATOM   913  C  CB  . LEU A 1 118 ? -13.361 3.172   3.830   1.00 19.95 ? 112 LEU A CB  1 
ATOM   914  C  CG  . LEU A 1 118 ? -14.067 4.508   4.158   1.00 21.52 ? 112 LEU A CG  1 
ATOM   915  C  CD1 . LEU A 1 118 ? -14.153 5.409   2.908   1.00 19.71 ? 112 LEU A CD1 1 
ATOM   916  C  CD2 . LEU A 1 118 ? -15.460 4.214   4.729   1.00 18.83 ? 112 LEU A CD2 1 
ATOM   917  N  N   . LEU A 1 119 ? -11.491 0.477   5.356   1.00 18.43 ? 113 LEU A N   1 
ATOM   918  C  CA  . LEU A 1 119 ? -10.802 -0.771  5.004   1.00 18.45 ? 113 LEU A CA  1 
ATOM   919  C  C   . LEU A 1 119 ? -11.710 -1.928  5.412   1.00 19.65 ? 113 LEU A C   1 
ATOM   920  O  O   . LEU A 1 119 ? -11.898 -2.171  6.602   1.00 21.25 ? 113 LEU A O   1 
ATOM   921  C  CB  . LEU A 1 119 ? -9.468  -0.868  5.756   1.00 19.04 ? 113 LEU A CB  1 
ATOM   922  C  CG  . LEU A 1 119 ? -8.531  -2.010  5.343   1.00 17.68 ? 113 LEU A CG  1 
ATOM   923  C  CD1 . LEU A 1 119 ? -8.350  -2.000  3.801   1.00 16.98 ? 113 LEU A CD1 1 
ATOM   924  C  CD2 . LEU A 1 119 ? -7.182  -1.846  6.055   1.00 17.64 ? 113 LEU A CD2 1 
ATOM   925  N  N   . LYS A 1 120 ? -12.292 -2.618  4.432   1.00 19.33 ? 114 LYS A N   1 
ATOM   926  C  CA  . LYS A 1 120 ? -13.201 -3.743  4.677   1.00 21.51 ? 114 LYS A CA  1 
ATOM   927  C  C   . LYS A 1 120 ? -13.318 -4.585  3.405   1.00 21.19 ? 114 LYS A C   1 
ATOM   928  O  O   . LYS A 1 120 ? -13.848 -4.114  2.393   1.00 18.72 ? 114 LYS A O   1 
ATOM   929  C  CB  . LYS A 1 120 ? -14.603 -3.227  5.057   1.00 24.50 ? 114 LYS A CB  1 
ATOM   930  C  CG  . LYS A 1 120 ? -15.659 -4.301  5.302   1.00 27.43 ? 114 LYS A CG  1 
ATOM   931  C  CD  . LYS A 1 120 ? -17.059 -3.655  5.344   1.00 32.37 ? 114 LYS A CD  1 
ATOM   932  C  CE  . LYS A 1 120 ? -18.160 -4.598  5.861   1.00 35.95 ? 114 LYS A CE  1 
ATOM   933  N  NZ  . LYS A 1 120 ? -18.444 -5.761  4.950   1.00 39.17 ? 114 LYS A NZ  1 
ATOM   934  N  N   . PHE A 1 121 ? -12.818 -5.820  3.447   1.00 20.74 ? 115 PHE A N   1 
ATOM   935  C  CA  . PHE A 1 121 ? -12.882 -6.681  2.276   1.00 20.03 ? 115 PHE A CA  1 
ATOM   936  C  C   . PHE A 1 121 ? -14.327 -7.113  2.013   1.00 21.80 ? 115 PHE A C   1 
ATOM   937  O  O   . PHE A 1 121 ? -15.047 -7.513  2.937   1.00 20.50 ? 115 PHE A O   1 
ATOM   938  C  CB  . PHE A 1 121 ? -12.006 -7.932  2.465   1.00 21.43 ? 115 PHE A CB  1 
ATOM   939  C  CG  . PHE A 1 121 ? -10.536 -7.633  2.679   1.00 22.05 ? 115 PHE A CG  1 
ATOM   940  C  CD1 . PHE A 1 121 ? -9.908  -6.597  1.994   1.00 20.15 ? 115 PHE A CD1 1 
ATOM   941  C  CD2 . PHE A 1 121 ? -9.769  -8.429  3.522   1.00 20.50 ? 115 PHE A CD2 1 
ATOM   942  C  CE1 . PHE A 1 121 ? -8.544  -6.366  2.146   1.00 19.81 ? 115 PHE A CE1 1 
ATOM   943  C  CE2 . PHE A 1 121 ? -8.407  -8.199  3.673   1.00 18.44 ? 115 PHE A CE2 1 
ATOM   944  C  CZ  . PHE A 1 121 ? -7.797  -7.174  2.990   1.00 18.27 ? 115 PHE A CZ  1 
ATOM   945  N  N   . GLU A 1 122 ? -14.752 -7.016  0.759   1.00 21.98 ? 116 GLU A N   1 
ATOM   946  C  CA  . GLU A 1 122 ? -16.102 -7.421  0.389   1.00 24.63 ? 116 GLU A CA  1 
ATOM   947  C  C   . GLU A 1 122 ? -15.985 -8.379  -0.774  1.00 25.77 ? 116 GLU A C   1 
ATOM   948  O  O   . GLU A 1 122 ? -15.233 -8.110  -1.718  1.00 23.65 ? 116 GLU A O   1 
ATOM   949  C  CB  . GLU A 1 122 ? -16.952 -6.229  -0.065  1.00 27.12 ? 116 GLU A CB  1 
ATOM   950  C  CG  . GLU A 1 122 ? -17.082 -5.104  0.931   1.00 33.37 ? 116 GLU A CG  1 
ATOM   951  C  CD  . GLU A 1 122 ? -18.039 -4.021  0.448   1.00 38.16 ? 116 GLU A CD  1 
ATOM   952  O  OE1 . GLU A 1 122 ? -18.102 -3.781  -0.785  1.00 40.23 ? 116 GLU A OE1 1 
ATOM   953  O  OE2 . GLU A 1 122 ? -18.718 -3.402  1.299   1.00 39.39 ? 116 GLU A OE2 1 
ATOM   954  N  N   . ARG A 1 123 ? -16.743 -9.472  -0.705  1.00 25.31 ? 117 ARG A N   1 
ATOM   955  C  CA  . ARG A 1 123 ? -16.771 -10.495 -1.748  1.00 29.36 ? 117 ARG A CA  1 
ATOM   956  C  C   . ARG A 1 123 ? -18.010 -10.335 -2.620  1.00 31.85 ? 117 ARG A C   1 
ATOM   957  O  O   . ARG A 1 123 ? -19.118 -10.149 -2.105  1.00 30.15 ? 117 ARG A O   1 
ATOM   958  C  CB  . ARG A 1 123 ? -16.818 -11.895 -1.146  1.00 29.99 ? 117 ARG A CB  1 
ATOM   959  C  CG  . ARG A 1 123 ? -15.541 -12.417 -0.597  1.00 31.67 ? 117 ARG A CG  1 
ATOM   960  C  CD  . ARG A 1 123 ? -15.782 -13.852 -0.096  1.00 35.34 ? 117 ARG A CD  1 
ATOM   961  N  NE  . ARG A 1 123 ? -16.453 -14.669 -1.112  1.00 33.64 ? 117 ARG A NE  1 
ATOM   962  C  CZ  . ARG A 1 123 ? -17.091 -15.813 -0.866  1.00 35.36 ? 117 ARG A CZ  1 
ATOM   963  N  NH1 . ARG A 1 123 ? -17.153 -16.296 0.367   1.00 34.48 ? 117 ARG A NH1 1 
ATOM   964  N  NH2 . ARG A 1 123 ? -17.688 -16.471 -1.853  1.00 34.42 ? 117 ARG A NH2 1 
ATOM   965  N  N   . ASP A 1 124 ? -17.811 -10.438 -3.933  1.00 32.39 ? 118 ASP A N   1 
ATOM   966  C  CA  . ASP A 1 124 ? -18.880 -10.302 -4.915  1.00 36.06 ? 118 ASP A CA  1 
ATOM   967  C  C   . ASP A 1 124 ? -18.543 -11.294 -6.019  1.00 36.75 ? 118 ASP A C   1 
ATOM   968  O  O   . ASP A 1 124 ? -17.812 -10.969 -6.952  1.00 38.04 ? 118 ASP A O   1 
ATOM   969  C  CB  . ASP A 1 124 ? -18.890 -8.879  -5.480  1.00 37.91 ? 118 ASP A CB  1 
ATOM   970  C  CG  . ASP A 1 124 ? -20.059 -8.623  -6.412  1.00 42.48 ? 118 ASP A CG  1 
ATOM   971  O  OD1 . ASP A 1 124 ? -20.611 -9.600  -6.976  1.00 43.53 ? 118 ASP A OD1 1 
ATOM   972  O  OD2 . ASP A 1 124 ? -20.413 -7.436  -6.595  1.00 43.30 ? 118 ASP A OD2 1 
ATOM   973  N  N   . GLY A 1 125 ? -19.061 -12.509 -5.902  1.00 36.44 ? 119 GLY A N   1 
ATOM   974  C  CA  . GLY A 1 125 ? -18.762 -13.515 -6.894  1.00 35.80 ? 119 GLY A CA  1 
ATOM   975  C  C   . GLY A 1 125 ? -17.289 -13.877 -6.791  1.00 36.57 ? 119 GLY A C   1 
ATOM   976  O  O   . GLY A 1 125 ? -16.809 -14.281 -5.728  1.00 35.38 ? 119 GLY A O   1 
ATOM   977  N  N   . ASP A 1 126 ? -16.572 -13.723 -7.896  1.00 34.87 ? 120 ASP A N   1 
ATOM   978  C  CA  . ASP A 1 126 ? -15.146 -14.027 -7.935  1.00 35.56 ? 120 ASP A CA  1 
ATOM   979  C  C   . ASP A 1 126 ? -14.308 -12.839 -7.444  1.00 32.34 ? 120 ASP A C   1 
ATOM   980  O  O   . ASP A 1 126 ? -13.105 -12.969 -7.230  1.00 31.71 ? 120 ASP A O   1 
ATOM   981  C  CB  . ASP A 1 126 ? -14.717 -14.346 -9.375  1.00 38.27 ? 120 ASP A CB  1 
ATOM   982  C  CG  . ASP A 1 126 ? -15.326 -15.638 -9.907  1.00 42.09 ? 120 ASP A CG  1 
ATOM   983  O  OD1 . ASP A 1 126 ? -16.547 -15.859 -9.738  1.00 45.28 ? 120 ASP A OD1 1 
ATOM   984  O  OD2 . ASP A 1 126 ? -14.573 -16.430 -10.514 1.00 44.38 ? 120 ASP A OD2 1 
ATOM   985  N  N   . VAL A 1 127 ? -14.950 -11.691 -7.263  1.00 30.07 ? 121 VAL A N   1 
ATOM   986  C  CA  . VAL A 1 127 ? -14.244 -10.482 -6.868  1.00 27.92 ? 121 VAL A CA  1 
ATOM   987  C  C   . VAL A 1 127 ? -14.166 -10.146 -5.385  1.00 26.32 ? 121 VAL A C   1 
ATOM   988  O  O   . VAL A 1 127 ? -15.163 -10.157 -4.665  1.00 26.96 ? 121 VAL A O   1 
ATOM   989  C  CB  . VAL A 1 127 ? -14.826 -9.254  -7.612  1.00 29.45 ? 121 VAL A CB  1 
ATOM   990  C  CG1 . VAL A 1 127 ? -13.973 -8.009  -7.332  1.00 30.80 ? 121 VAL A CG1 1 
ATOM   991  C  CG2 . VAL A 1 127 ? -14.885 -9.537  -9.120  1.00 30.15 ? 121 VAL A CG2 1 
ATOM   992  N  N   . LEU A 1 128 ? -12.950 -9.853  -4.949  1.00 23.33 ? 122 LEU A N   1 
ATOM   993  C  CA  . LEU A 1 128 ? -12.684 -9.434  -3.590  1.00 21.72 ? 122 LEU A CA  1 
ATOM   994  C  C   . LEU A 1 128 ? -12.322 -7.959  -3.754  1.00 20.54 ? 122 LEU A C   1 
ATOM   995  O  O   . LEU A 1 128 ? -11.478 -7.621  -4.579  1.00 19.28 ? 122 LEU A O   1 
ATOM   996  C  CB  . LEU A 1 128 ? -11.496 -10.212 -3.018  1.00 21.87 ? 122 LEU A CB  1 
ATOM   997  C  CG  . LEU A 1 128 ? -11.281 -10.008 -1.520  1.00 24.34 ? 122 LEU A CG  1 
ATOM   998  C  CD1 . LEU A 1 128 ? -12.523 -10.509 -0.758  1.00 25.03 ? 122 LEU A CD1 1 
ATOM   999  C  CD2 . LEU A 1 128 ? -10.023 -10.776 -1.065  1.00 23.48 ? 122 LEU A CD2 1 
ATOM   1000 N  N   . LYS A 1 129 ? -12.952 -7.077  -2.992  1.00 18.52 ? 123 LYS A N   1 
ATOM   1001 C  CA  . LYS A 1 129 ? -12.660 -5.661  -3.124  1.00 20.15 ? 123 LYS A CA  1 
ATOM   1002 C  C   . LYS A 1 129 ? -12.756 -4.879  -1.820  1.00 19.51 ? 123 LYS A C   1 
ATOM   1003 O  O   . LYS A 1 129 ? -13.308 -5.357  -0.831  1.00 19.33 ? 123 LYS A O   1 
ATOM   1004 C  CB  . LYS A 1 129 ? -13.600 -5.019  -4.149  1.00 20.81 ? 123 LYS A CB  1 
ATOM   1005 C  CG  . LYS A 1 129 ? -15.069 -5.040  -3.746  1.00 25.81 ? 123 LYS A CG  1 
ATOM   1006 C  CD  . LYS A 1 129 ? -15.975 -4.457  -4.842  1.00 29.25 ? 123 LYS A CD  1 
ATOM   1007 C  CE  . LYS A 1 129 ? -17.450 -4.557  -4.436  1.00 32.71 ? 123 LYS A CE  1 
ATOM   1008 N  NZ  . LYS A 1 129 ? -18.388 -4.397  -5.592  1.00 35.05 ? 123 LYS A NZ  1 
ATOM   1009 N  N   . THR A 1 130 ? -12.183 -3.682  -1.833  1.00 18.83 ? 124 THR A N   1 
ATOM   1010 C  CA  . THR A 1 130 ? -12.237 -2.781  -0.686  1.00 17.96 ? 124 THR A CA  1 
ATOM   1011 C  C   . THR A 1 130 ? -11.728 -1.416  -1.066  1.00 18.04 ? 124 THR A C   1 
ATOM   1012 O  O   . THR A 1 130 ? -11.027 -1.255  -2.068  1.00 16.26 ? 124 THR A O   1 
ATOM   1013 C  CB  . THR A 1 130 ? -11.371 -3.262  0.506   1.00 17.55 ? 124 THR A CB  1 
ATOM   1014 O  OG1 . THR A 1 130 ? -11.559 -2.373  1.612   1.00 17.88 ? 124 THR A OG1 1 
ATOM   1015 C  CG2 . THR A 1 130 ? -9.878  -3.261  0.146   1.00 16.38 ? 124 THR A CG2 1 
ATOM   1016 N  N   . LYS A 1 131 ? -12.120 -0.421  -0.281  1.00 16.71 ? 125 LYS A N   1 
ATOM   1017 C  CA  . LYS A 1 131 ? -11.588 0.903   -0.480  1.00 18.22 ? 125 LYS A CA  1 
ATOM   1018 C  C   . LYS A 1 131 ? -10.295 0.877   0.349   1.00 16.89 ? 125 LYS A C   1 
ATOM   1019 O  O   . LYS A 1 131 ? -10.165 0.078   1.275   1.00 17.58 ? 125 LYS A O   1 
ATOM   1020 C  CB  . LYS A 1 131 ? -12.544 1.970   0.082   1.00 21.87 ? 125 LYS A CB  1 
ATOM   1021 C  CG  . LYS A 1 131 ? -13.261 2.808   -0.995  1.00 27.86 ? 125 LYS A CG  1 
ATOM   1022 C  CD  . LYS A 1 131 ? -14.258 3.776   -0.375  1.00 31.99 ? 125 LYS A CD  1 
ATOM   1023 C  CE  . LYS A 1 131 ? -14.836 4.723   -1.408  1.00 32.14 ? 125 LYS A CE  1 
ATOM   1024 N  NZ  . LYS A 1 131 ? -15.296 3.979   -2.612  1.00 34.60 ? 125 LYS A NZ  1 
ATOM   1025 N  N   . VAL A 1 132 ? -9.331  1.715   -0.015  1.00 14.92 ? 126 VAL A N   1 
ATOM   1026 C  CA  . VAL A 1 132 ? -8.103  1.858   0.746   1.00 15.27 ? 126 VAL A CA  1 
ATOM   1027 C  C   . VAL A 1 132 ? -7.912  3.360   0.820   1.00 16.45 ? 126 VAL A C   1 
ATOM   1028 O  O   . VAL A 1 132 ? -7.946  4.070   -0.211  1.00 14.84 ? 126 VAL A O   1 
ATOM   1029 C  CB  . VAL A 1 132 ? -6.855  1.198   0.084   1.00 14.34 ? 126 VAL A CB  1 
ATOM   1030 C  CG1 . VAL A 1 132 ? -6.908  -0.325  0.305   1.00 14.64 ? 126 VAL A CG1 1 
ATOM   1031 C  CG2 . VAL A 1 132 ? -6.785  1.532   -1.408  1.00 14.72 ? 126 VAL A CG2 1 
ATOM   1032 N  N   . VAL A 1 133 ? -7.729  3.842   2.040   1.00 14.58 ? 127 VAL A N   1 
ATOM   1033 C  CA  . VAL A 1 133 ? -7.566  5.274   2.270   1.00 14.61 ? 127 VAL A CA  1 
ATOM   1034 C  C   . VAL A 1 133 ? -6.210  5.548   2.886   1.00 15.29 ? 127 VAL A C   1 
ATOM   1035 O  O   . VAL A 1 133 ? -5.846  4.961   3.926   1.00 15.03 ? 127 VAL A O   1 
ATOM   1036 C  CB  . VAL A 1 133 ? -8.690  5.794   3.194   1.00 13.71 ? 127 VAL A CB  1 
ATOM   1037 C  CG1 . VAL A 1 133 ? -8.431  7.268   3.590   1.00 14.47 ? 127 VAL A CG1 1 
ATOM   1038 C  CG2 . VAL A 1 133 ? -10.032 5.651   2.484   1.00 13.01 ? 127 VAL A CG2 1 
ATOM   1039 N  N   . PHE A 1 134 ? -5.462  6.425   2.229   1.00 15.12 ? 128 PHE A N   1 
ATOM   1040 C  CA  . PHE A 1 134 ? -4.133  6.777   2.674   1.00 15.83 ? 128 PHE A CA  1 
ATOM   1041 C  C   . PHE A 1 134 ? -4.039  8.193   3.216   1.00 18.95 ? 128 PHE A C   1 
ATOM   1042 O  O   . PHE A 1 134 ? -4.804  9.095   2.841   1.00 17.09 ? 128 PHE A O   1 
ATOM   1043 C  CB  . PHE A 1 134 ? -3.121  6.640   1.531   1.00 16.41 ? 128 PHE A CB  1 
ATOM   1044 C  CG  . PHE A 1 134 ? -3.049  5.265   0.950   1.00 17.20 ? 128 PHE A CG  1 
ATOM   1045 C  CD1 . PHE A 1 134 ? -3.965  4.862   -0.024  1.00 17.10 ? 128 PHE A CD1 1 
ATOM   1046 C  CD2 . PHE A 1 134 ? -2.061  4.377   1.368   1.00 18.24 ? 128 PHE A CD2 1 
ATOM   1047 C  CE1 . PHE A 1 134 ? -3.892  3.587   -0.580  1.00 18.98 ? 128 PHE A CE1 1 
ATOM   1048 C  CE2 . PHE A 1 134 ? -1.971  3.095   0.818   1.00 19.16 ? 128 PHE A CE2 1 
ATOM   1049 C  CZ  . PHE A 1 134 ? -2.887  2.701   -0.158  1.00 18.20 ? 128 PHE A CZ  1 
ATOM   1050 N  N   . ASP A 1 135 ? -3.060  8.356   4.094   1.00 20.09 ? 129 ASP A N   1 
ATOM   1051 C  CA  . ASP A 1 135 ? -2.752  9.612   4.742   1.00 20.44 ? 129 ASP A CA  1 
ATOM   1052 C  C   . ASP A 1 135 ? -1.528  10.193  4.015   1.00 21.85 ? 129 ASP A C   1 
ATOM   1053 O  O   . ASP A 1 135 ? -0.569  9.475   3.747   1.00 20.12 ? 129 ASP A O   1 
ATOM   1054 C  CB  . ASP A 1 135 ? -2.457  9.329   6.225   1.00 21.24 ? 129 ASP A CB  1 
ATOM   1055 C  CG  . ASP A 1 135 ? -2.085  10.577  6.997   1.00 25.68 ? 129 ASP A CG  1 
ATOM   1056 O  OD1 . ASP A 1 135 ? -2.568  11.646  6.616   1.00 23.81 ? 129 ASP A OD1 1 
ATOM   1057 O  OD2 . ASP A 1 135 ? -1.328  10.490  7.978   1.00 26.20 ? 129 ASP A OD2 1 
ATOM   1058 N  N   . THR A 1 136 ? -1.584  11.474  3.647   1.00 22.19 ? 130 THR A N   1 
ATOM   1059 C  CA  . THR A 1 136 ? -0.453  12.122  2.986   1.00 22.07 ? 130 THR A CA  1 
ATOM   1060 C  C   . THR A 1 136 ? -0.055  13.372  3.774   1.00 22.64 ? 130 THR A C   1 
ATOM   1061 O  O   . THR A 1 136 ? 0.927   14.034  3.393   1.00 24.29 ? 130 THR A O   1 
ATOM   1062 C  CB  . THR A 1 136 ? -0.767  12.543  1.522   1.00 21.06 ? 130 THR A CB  1 
ATOM   1063 O  OG1 . THR A 1 136 ? -1.848  13.481  1.511   1.00 21.76 ? 130 THR A OG1 1 
ATOM   1064 C  CG2 . THR A 1 136 ? -1.163  11.329  0.674   1.00 20.75 ? 130 THR A CG2 1 
ATOM   1065 O  OXT . THR A 1 136 ? -0.716  13.659  4.777   1.00 22.60 ? 130 THR A OXT 1 
HETATM 1066 CA CA  . CA  B 2 .   ? -2.718  14.017  6.257   1.00 26.20 ? 301 CA  A CA  1 
HETATM 1067 O  O   . HOH C 3 .   ? 11.825  -18.863 0.186   1.00 12.18 ? 302 HOH A O   1 
HETATM 1068 O  O   . HOH C 3 .   ? 0.105   -10.029 4.196   1.00 15.91 ? 303 HOH A O   1 
HETATM 1069 O  O   . HOH C 3 .   ? 3.850   -9.538  -8.246  1.00 21.82 ? 304 HOH A O   1 
HETATM 1070 O  O   . HOH C 3 .   ? -4.259  -14.636 -1.700  1.00 18.83 ? 305 HOH A O   1 
HETATM 1071 O  O   . HOH C 3 .   ? -8.193  2.231   4.193   1.00 13.66 ? 306 HOH A O   1 
HETATM 1072 O  O   . HOH C 3 .   ? -9.547  25.368  5.856   1.00 17.60 ? 307 HOH A O   1 
HETATM 1073 O  O   . HOH C 3 .   ? -4.185  16.093  5.211   1.00 31.84 ? 308 HOH A O   1 
HETATM 1074 O  O   . HOH C 3 .   ? -7.899  23.015  11.525  1.00 21.74 ? 309 HOH A O   1 
HETATM 1075 O  O   . HOH C 3 .   ? -0.219  -5.338  -11.658 1.00 17.90 ? 310 HOH A O   1 
HETATM 1076 O  O   . HOH C 3 .   ? 2.124   -15.902 -6.152  1.00 22.71 ? 311 HOH A O   1 
HETATM 1077 O  O   . HOH C 3 .   ? 14.461  -15.576 -3.535  1.00 24.02 ? 312 HOH A O   1 
HETATM 1078 O  O   . HOH C 3 .   ? 11.262  -11.362 6.248   1.00 21.08 ? 313 HOH A O   1 
HETATM 1079 O  O   . HOH C 3 .   ? 3.478   -2.798  9.735   1.00 21.05 ? 314 HOH A O   1 
HETATM 1080 O  O   . HOH C 3 .   ? 8.828   -12.184 -4.707  1.00 18.89 ? 315 HOH A O   1 
HETATM 1081 O  O   . HOH C 3 .   ? -7.976  -14.473 -1.147  1.00 23.01 ? 316 HOH A O   1 
HETATM 1082 O  O   . HOH C 3 .   ? 4.945   2.602   8.035   1.00 24.71 ? 317 HOH A O   1 
HETATM 1083 O  O   . HOH C 3 .   ? -2.420  4.217   9.732   1.00 22.10 ? 318 HOH A O   1 
HETATM 1084 O  O   . HOH C 3 .   ? 20.623  -7.319  -3.791  1.00 23.69 ? 319 HOH A O   1 
HETATM 1085 O  O   . HOH C 3 .   ? -11.241 -1.415  -8.216  1.00 25.95 ? 320 HOH A O   1 
HETATM 1086 O  O   . HOH C 3 .   ? 5.335   7.095   7.005   1.00 29.34 ? 321 HOH A O   1 
HETATM 1087 O  O   . HOH C 3 .   ? -14.660 -1.553  1.359   1.00 29.54 ? 322 HOH A O   1 
HETATM 1088 O  O   . HOH C 3 .   ? -3.592  -2.378  -11.946 1.00 21.81 ? 323 HOH A O   1 
HETATM 1089 O  O   . HOH C 3 .   ? 1.846   -11.384 -7.414  1.00 31.83 ? 324 HOH A O   1 
HETATM 1090 O  O   . HOH C 3 .   ? 5.447   5.920   1.336   1.00 27.85 ? 325 HOH A O   1 
HETATM 1091 O  O   . HOH C 3 .   ? -2.962  32.920  13.730  1.00 28.16 ? 326 HOH A O   1 
HETATM 1092 O  O   . HOH C 3 .   ? 2.953   4.271   7.856   1.00 38.35 ? 327 HOH A O   1 
HETATM 1093 O  O   . HOH C 3 .   ? 18.581  -5.898  4.523   1.00 27.52 ? 328 HOH A O   1 
HETATM 1094 O  O   . HOH C 3 .   ? 8.943   -8.776  6.914   1.00 35.47 ? 329 HOH A O   1 
HETATM 1095 O  O   . HOH C 3 .   ? -14.082 3.366   8.416   1.00 28.35 ? 330 HOH A O   1 
HETATM 1096 O  O   . HOH C 3 .   ? 6.832   -7.523  8.888   1.00 38.49 ? 331 HOH A O   1 
HETATM 1097 O  O   . HOH C 3 .   ? -10.742 31.567  2.905   1.00 26.22 ? 332 HOH A O   1 
HETATM 1098 O  O   . HOH C 3 .   ? 5.969   -1.966  9.868   1.00 27.85 ? 333 HOH A O   1 
HETATM 1099 O  O   . HOH C 3 .   ? 2.156   -8.342  7.717   1.00 31.34 ? 334 HOH A O   1 
HETATM 1100 O  O   . HOH C 3 .   ? -2.503  -16.147 -3.401  1.00 36.23 ? 335 HOH A O   1 
HETATM 1101 O  O   . HOH C 3 .   ? 7.529   5.999   3.133   1.00 26.36 ? 336 HOH A O   1 
HETATM 1102 O  O   . HOH C 3 .   ? -6.762  20.196  12.001  1.00 30.29 ? 337 HOH A O   1 
HETATM 1103 O  O   . HOH C 3 .   ? 23.106  -5.674  -3.379  1.00 44.59 ? 338 HOH A O   1 
HETATM 1104 O  O   . HOH C 3 .   ? 8.838   -16.574 7.835   1.00 31.70 ? 339 HOH A O   1 
HETATM 1105 O  O   . HOH C 3 .   ? 0.573   -8.868  10.274  1.00 31.61 ? 340 HOH A O   1 
HETATM 1106 O  O   . HOH C 3 .   ? -2.786  7.166   9.696   1.00 34.02 ? 341 HOH A O   1 
HETATM 1107 O  O   . HOH C 3 .   ? -3.035  -4.355  12.460  1.00 33.57 ? 342 HOH A O   1 
HETATM 1108 O  O   . HOH C 3 .   ? -15.587 -1.695  -1.355  1.00 31.12 ? 343 HOH A O   1 
HETATM 1109 O  O   . HOH C 3 .   ? 10.085  -3.640  8.858   1.00 33.39 ? 344 HOH A O   1 
HETATM 1110 O  O   . HOH C 3 .   ? -13.391 43.801  14.605  1.00 34.36 ? 345 HOH A O   1 
HETATM 1111 O  O   . HOH C 3 .   ? -15.171 0.331   -7.649  1.00 39.09 ? 346 HOH A O   1 
HETATM 1112 O  O   . HOH C 3 .   ? 7.064   4.795   7.591   1.00 34.02 ? 347 HOH A O   1 
HETATM 1113 O  O   . HOH C 3 .   ? -5.927  7.163   10.747  1.00 39.24 ? 348 HOH A O   1 
HETATM 1114 O  O   . HOH C 3 .   ? 10.689  1.870   -12.539 1.00 40.41 ? 349 HOH A O   1 
HETATM 1115 O  O   . HOH C 3 .   ? -1.127  -11.814 11.676  1.00 32.57 ? 350 HOH A O   1 
HETATM 1116 O  O   . HOH C 3 .   ? 6.575   -12.722 8.378   1.00 32.94 ? 351 HOH A O   1 
HETATM 1117 O  O   . HOH C 3 .   ? -11.251 -6.889  -10.496 1.00 40.40 ? 352 HOH A O   1 
HETATM 1118 O  O   . HOH C 3 .   ? -13.980 -1.686  -8.227  1.00 30.46 ? 353 HOH A O   1 
HETATM 1119 O  O   . HOH C 3 .   ? -11.768 42.246  11.953  1.00 36.68 ? 354 HOH A O   1 
HETATM 1120 O  O   . HOH C 3 .   ? 3.146   7.909   -11.456 1.00 33.15 ? 355 HOH A O   1 
HETATM 1121 O  O   . HOH C 3 .   ? 13.116  5.146   7.917   1.00 45.91 ? 356 HOH A O   1 
HETATM 1122 O  O   . HOH C 3 .   ? 6.894   10.553  -3.996  1.00 34.15 ? 357 HOH A O   1 
HETATM 1123 O  O   . HOH C 3 .   ? -1.435  13.175  9.107   1.00 41.31 ? 358 HOH A O   1 
HETATM 1124 O  O   . HOH C 3 .   ? 17.092  -1.407  4.689   1.00 37.64 ? 359 HOH A O   1 
HETATM 1125 O  O   . HOH C 3 .   ? 18.409  -3.114  3.548   1.00 44.17 ? 360 HOH A O   1 
HETATM 1126 O  O   . HOH C 3 .   ? 4.564   -6.457  8.741   1.00 36.60 ? 361 HOH A O   1 
HETATM 1127 O  O   . HOH C 3 .   ? 5.305   -13.495 -8.435  1.00 38.70 ? 362 HOH A O   1 
HETATM 1128 O  O   . HOH C 3 .   ? -6.910  15.695  2.084   1.00 31.98 ? 363 HOH A O   1 
HETATM 1129 O  O   . HOH C 3 .   ? 6.789   7.761   4.734   1.00 38.00 ? 364 HOH A O   1 
HETATM 1130 O  O   . HOH C 3 .   ? -0.863  8.723   9.725   1.00 38.61 ? 365 HOH A O   1 
HETATM 1131 O  O   . HOH C 3 .   ? -2.811  12.286  -5.919  1.00 49.62 ? 366 HOH A O   1 
HETATM 1132 O  O   . HOH C 3 .   ? -8.336  12.817  -2.564  1.00 40.31 ? 367 HOH A O   1 
HETATM 1133 O  O   . HOH C 3 .   ? -13.979 -8.305  6.014   1.00 36.85 ? 368 HOH A O   1 
HETATM 1134 O  O   . HOH C 3 .   ? -15.238 0.518   2.343   1.00 41.23 ? 369 HOH A O   1 
HETATM 1135 O  O   . HOH C 3 .   ? 11.363  -5.867  9.139   1.00 31.26 ? 370 HOH A O   1 
HETATM 1136 O  O   . HOH C 3 .   ? 20.142  -7.489  -6.533  1.00 37.23 ? 371 HOH A O   1 
HETATM 1137 O  O   . HOH C 3 .   ? 1.510   11.211  -8.155  1.00 32.52 ? 372 HOH A O   1 
HETATM 1138 O  O   . HOH C 3 .   ? 5.543   1.079   10.283  1.00 34.40 ? 373 HOH A O   1 
HETATM 1139 O  O   . HOH C 3 .   ? 11.590  -18.276 -4.137  1.00 37.33 ? 374 HOH A O   1 
HETATM 1140 O  O   . HOH C 3 .   ? 15.869  -11.220 -5.532  1.00 35.41 ? 375 HOH A O   1 
HETATM 1141 O  O   . HOH C 3 .   ? 5.338   -20.453 4.032   1.00 39.35 ? 376 HOH A O   1 
HETATM 1142 O  O   . HOH C 3 .   ? 13.818  -8.129  8.236   1.00 49.38 ? 377 HOH A O   1 
HETATM 1143 O  O   . HOH C 3 .   ? -2.903  15.305  8.730   1.00 37.84 ? 378 HOH A O   1 
HETATM 1144 O  O   . HOH C 3 .   ? 9.417   8.116   1.846   1.00 36.90 ? 379 HOH A O   1 
HETATM 1145 O  O   . HOH C 3 .   ? -4.291  14.511  10.659  1.00 44.99 ? 380 HOH A O   1 
HETATM 1146 O  O   . HOH C 3 .   ? 2.994   13.581  2.113   1.00 32.11 ? 381 HOH A O   1 
HETATM 1147 O  O   . HOH C 3 .   ? 11.409  -1.861  7.579   1.00 38.13 ? 382 HOH A O   1 
HETATM 1148 O  O   . HOH C 3 .   ? -8.845  -7.714  10.287  1.00 35.89 ? 383 HOH A O   1 
HETATM 1149 O  O   . HOH C 3 .   ? 18.955  -9.024  -8.672  1.00 45.25 ? 384 HOH A O   1 
HETATM 1150 O  O   . HOH C 3 .   ? 2.178   0.906   -10.300 1.00 42.03 ? 385 HOH A O   1 
HETATM 1151 O  O   . HOH C 3 .   ? -15.741 -16.181 2.326   1.00 43.71 ? 386 HOH A O   1 
HETATM 1152 O  O   . HOH C 3 .   ? -21.646 -8.904  -1.439  1.00 42.61 ? 387 HOH A O   1 
HETATM 1153 O  O   . HOH C 3 .   ? 11.329  -13.534 7.587   1.00 35.96 ? 388 HOH A O   1 
HETATM 1154 O  O   . HOH C 3 .   ? -11.356 -0.773  8.882   1.00 32.66 ? 389 HOH A O   1 
HETATM 1155 O  O   . HOH C 3 .   ? -2.881  -18.822 4.032   1.00 47.07 ? 390 HOH A O   1 
HETATM 1156 O  O   . HOH C 3 .   ? 5.238   -14.654 7.923   1.00 37.30 ? 391 HOH A O   1 
HETATM 1157 O  O   . HOH C 3 .   ? 11.695  7.083   -0.478  1.00 47.09 ? 392 HOH A O   1 
HETATM 1158 O  O   . HOH C 3 .   ? -3.814  -14.636 -6.461  1.00 38.08 ? 393 HOH A O   1 
HETATM 1159 O  O   . HOH C 3 .   ? -18.336 -11.208 -9.880  1.00 44.25 ? 394 HOH A O   1 
HETATM 1160 O  O   . HOH C 3 .   ? -2.818  -18.892 -4.468  1.00 45.69 ? 395 HOH A O   1 
HETATM 1161 O  O   . HOH C 3 .   ? -4.723  23.550  11.415  1.00 44.20 ? 396 HOH A O   1 
HETATM 1162 O  O   . HOH C 3 .   ? 24.028  -6.058  -5.929  1.00 39.71 ? 397 HOH A O   1 
HETATM 1163 O  O   . HOH C 3 .   ? 10.046  -14.226 -6.070  1.00 36.36 ? 398 HOH A O   1 
HETATM 1164 O  O   . HOH C 3 .   ? -16.447 2.297   1.049   1.00 36.83 ? 399 HOH A O   1 
HETATM 1165 O  O   . HOH C 3 .   ? 22.559  -6.393  -8.491  1.00 53.42 ? 400 HOH A O   1 
HETATM 1166 O  O   . HOH C 3 .   ? 17.013  4.733   -3.112  1.00 40.37 ? 401 HOH A O   1 
HETATM 1167 O  O   . HOH C 3 .   ? -12.659 -3.940  8.437   1.00 39.98 ? 402 HOH A O   1 
HETATM 1168 O  O   . HOH C 3 .   ? -1.729  16.086  2.568   1.00 41.82 ? 403 HOH A O   1 
HETATM 1169 O  O   . HOH C 3 .   ? 20.448  -0.783  -7.581  1.00 35.44 ? 404 HOH A O   1 
HETATM 1170 O  O   . HOH C 3 .   ? 1.303   -1.579  11.113  1.00 44.61 ? 405 HOH A O   1 
HETATM 1171 O  O   . HOH C 3 .   ? -2.692  14.258  -1.170  1.00 43.37 ? 406 HOH A O   1 
HETATM 1172 O  O   . HOH C 3 .   ? -18.291 -14.826 -3.578  1.00 47.24 ? 407 HOH A O   1 
HETATM 1173 O  O   . HOH C 3 .   ? -1.110  16.386  5.969   1.00 45.68 ? 408 HOH A O   1 
HETATM 1174 O  O   . HOH C 3 .   ? 6.903   9.972   3.474   1.00 48.61 ? 409 HOH A O   1 
HETATM 1175 O  O   . HOH C 3 .   ? -9.119  -17.028 -5.217  1.00 51.95 ? 410 HOH A O   1 
HETATM 1176 O  O   . HOH C 3 .   ? -18.956 -14.925 -10.116 1.00 48.39 ? 411 HOH A O   1 
HETATM 1177 O  O   . HOH C 3 .   ? -6.339  -16.547 5.358   1.00 41.79 ? 412 HOH A O   1 
HETATM 1178 O  O   . HOH C 3 .   ? 7.046   9.115   0.349   1.00 51.71 ? 413 HOH A O   1 
HETATM 1179 O  O   . HOH C 3 .   ? -18.075 44.769  15.440  1.00 47.38 ? 414 HOH A O   1 
HETATM 1180 O  O   . HOH C 3 .   ? 14.611  -11.407 -9.019  1.00 45.63 ? 415 HOH A O   1 
HETATM 1181 O  O   . HOH C 3 .   ? 12.930  1.439   11.133  1.00 46.43 ? 416 HOH A O   1 
HETATM 1182 O  O   . HOH C 3 .   ? 10.189  -20.417 -4.071  1.00 50.19 ? 417 HOH A O   1 
HETATM 1183 O  O   . HOH C 3 .   ? 14.026  11.549  -5.671  1.00 37.49 ? 418 HOH A O   1 
HETATM 1184 O  O   . HOH C 3 .   ? 13.173  -14.705 -6.064  1.00 49.58 ? 419 HOH A O   1 
# 
